data_5CJU
#
_entry.id   5CJU
#
_cell.length_a   316.760
_cell.length_b   316.760
_cell.length_c   342.670
_cell.angle_alpha   90.00
_cell.angle_beta   90.00
_cell.angle_gamma   120.00
#
_symmetry.space_group_name_H-M   'H 3 2'
#
loop_
_entity.id
_entity.type
_entity.pdbx_description
1 polymer 'Isobutyryl-CoA mutase fused'
2 non-polymer COBALAMIN
3 non-polymer "5'-DEOXYADENOSINE"
4 non-polymer 'Butyryl Coenzyme A'
5 non-polymer "GUANOSINE-5'-DIPHOSPHATE"
6 non-polymer 'MAGNESIUM ION'
#
_entity_poly.entity_id   1
_entity_poly.type   'polypeptide(L)'
_entity_poly.pdbx_seq_one_letter_code
;MGSSHHHHHHSSGLVPRGSHMTDLSDVSRTAAAKPPAVPGRGPANKVRFVTAASLFDGHDASINIMRRILQSQGCEVIHL
GHNRSVQEVVTAALQEDVQGIAISSYQGGHVEYFKYMIDLLREHGGEHIQVFGGGGGVIVPDEIRELQAYGVARIYSPED
GQRMGLAGMITDMAQRCDIDLTRYAPTTLDTVVAGDRRALAQLITALENGKADPELVSALHAQAKAAAVPVLGITGTGGA
GKSSLTDELIRRFRLDQDDALSIAVISIDPSRRKSGGALLGDRIRMNAINHPNIFMRSLATREAGSEISQALPDVIAACK
AARFDLVIVETSGIGQGDAAIVPHVDLSLYVMTPEFGAASQLEKIDMLDFADFVAINKFDRKGAQDAWRDVAKQVQRNRE
QWHSRAEDMPVYGTQASRFNDDGVTMLYQGLVGALGARGMSLKPGTLPNLEGRISTGQNVIVPPARSRYLAELADTVRAY
HRRVVAQSKLARERQQLRAAHDMLQGAGHESAALETLASERDVSLGAVERKLLAMWPQMQQAYSGDEYVVKIRDKEIRTG
LISTTLSGTKIRKVVLPRFEDEGEILKWLMRENVPGSFPYTAGVFAFKREGEDPTRMFAGEGDAFRTNRRFKLVSEGMEA
KRLSTAFDSVTLYGEDPHERPDIYGKVGNSGVSIATLEDMKVLYDGFDLTNPSTSVSMTINGPAPTILAMFMNTAIDQQI
DRFRADNGRDPTADEEAKIRAWVLQNVRGTVQADILKEDQGQNTCIFSTEFSLKVMGDIQEYFVHHQVRNFYSVSISGYH
IAEAGANPISQLAFTLANGFTYVEAYLARGMHIDDFAPNLSFFFSNGMDPEYSVLGRVARRIWAVTMRDKYGANDRSQKL
KYHIQTSGRSLHAQEIDFNDIRTTLQALIAIYDNCNSLHTNAYDEAITTPTAESVRRALAIQLIINREWGVAKCENPNQG
SFLIEELTDLVEEAVLQEFERIAERGGVLGAMETGYQRGKIQEESLYYEQLKHDGTLPIIGVNTFRNPNGDPTPQTLELA
RSSEDEKQSQLHRLTEFHGAHQADAEAMLARLRQAVIDNRNVFAVLMDAVRVCSLGQITHALFEVGGQYRRNM
;
_entity_poly.pdbx_strand_id   A,B
#
# COMPACT_ATOMS: atom_id res chain seq x y z
N ARG A 41 41.82 9.58 25.04
CA ARG A 41 42.83 10.22 24.19
C ARG A 41 42.45 10.13 22.72
N GLY A 42 42.82 11.16 21.95
CA GLY A 42 42.55 11.18 20.53
C GLY A 42 43.62 10.43 19.75
N PRO A 43 43.99 10.94 18.56
CA PRO A 43 45.03 10.33 17.74
C PRO A 43 46.42 10.55 18.34
N ALA A 44 47.43 9.87 17.79
CA ALA A 44 48.80 9.99 18.28
C ALA A 44 49.45 11.29 17.82
N ASN A 45 49.23 11.64 16.55
CA ASN A 45 49.78 12.87 15.99
C ASN A 45 48.70 13.95 15.87
N LYS A 46 49.12 15.15 15.47
CA LYS A 46 48.17 16.20 15.14
C LYS A 46 47.55 15.91 13.79
N VAL A 47 46.41 15.22 13.79
CA VAL A 47 45.78 14.78 12.55
C VAL A 47 44.84 15.83 11.96
N ARG A 48 45.11 16.22 10.72
CA ARG A 48 44.34 17.26 10.04
C ARG A 48 43.62 16.72 8.79
N PHE A 49 42.41 17.20 8.56
CA PHE A 49 41.62 16.78 7.41
C PHE A 49 41.13 17.96 6.58
N VAL A 50 40.94 17.73 5.29
CA VAL A 50 40.26 18.70 4.43
C VAL A 50 39.00 18.08 3.89
N THR A 51 37.85 18.61 4.29
CA THR A 51 36.56 18.05 3.90
C THR A 51 35.81 19.00 2.98
N ALA A 52 35.16 18.43 1.96
CA ALA A 52 34.40 19.21 0.99
C ALA A 52 33.45 18.33 0.19
N ALA A 53 32.53 18.97 -0.52
CA ALA A 53 31.68 18.26 -1.48
C ALA A 53 32.19 18.53 -2.88
N SER A 54 31.99 17.56 -3.78
CA SER A 54 32.55 17.63 -5.13
C SER A 54 32.04 18.85 -5.92
N LEU A 55 32.64 19.09 -7.07
CA LEU A 55 32.29 20.24 -7.91
C LEU A 55 30.83 20.17 -8.34
N PHE A 56 30.14 21.31 -8.23
CA PHE A 56 28.72 21.41 -8.58
C PHE A 56 27.86 20.44 -7.76
N ASP A 57 28.32 20.09 -6.57
CA ASP A 57 27.56 19.22 -5.68
C ASP A 57 27.08 19.99 -4.47
N GLY A 58 25.78 19.93 -4.21
CA GLY A 58 25.21 20.60 -3.06
C GLY A 58 25.03 19.65 -1.89
N HIS A 59 25.25 18.36 -2.14
CA HIS A 59 25.05 17.35 -1.10
C HIS A 59 26.07 17.48 0.01
N ASP A 60 25.69 18.20 1.07
CA ASP A 60 26.58 18.42 2.20
C ASP A 60 26.10 17.70 3.45
N ALA A 61 24.88 17.16 3.38
CA ALA A 61 24.28 16.44 4.51
C ALA A 61 25.17 15.28 4.94
N SER A 62 25.74 14.59 3.95
CA SER A 62 26.62 13.48 4.23
C SER A 62 27.94 13.96 4.84
N ILE A 63 28.62 14.86 4.14
CA ILE A 63 29.95 15.31 4.54
C ILE A 63 29.94 16.10 5.85
N ASN A 64 28.81 16.72 6.18
CA ASN A 64 28.72 17.52 7.40
C ASN A 64 28.70 16.67 8.66
N ILE A 65 28.06 15.50 8.59
CA ILE A 65 27.98 14.63 9.76
C ILE A 65 29.27 13.82 9.91
N MET A 66 30.16 13.93 8.93
CA MET A 66 31.44 13.25 8.98
C MET A 66 32.50 14.13 9.63
N ARG A 67 32.47 15.42 9.32
CA ARG A 67 33.40 16.36 9.91
C ARG A 67 33.06 16.61 11.37
N ARG A 68 31.86 16.21 11.76
CA ARG A 68 31.42 16.30 13.15
C ARG A 68 31.99 15.16 13.98
N ILE A 69 31.99 13.95 13.41
CA ILE A 69 32.57 12.79 14.08
C ILE A 69 34.09 12.91 14.08
N LEU A 70 34.65 13.40 12.97
CA LEU A 70 36.09 13.64 12.86
C LEU A 70 36.56 14.58 13.96
N GLN A 71 35.84 15.69 14.11
CA GLN A 71 36.20 16.71 15.09
C GLN A 71 36.09 16.18 16.52
N SER A 72 35.08 15.35 16.76
CA SER A 72 34.84 14.82 18.10
C SER A 72 35.88 13.77 18.48
N GLN A 73 36.42 13.09 17.48
CA GLN A 73 37.44 12.08 17.73
C GLN A 73 38.82 12.71 17.92
N GLY A 74 38.92 14.01 17.64
CA GLY A 74 40.14 14.75 17.90
C GLY A 74 40.93 15.11 16.66
N CYS A 75 40.23 15.48 15.60
CA CYS A 75 40.90 15.87 14.35
C CYS A 75 40.61 17.33 14.02
N GLU A 76 41.66 18.07 13.65
CA GLU A 76 41.49 19.41 13.14
C GLU A 76 40.94 19.32 11.73
N VAL A 77 39.75 19.87 11.52
CA VAL A 77 39.10 19.75 10.22
C VAL A 77 39.00 21.10 9.52
N ILE A 78 39.67 21.21 8.38
CA ILE A 78 39.53 22.40 7.54
C ILE A 78 38.40 22.16 6.53
N HIS A 79 37.19 22.56 6.91
CA HIS A 79 36.02 22.33 6.09
C HIS A 79 35.91 23.37 4.98
N LEU A 80 35.75 22.90 3.75
CA LEU A 80 35.69 23.80 2.59
C LEU A 80 34.25 24.03 2.12
N GLY A 81 33.32 23.23 2.64
CA GLY A 81 31.93 23.36 2.25
C GLY A 81 31.62 22.67 0.94
N HIS A 82 30.46 22.98 0.38
CA HIS A 82 30.00 22.35 -0.86
C HIS A 82 30.60 23.00 -2.09
N ASN A 83 30.40 22.35 -3.25
CA ASN A 83 30.83 22.88 -4.54
C ASN A 83 32.31 23.26 -4.58
N ARG A 84 33.18 22.25 -4.59
CA ARG A 84 34.60 22.50 -4.65
C ARG A 84 35.24 21.70 -5.79
N SER A 85 35.95 22.38 -6.67
CA SER A 85 36.68 21.72 -7.74
C SER A 85 37.87 20.98 -7.16
N VAL A 86 38.47 20.11 -7.97
CA VAL A 86 39.66 19.39 -7.53
C VAL A 86 40.79 20.37 -7.26
N GLN A 87 40.95 21.36 -8.13
CA GLN A 87 41.98 22.39 -7.97
C GLN A 87 41.87 23.08 -6.62
N GLU A 88 40.63 23.30 -6.16
CA GLU A 88 40.40 23.95 -4.87
C GLU A 88 40.80 23.06 -3.70
N VAL A 89 40.29 21.83 -3.71
CA VAL A 89 40.55 20.89 -2.61
C VAL A 89 42.03 20.56 -2.50
N VAL A 90 42.68 20.26 -3.62
CA VAL A 90 44.08 19.90 -3.63
C VAL A 90 44.97 21.04 -3.14
N THR A 91 44.71 22.25 -3.65
CA THR A 91 45.44 23.44 -3.21
C THR A 91 45.29 23.64 -1.71
N ALA A 92 44.08 23.45 -1.22
CA ALA A 92 43.78 23.57 0.20
C ALA A 92 44.59 22.56 1.01
N ALA A 93 44.44 21.28 0.67
CA ALA A 93 45.11 20.21 1.40
C ALA A 93 46.62 20.39 1.42
N LEU A 94 47.17 20.95 0.34
CA LEU A 94 48.61 21.13 0.22
C LEU A 94 49.12 22.28 1.09
N GLN A 95 48.32 23.35 1.17
CA GLN A 95 48.72 24.50 1.98
C GLN A 95 48.53 24.22 3.46
N GLU A 96 47.47 23.47 3.79
CA GLU A 96 47.20 23.10 5.17
C GLU A 96 48.13 21.97 5.63
N ASP A 97 48.70 21.26 4.67
CA ASP A 97 49.54 20.08 4.93
C ASP A 97 48.81 19.08 5.81
N VAL A 98 47.75 18.49 5.27
CA VAL A 98 46.92 17.55 6.01
C VAL A 98 47.31 16.11 5.70
N GLN A 99 46.83 15.17 6.51
CA GLN A 99 47.09 13.75 6.29
C GLN A 99 46.00 13.11 5.43
N GLY A 100 44.81 13.71 5.43
CA GLY A 100 43.69 13.12 4.74
C GLY A 100 42.71 14.09 4.10
N ILE A 101 42.03 13.62 3.05
CA ILE A 101 41.02 14.38 2.37
C ILE A 101 39.71 13.59 2.31
N ALA A 102 38.61 14.22 2.72
CA ALA A 102 37.31 13.57 2.68
C ALA A 102 36.37 14.31 1.72
N ILE A 103 35.94 13.60 0.67
CA ILE A 103 35.09 14.19 -0.35
C ILE A 103 33.76 13.45 -0.49
N SER A 104 32.66 14.18 -0.61
CA SER A 104 31.36 13.58 -0.89
C SER A 104 30.94 13.93 -2.32
N SER A 105 30.67 12.92 -3.13
CA SER A 105 30.23 13.14 -4.51
C SER A 105 28.92 12.40 -4.83
N TYR A 106 27.81 13.14 -4.86
CA TYR A 106 26.51 12.54 -5.13
C TYR A 106 25.98 12.90 -6.52
N GLN A 107 26.72 13.72 -7.25
CA GLN A 107 26.26 14.17 -8.56
C GLN A 107 26.70 13.23 -9.67
N GLY A 108 27.58 12.30 -9.33
CA GLY A 108 28.19 11.44 -10.34
C GLY A 108 29.42 12.13 -10.90
N GLY A 109 30.01 11.53 -11.93
CA GLY A 109 31.26 12.04 -12.49
C GLY A 109 32.37 11.88 -11.48
N HIS A 110 32.14 10.99 -10.52
CA HIS A 110 33.04 10.81 -9.38
C HIS A 110 34.30 10.06 -9.77
N VAL A 111 34.17 9.15 -10.73
CA VAL A 111 35.32 8.38 -11.20
C VAL A 111 36.36 9.32 -11.80
N GLU A 112 35.90 10.23 -12.65
CA GLU A 112 36.79 11.22 -13.26
C GLU A 112 37.31 12.20 -12.22
N TYR A 113 36.43 12.59 -11.30
CA TYR A 113 36.77 13.56 -10.27
C TYR A 113 37.90 13.06 -9.37
N PHE A 114 37.72 11.87 -8.80
CA PHE A 114 38.71 11.33 -7.87
C PHE A 114 40.02 10.98 -8.56
N LYS A 115 39.94 10.47 -9.78
CA LYS A 115 41.14 10.18 -10.57
C LYS A 115 41.95 11.46 -10.78
N TYR A 116 41.25 12.54 -11.10
CA TYR A 116 41.88 13.85 -11.25
C TYR A 116 42.59 14.26 -9.98
N MET A 117 41.93 14.05 -8.84
CA MET A 117 42.48 14.44 -7.55
C MET A 117 43.73 13.63 -7.21
N ILE A 118 43.65 12.32 -7.42
CA ILE A 118 44.80 11.45 -7.20
C ILE A 118 45.98 11.86 -8.07
N ASP A 119 45.70 12.13 -9.34
CA ASP A 119 46.73 12.56 -10.29
C ASP A 119 47.35 13.89 -9.86
N LEU A 120 46.50 14.83 -9.47
CA LEU A 120 46.95 16.17 -9.14
C LEU A 120 47.75 16.19 -7.85
N LEU A 121 47.41 15.32 -6.92
CA LEU A 121 48.11 15.24 -5.65
C LEU A 121 49.54 14.73 -5.82
N ARG A 122 49.68 13.67 -6.62
CA ARG A 122 50.99 13.08 -6.86
C ARG A 122 51.90 14.04 -7.62
N GLU A 123 51.31 14.80 -8.52
CA GLU A 123 52.06 15.72 -9.37
C GLU A 123 52.64 16.89 -8.58
N HIS A 124 51.98 17.25 -7.49
CA HIS A 124 52.39 18.43 -6.72
C HIS A 124 52.75 18.11 -5.27
N GLY A 125 53.46 17.00 -5.06
CA GLY A 125 53.96 16.64 -3.74
C GLY A 125 52.89 16.43 -2.70
N GLY A 126 51.99 15.49 -2.95
CA GLY A 126 50.94 15.17 -2.02
C GLY A 126 50.54 13.71 -2.14
N GLU A 127 51.49 12.89 -2.57
CA GLU A 127 51.26 11.46 -2.76
C GLU A 127 50.91 10.77 -1.44
N HIS A 128 51.48 11.28 -0.35
CA HIS A 128 51.29 10.69 0.97
C HIS A 128 49.92 11.02 1.57
N ILE A 129 49.26 12.03 1.01
CA ILE A 129 47.93 12.41 1.47
C ILE A 129 46.89 11.38 1.01
N GLN A 130 46.19 10.80 1.97
CA GLN A 130 45.18 9.78 1.65
C GLN A 130 43.82 10.42 1.36
N VAL A 131 43.15 9.90 0.33
CA VAL A 131 41.86 10.44 -0.08
C VAL A 131 40.72 9.47 0.24
N PHE A 132 39.68 9.98 0.90
CA PHE A 132 38.52 9.18 1.23
C PHE A 132 37.27 9.75 0.58
N GLY A 133 36.35 8.87 0.20
CA GLY A 133 35.15 9.31 -0.49
C GLY A 133 33.90 8.57 -0.08
N GLY A 134 32.77 9.08 -0.56
CA GLY A 134 31.47 8.46 -0.31
C GLY A 134 30.41 9.17 -1.12
N GLY A 135 29.49 8.41 -1.68
CA GLY A 135 28.42 8.97 -2.48
C GLY A 135 27.14 8.17 -2.37
N GLY A 136 27.03 7.39 -1.30
CA GLY A 136 25.88 6.54 -1.10
C GLY A 136 25.78 5.50 -2.21
N GLY A 137 24.60 5.40 -2.82
CA GLY A 137 24.37 4.42 -3.85
C GLY A 137 24.86 4.83 -5.22
N VAL A 138 25.24 6.10 -5.35
CA VAL A 138 25.68 6.63 -6.64
C VAL A 138 26.97 5.95 -7.11
N ILE A 139 27.91 5.77 -6.19
CA ILE A 139 29.17 5.09 -6.51
C ILE A 139 29.01 3.58 -6.37
N VAL A 140 28.74 2.90 -7.47
CA VAL A 140 28.54 1.46 -7.48
C VAL A 140 29.82 0.72 -7.09
N PRO A 141 29.69 -0.51 -6.54
CA PRO A 141 30.82 -1.34 -6.12
C PRO A 141 31.97 -1.43 -7.13
N ASP A 142 31.67 -1.57 -8.41
CA ASP A 142 32.69 -1.68 -9.44
C ASP A 142 33.55 -0.42 -9.49
N GLU A 143 32.91 0.73 -9.34
CA GLU A 143 33.61 2.01 -9.38
C GLU A 143 34.42 2.23 -8.12
N ILE A 144 33.99 1.64 -7.01
CA ILE A 144 34.72 1.73 -5.77
C ILE A 144 36.03 0.96 -5.86
N ARG A 145 35.95 -0.28 -6.34
CA ARG A 145 37.14 -1.10 -6.50
C ARG A 145 38.11 -0.47 -7.48
N GLU A 146 37.57 0.17 -8.50
CA GLU A 146 38.39 0.86 -9.50
C GLU A 146 39.12 2.04 -8.89
N LEU A 147 38.37 2.89 -8.18
CA LEU A 147 38.93 4.09 -7.59
C LEU A 147 39.90 3.79 -6.45
N GLN A 148 39.59 2.76 -5.67
CA GLN A 148 40.49 2.35 -4.59
C GLN A 148 41.77 1.76 -5.15
N ALA A 149 41.66 1.14 -6.33
CA ALA A 149 42.82 0.57 -7.01
C ALA A 149 43.65 1.67 -7.66
N TYR A 150 42.99 2.78 -7.99
CA TYR A 150 43.66 3.90 -8.65
C TYR A 150 44.56 4.66 -7.67
N GLY A 151 44.11 4.78 -6.43
CA GLY A 151 44.87 5.49 -5.43
C GLY A 151 44.04 5.96 -4.23
N VAL A 152 42.73 6.01 -4.41
CA VAL A 152 41.84 6.42 -3.33
C VAL A 152 41.94 5.44 -2.17
N ALA A 153 42.11 5.97 -0.96
CA ALA A 153 42.27 5.15 0.24
C ALA A 153 41.07 4.24 0.45
N ARG A 154 39.90 4.86 0.64
CA ARG A 154 38.66 4.11 0.84
C ARG A 154 37.46 4.91 0.36
N ILE A 155 36.51 4.22 -0.26
CA ILE A 155 35.23 4.82 -0.57
C ILE A 155 34.12 3.98 0.06
N TYR A 156 33.30 4.63 0.88
CA TYR A 156 32.35 3.92 1.72
C TYR A 156 30.97 3.82 1.08
N SER A 157 30.46 2.59 1.00
CA SER A 157 29.13 2.34 0.50
C SER A 157 28.14 2.41 1.65
N PRO A 158 26.84 2.54 1.34
CA PRO A 158 25.83 2.52 2.42
C PRO A 158 25.88 1.22 3.21
N GLU A 159 26.33 0.14 2.57
CA GLU A 159 26.49 -1.12 3.25
C GLU A 159 27.68 -1.09 4.20
N ASP A 160 28.72 -0.36 3.83
CA ASP A 160 29.87 -0.15 4.70
C ASP A 160 29.43 0.61 5.95
N GLY A 161 28.57 1.61 5.76
CA GLY A 161 28.08 2.41 6.84
C GLY A 161 27.30 1.59 7.85
N GLN A 162 26.54 0.62 7.36
CA GLN A 162 25.75 -0.24 8.22
C GLN A 162 26.64 -1.17 9.04
N ARG A 163 27.60 -1.79 8.37
CA ARG A 163 28.49 -2.74 9.04
C ARG A 163 29.42 -2.05 10.03
N MET A 164 30.07 -0.98 9.57
CA MET A 164 31.09 -0.30 10.39
C MET A 164 30.48 0.65 11.41
N GLY A 165 29.33 1.24 11.06
CA GLY A 165 28.72 2.25 11.89
C GLY A 165 29.31 3.61 11.56
N LEU A 166 28.60 4.67 11.96
CA LEU A 166 29.03 6.03 11.70
C LEU A 166 30.40 6.32 12.31
N ALA A 167 30.54 5.96 13.59
CA ALA A 167 31.79 6.18 14.30
C ALA A 167 32.88 5.26 13.77
N GLY A 168 32.48 4.07 13.35
CA GLY A 168 33.41 3.07 12.84
C GLY A 168 34.15 3.52 11.59
N MET A 169 33.42 4.13 10.66
CA MET A 169 34.01 4.66 9.44
C MET A 169 35.08 5.70 9.74
N ILE A 170 34.71 6.67 10.57
CA ILE A 170 35.61 7.77 10.90
C ILE A 170 36.81 7.28 11.69
N THR A 171 36.60 6.30 12.56
CA THR A 171 37.70 5.69 13.30
C THR A 171 38.70 5.07 12.33
N ASP A 172 38.19 4.25 11.40
CA ASP A 172 39.01 3.64 10.37
C ASP A 172 39.74 4.69 9.55
N MET A 173 39.01 5.75 9.21
CA MET A 173 39.53 6.83 8.40
C MET A 173 40.62 7.60 9.14
N ALA A 174 40.42 7.80 10.44
CA ALA A 174 41.36 8.54 11.26
C ALA A 174 42.62 7.74 11.53
N GLN A 175 42.45 6.45 11.87
CA GLN A 175 43.57 5.58 12.20
C GLN A 175 44.54 5.44 11.03
N ARG A 176 44.02 5.54 9.81
CA ARG A 176 44.85 5.50 8.61
C ARG A 176 45.71 6.75 8.50
N CYS A 177 45.11 7.90 8.82
CA CYS A 177 45.79 9.17 8.68
C CYS A 177 46.57 9.58 9.93
N ASP A 178 46.67 8.66 10.88
CA ASP A 178 47.39 8.94 12.12
C ASP A 178 48.90 8.80 11.90
N ILE A 179 49.46 9.74 11.13
CA ILE A 179 50.89 9.71 10.80
C ILE A 179 51.55 11.04 11.10
N ASP A 180 52.87 11.01 11.29
CA ASP A 180 53.64 12.21 11.60
C ASP A 180 54.20 12.85 10.34
N LEU A 181 53.74 14.05 10.02
CA LEU A 181 54.13 14.71 8.78
C LEU A 181 55.39 15.54 8.92
N THR A 182 55.97 15.56 10.11
CA THR A 182 57.14 16.40 10.37
C THR A 182 58.39 15.85 9.70
N ARG A 183 58.33 14.60 9.25
CA ARG A 183 59.46 13.98 8.57
C ARG A 183 59.61 14.54 7.15
N TYR A 184 58.55 15.13 6.62
CA TYR A 184 58.57 15.69 5.28
C TYR A 184 58.99 17.15 5.30
N ALA A 185 59.17 17.69 6.50
CA ALA A 185 59.55 19.09 6.66
C ALA A 185 60.99 19.33 6.21
N PRO A 186 61.22 20.49 5.57
CA PRO A 186 62.57 20.86 5.12
C PRO A 186 63.52 21.09 6.29
N THR A 187 64.79 20.75 6.10
CA THR A 187 65.80 20.93 7.14
C THR A 187 66.53 22.26 6.97
N THR A 188 66.50 22.78 5.74
CA THR A 188 67.11 24.08 5.45
C THR A 188 66.09 25.01 4.81
N LEU A 189 66.30 26.31 4.98
CA LEU A 189 65.35 27.31 4.49
C LEU A 189 65.49 27.55 2.98
N ASP A 190 66.43 26.85 2.35
CA ASP A 190 66.73 27.01 0.93
C ASP A 190 65.48 26.90 0.07
N THR A 191 64.70 25.84 0.29
CA THR A 191 63.49 25.61 -0.47
C THR A 191 62.45 26.70 -0.23
N VAL A 192 62.20 27.01 1.04
CA VAL A 192 61.14 27.94 1.42
C VAL A 192 61.38 29.35 0.91
N VAL A 193 62.60 29.86 1.11
CA VAL A 193 62.94 31.23 0.70
C VAL A 193 62.90 31.36 -0.82
N ALA A 194 63.24 30.28 -1.52
CA ALA A 194 63.24 30.27 -2.98
C ALA A 194 61.85 30.56 -3.54
N GLY A 195 60.82 30.26 -2.77
CA GLY A 195 59.45 30.53 -3.17
C GLY A 195 58.58 29.30 -3.13
N ASP A 196 59.16 28.17 -2.72
CA ASP A 196 58.41 26.93 -2.60
C ASP A 196 57.31 27.08 -1.57
N ARG A 197 56.06 26.96 -2.02
CA ARG A 197 54.91 27.14 -1.15
C ARG A 197 54.55 25.84 -0.44
N ARG A 198 54.89 24.72 -1.05
CA ARG A 198 54.63 23.42 -0.46
C ARG A 198 55.61 23.13 0.68
N ALA A 199 56.87 23.52 0.48
CA ALA A 199 57.87 23.39 1.52
C ALA A 199 57.53 24.30 2.69
N LEU A 200 57.00 25.48 2.38
CA LEU A 200 56.55 26.43 3.39
C LEU A 200 55.44 25.83 4.24
N ALA A 201 54.50 25.17 3.58
CA ALA A 201 53.37 24.56 4.27
C ALA A 201 53.82 23.45 5.21
N GLN A 202 54.90 22.75 4.83
CA GLN A 202 55.41 21.65 5.62
C GLN A 202 56.32 22.14 6.75
N LEU A 203 57.05 23.22 6.48
CA LEU A 203 57.89 23.84 7.51
C LEU A 203 57.03 24.34 8.66
N ILE A 204 55.83 24.81 8.33
CA ILE A 204 54.89 25.28 9.33
C ILE A 204 54.38 24.14 10.21
N THR A 205 54.12 22.99 9.60
CA THR A 205 53.68 21.81 10.35
C THR A 205 54.77 21.34 11.30
N ALA A 206 56.02 21.65 10.95
CA ALA A 206 57.15 21.33 11.81
C ALA A 206 57.26 22.34 12.95
N LEU A 207 57.11 23.62 12.62
CA LEU A 207 57.19 24.68 13.61
C LEU A 207 56.03 24.61 14.60
N GLU A 208 54.85 24.29 14.08
CA GLU A 208 53.64 24.23 14.91
C GLU A 208 53.74 23.11 15.94
N ASN A 209 54.31 21.98 15.53
CA ASN A 209 54.45 20.83 16.41
C ASN A 209 55.73 20.85 17.22
N GLY A 210 56.56 21.87 16.99
CA GLY A 210 57.79 22.05 17.74
C GLY A 210 58.85 21.02 17.43
N LYS A 211 58.74 20.37 16.27
CA LYS A 211 59.73 19.38 15.85
C LYS A 211 60.78 20.01 14.96
N ALA A 212 60.83 21.34 14.95
CA ALA A 212 61.82 22.07 14.18
C ALA A 212 63.09 22.31 14.99
N ASP A 213 64.24 22.20 14.34
CA ASP A 213 65.52 22.37 15.01
C ASP A 213 65.70 23.80 15.50
N PRO A 214 66.17 23.96 16.76
CA PRO A 214 66.40 25.27 17.39
C PRO A 214 67.31 26.20 16.58
N GLU A 215 68.34 25.65 15.97
CA GLU A 215 69.25 26.45 15.15
C GLU A 215 68.55 26.90 13.86
N LEU A 216 67.59 26.11 13.41
CA LEU A 216 66.81 26.44 12.23
C LEU A 216 65.80 27.55 12.54
N VAL A 217 65.22 27.48 13.74
CA VAL A 217 64.23 28.45 14.19
C VAL A 217 64.81 29.86 14.28
N SER A 218 65.96 29.98 14.95
CA SER A 218 66.62 31.26 15.09
C SER A 218 67.10 31.79 13.75
N ALA A 219 67.50 30.88 12.86
CA ALA A 219 67.94 31.25 11.52
C ALA A 219 66.77 31.77 10.69
N LEU A 220 65.57 31.26 11.01
CA LEU A 220 64.35 31.68 10.33
C LEU A 220 63.93 33.09 10.76
N HIS A 221 63.97 33.32 12.08
CA HIS A 221 63.65 34.63 12.62
C HIS A 221 64.66 35.67 12.20
N ALA A 222 65.92 35.25 12.04
CA ALA A 222 67.00 36.14 11.63
C ALA A 222 66.74 36.69 10.24
N GLN A 223 66.31 35.83 9.33
CA GLN A 223 66.02 36.24 7.96
C GLN A 223 64.67 36.92 7.89
N ALA A 224 63.77 36.57 8.79
CA ALA A 224 62.45 37.19 8.86
C ALA A 224 62.56 38.64 9.28
N LYS A 225 63.53 38.93 10.15
CA LYS A 225 63.76 40.30 10.60
C LYS A 225 64.30 41.15 9.45
N ALA A 226 65.22 40.57 8.68
CA ALA A 226 65.81 41.27 7.55
C ALA A 226 64.85 41.32 6.37
N ALA A 227 63.81 40.49 6.42
CA ALA A 227 62.81 40.44 5.35
C ALA A 227 62.02 41.73 5.26
N ALA A 228 61.70 42.30 6.42
CA ALA A 228 60.97 43.57 6.50
C ALA A 228 59.68 43.55 5.70
N VAL A 229 58.79 42.62 6.02
CA VAL A 229 57.48 42.58 5.41
C VAL A 229 56.41 42.93 6.46
N PRO A 230 55.39 43.70 6.05
CA PRO A 230 54.33 44.14 6.96
C PRO A 230 53.43 42.99 7.39
N VAL A 231 52.99 43.02 8.65
CA VAL A 231 52.09 41.98 9.17
C VAL A 231 50.80 42.60 9.69
N LEU A 232 49.71 42.38 8.97
CA LEU A 232 48.40 42.91 9.37
C LEU A 232 47.64 41.93 10.25
N GLY A 233 47.31 42.37 11.46
CA GLY A 233 46.53 41.56 12.37
C GLY A 233 45.07 41.96 12.35
N ILE A 234 44.20 40.97 12.19
CA ILE A 234 42.76 41.22 12.19
C ILE A 234 42.09 40.45 13.32
N THR A 235 41.69 41.17 14.36
CA THR A 235 41.03 40.56 15.51
C THR A 235 39.64 41.17 15.71
N GLY A 236 38.85 40.58 16.60
CA GLY A 236 37.52 41.09 16.89
C GLY A 236 36.62 40.08 17.57
N THR A 237 35.39 40.49 17.85
CA THR A 237 34.43 39.62 18.52
C THR A 237 34.04 38.45 17.63
N GLY A 238 33.44 37.43 18.22
CA GLY A 238 33.07 36.24 17.49
C GLY A 238 31.96 36.47 16.49
N GLY A 239 32.17 36.01 15.25
CA GLY A 239 31.18 36.10 14.21
C GLY A 239 30.88 37.51 13.74
N ALA A 240 31.79 38.44 14.02
CA ALA A 240 31.62 39.83 13.62
C ALA A 240 31.82 39.99 12.11
N GLY A 241 32.63 39.11 11.53
CA GLY A 241 32.88 39.14 10.11
C GLY A 241 34.36 39.27 9.79
N LYS A 242 35.21 38.81 10.70
CA LYS A 242 36.65 38.89 10.53
C LYS A 242 37.12 38.16 9.28
N SER A 243 36.60 36.96 9.07
CA SER A 243 36.97 36.17 7.90
C SER A 243 36.41 36.79 6.61
N SER A 244 35.13 37.17 6.65
CA SER A 244 34.48 37.75 5.48
C SER A 244 35.15 39.05 5.05
N LEU A 245 35.51 39.88 6.03
CA LEU A 245 36.14 41.17 5.75
C LEU A 245 37.56 40.96 5.22
N THR A 246 38.23 39.93 5.73
CA THR A 246 39.58 39.61 5.28
C THR A 246 39.59 39.24 3.81
N ASP A 247 38.66 38.36 3.43
CA ASP A 247 38.53 37.92 2.05
C ASP A 247 38.30 39.11 1.11
N GLU A 248 37.36 39.97 1.51
CA GLU A 248 37.03 41.15 0.72
C GLU A 248 38.22 42.09 0.55
N LEU A 249 38.97 42.28 1.62
CA LEU A 249 40.16 43.13 1.57
C LEU A 249 41.20 42.56 0.62
N ILE A 250 41.37 41.24 0.64
CA ILE A 250 42.29 40.58 -0.27
C ILE A 250 41.85 40.78 -1.71
N ARG A 251 40.54 40.68 -1.94
CA ARG A 251 39.98 40.92 -3.26
C ARG A 251 40.30 42.33 -3.73
N ARG A 252 40.20 43.29 -2.82
CA ARG A 252 40.56 44.67 -3.13
C ARG A 252 42.03 44.76 -3.53
N PHE A 253 42.88 44.04 -2.79
CA PHE A 253 44.31 44.01 -3.09
C PHE A 253 44.58 43.47 -4.50
N ARG A 254 43.83 42.45 -4.88
CA ARG A 254 44.03 41.82 -6.18
C ARG A 254 43.57 42.72 -7.32
N LEU A 255 42.40 43.32 -7.16
CA LEU A 255 41.85 44.21 -8.18
C LEU A 255 42.69 45.48 -8.33
N ASP A 256 43.16 45.99 -7.19
CA ASP A 256 43.89 47.25 -7.18
C ASP A 256 45.30 47.12 -7.73
N GLN A 257 45.92 45.97 -7.49
CA GLN A 257 47.32 45.78 -7.85
C GLN A 257 47.51 44.77 -8.97
N ASP A 258 46.41 44.38 -9.61
CA ASP A 258 46.44 43.43 -10.72
C ASP A 258 47.13 42.12 -10.32
N ASP A 259 46.77 41.63 -9.14
CA ASP A 259 47.29 40.36 -8.61
C ASP A 259 48.82 40.31 -8.58
N ALA A 260 49.45 41.44 -8.25
CA ALA A 260 50.91 41.49 -8.22
C ALA A 260 51.45 41.21 -6.83
N LEU A 261 50.57 41.23 -5.83
CA LEU A 261 50.99 41.05 -4.44
C LEU A 261 50.94 39.60 -3.99
N SER A 262 51.96 39.18 -3.26
CA SER A 262 52.00 37.84 -2.68
C SER A 262 51.57 37.88 -1.22
N ILE A 263 50.34 37.46 -0.98
CA ILE A 263 49.73 37.57 0.35
C ILE A 263 49.65 36.22 1.08
N ALA A 264 50.09 36.22 2.33
CA ALA A 264 49.99 35.02 3.17
C ALA A 264 48.97 35.23 4.27
N VAL A 265 48.01 34.31 4.39
CA VAL A 265 46.94 34.44 5.36
C VAL A 265 46.98 33.38 6.44
N ILE A 266 47.10 33.81 7.69
CA ILE A 266 47.11 32.89 8.82
C ILE A 266 45.87 33.07 9.68
N SER A 267 44.88 32.22 9.47
CA SER A 267 43.63 32.32 10.22
C SER A 267 43.62 31.35 11.40
N ILE A 268 43.18 31.85 12.54
CA ILE A 268 43.14 31.06 13.77
C ILE A 268 41.73 30.92 14.31
N ASP A 269 41.30 29.69 14.57
CA ASP A 269 39.99 29.44 15.14
C ASP A 269 40.14 28.66 16.44
N PRO A 270 39.21 28.88 17.40
CA PRO A 270 39.38 28.30 18.74
C PRO A 270 39.18 26.79 18.72
N SER A 271 39.97 26.09 19.54
CA SER A 271 39.94 24.63 19.58
C SER A 271 39.28 24.11 20.85
N ARG A 272 38.30 23.22 20.67
CA ARG A 272 37.67 22.54 21.80
C ARG A 272 38.64 21.52 22.40
N ARG A 273 39.08 21.77 23.62
CA ARG A 273 40.10 20.94 24.26
C ARG A 273 39.53 19.60 24.72
N LYS A 274 38.21 19.51 24.78
CA LYS A 274 37.54 18.27 25.18
C LYS A 274 37.81 17.16 24.17
N SER A 275 37.45 17.40 22.92
CA SER A 275 37.65 16.43 21.84
C SER A 275 39.13 16.27 21.49
N GLY A 276 39.84 17.40 21.44
CA GLY A 276 41.24 17.40 21.07
C GLY A 276 41.47 18.17 19.79
N GLY A 277 40.52 18.02 18.85
CA GLY A 277 40.60 18.69 17.57
C GLY A 277 39.75 19.95 17.53
N ALA A 278 39.59 20.53 16.34
CA ALA A 278 38.86 21.78 16.19
C ALA A 278 38.20 21.91 14.82
N LEU A 279 37.31 22.89 14.70
CA LEU A 279 36.66 23.17 13.43
C LEU A 279 37.17 24.50 12.87
N LEU A 280 38.28 24.42 12.15
CA LEU A 280 38.90 25.59 11.54
C LEU A 280 38.05 26.14 10.40
N GLY A 281 37.02 26.90 10.74
CA GLY A 281 36.07 27.40 9.76
C GLY A 281 36.28 28.84 9.37
N ASP A 282 37.44 29.13 8.79
CA ASP A 282 37.73 30.45 8.27
C ASP A 282 37.95 30.38 6.77
N ARG A 283 38.55 29.28 6.32
CA ARG A 283 38.89 29.10 4.91
C ARG A 283 37.63 29.00 4.06
N ILE A 284 36.54 28.52 4.66
CA ILE A 284 35.29 28.32 3.94
C ILE A 284 34.69 29.65 3.47
N ARG A 285 35.02 30.73 4.19
CA ARG A 285 34.50 32.05 3.87
C ARG A 285 35.37 32.76 2.83
N MET A 286 36.55 32.21 2.57
CA MET A 286 37.51 32.82 1.66
C MET A 286 37.26 32.43 0.21
N ASN A 287 36.91 33.40 -0.62
CA ASN A 287 36.66 33.16 -2.04
C ASN A 287 37.73 33.78 -2.94
N ALA A 288 38.45 34.76 -2.41
CA ALA A 288 39.42 35.50 -3.21
C ALA A 288 40.84 34.99 -3.03
N ILE A 289 40.98 33.85 -2.34
CA ILE A 289 42.31 33.32 -2.05
C ILE A 289 42.74 32.27 -3.06
N ASN A 290 41.89 32.01 -4.06
CA ASN A 290 42.22 31.03 -5.08
C ASN A 290 43.09 31.61 -6.18
N HIS A 291 44.39 31.67 -5.92
CA HIS A 291 45.37 32.26 -6.83
C HIS A 291 46.77 31.90 -6.35
N PRO A 292 47.69 31.63 -7.28
CA PRO A 292 49.07 31.23 -6.95
C PRO A 292 49.79 32.19 -5.99
N ASN A 293 49.47 33.48 -6.06
CA ASN A 293 50.13 34.46 -5.20
C ASN A 293 49.53 34.52 -3.80
N ILE A 294 48.49 33.73 -3.56
CA ILE A 294 47.84 33.71 -2.25
C ILE A 294 48.06 32.37 -1.54
N PHE A 295 48.47 32.44 -0.28
CA PHE A 295 48.69 31.25 0.54
C PHE A 295 47.94 31.41 1.86
N MET A 296 47.24 30.35 2.28
CA MET A 296 46.50 30.40 3.53
C MET A 296 46.66 29.12 4.37
N ARG A 297 46.89 29.32 5.67
CA ARG A 297 47.03 28.21 6.60
C ARG A 297 46.10 28.41 7.81
N SER A 298 45.35 27.37 8.15
CA SER A 298 44.42 27.44 9.28
C SER A 298 45.03 26.80 10.52
N LEU A 299 45.04 27.56 11.62
CA LEU A 299 45.62 27.09 12.87
C LEU A 299 44.58 27.02 13.98
N ALA A 300 44.64 25.94 14.76
CA ALA A 300 43.83 25.85 15.98
C ALA A 300 44.59 26.49 17.12
N THR A 301 43.87 27.14 18.02
CA THR A 301 44.49 27.80 19.17
C THR A 301 45.26 26.77 20.00
N ARG A 302 44.68 25.57 20.09
CA ARG A 302 45.23 24.46 20.84
C ARG A 302 45.42 24.82 22.31
N GLU A 303 44.66 25.81 22.77
CA GLU A 303 44.63 26.22 24.16
C GLU A 303 43.20 26.61 24.53
N ALA A 304 42.99 26.99 25.79
CA ALA A 304 41.66 27.34 26.28
C ALA A 304 41.10 28.57 25.54
N SER A 306 43.95 30.88 25.04
CA SER A 306 44.33 32.10 24.35
C SER A 306 43.67 32.18 22.97
N GLU A 307 43.75 33.35 22.36
CA GLU A 307 43.15 33.57 21.04
C GLU A 307 44.20 33.57 19.94
N ILE A 308 45.37 33.02 20.27
CA ILE A 308 46.46 32.90 19.31
C ILE A 308 47.21 31.58 19.51
N SER A 309 47.67 30.99 18.41
CA SER A 309 48.44 29.76 18.47
C SER A 309 49.75 29.97 19.23
N GLN A 310 50.14 28.99 20.03
CA GLN A 310 51.34 29.10 20.86
C GLN A 310 52.62 29.24 20.04
N ALA A 311 52.52 28.98 18.74
CA ALA A 311 53.67 29.06 17.85
C ALA A 311 53.46 30.09 16.74
N LEU A 312 52.52 31.02 16.96
CA LEU A 312 52.20 32.05 15.98
C LEU A 312 53.41 32.91 15.55
N PRO A 313 54.25 33.37 16.50
CA PRO A 313 55.40 34.15 16.05
C PRO A 313 56.33 33.38 15.13
N ASP A 314 56.40 32.06 15.31
CA ASP A 314 57.20 31.21 14.44
C ASP A 314 56.58 31.13 13.04
N VAL A 315 55.27 30.89 13.00
CA VAL A 315 54.55 30.75 11.74
C VAL A 315 54.61 32.03 10.92
N ILE A 316 54.41 33.17 11.59
CA ILE A 316 54.50 34.47 10.93
C ILE A 316 55.88 34.66 10.32
N ALA A 317 56.91 34.39 11.12
CA ALA A 317 58.29 34.52 10.68
C ALA A 317 58.58 33.64 9.47
N ALA A 318 57.96 32.47 9.43
CA ALA A 318 58.13 31.54 8.33
C ALA A 318 57.61 32.15 7.02
N CYS A 319 56.49 32.85 7.11
CA CYS A 319 55.90 33.50 5.95
C CYS A 319 56.71 34.73 5.54
N LYS A 320 57.27 35.42 6.52
CA LYS A 320 58.09 36.60 6.25
C LYS A 320 59.32 36.20 5.45
N ALA A 321 59.93 35.08 5.81
CA ALA A 321 61.14 34.61 5.14
C ALA A 321 60.84 34.06 3.76
N ALA A 322 59.59 33.66 3.53
CA ALA A 322 59.19 33.10 2.24
C ALA A 322 58.92 34.20 1.21
N ARG A 323 59.37 35.42 1.53
CA ARG A 323 59.30 36.56 0.62
C ARG A 323 57.87 36.90 0.18
N PHE A 324 56.95 36.93 1.14
CA PHE A 324 55.60 37.40 0.88
C PHE A 324 55.54 38.93 1.01
N ASP A 325 54.70 39.56 0.21
CA ASP A 325 54.58 41.01 0.23
C ASP A 325 53.79 41.50 1.45
N LEU A 326 52.92 40.64 1.97
CA LEU A 326 52.08 40.98 3.10
C LEU A 326 51.57 39.73 3.81
N VAL A 327 51.63 39.74 5.14
CA VAL A 327 51.11 38.64 5.94
C VAL A 327 49.91 39.12 6.77
N ILE A 328 48.78 38.44 6.60
CA ILE A 328 47.55 38.80 7.31
C ILE A 328 47.16 37.71 8.30
N VAL A 329 46.89 38.11 9.55
CA VAL A 329 46.58 37.15 10.60
C VAL A 329 45.20 37.40 11.21
N GLU A 330 44.34 36.39 11.13
CA GLU A 330 43.02 36.44 11.76
C GLU A 330 43.02 35.63 13.06
N THR A 331 42.56 36.26 14.14
CA THR A 331 42.47 35.58 15.43
C THR A 331 41.11 34.92 15.58
N SER A 332 40.88 34.33 16.76
CA SER A 332 39.58 33.76 17.07
C SER A 332 38.70 34.80 17.76
N GLY A 333 37.55 34.36 18.26
CA GLY A 333 36.66 35.22 19.00
C GLY A 333 37.27 35.68 20.31
N ILE A 334 37.65 36.94 20.36
CA ILE A 334 38.25 37.53 21.56
C ILE A 334 37.21 38.29 22.37
N GLY A 335 37.38 38.31 23.69
CA GLY A 335 36.47 39.02 24.57
C GLY A 335 36.67 40.52 24.52
N GLN A 336 36.10 41.22 25.49
CA GLN A 336 36.24 42.67 25.58
C GLN A 336 37.66 43.04 26.01
N GLY A 337 38.17 42.34 27.00
CA GLY A 337 39.51 42.60 27.52
C GLY A 337 40.56 41.66 26.97
N ASP A 338 40.51 41.42 25.67
CA ASP A 338 41.49 40.56 25.01
C ASP A 338 42.13 41.28 23.84
N ALA A 339 43.46 41.18 23.72
CA ALA A 339 44.20 41.90 22.71
C ALA A 339 45.61 41.34 22.53
N ALA A 340 45.69 40.02 22.35
CA ALA A 340 46.98 39.34 22.28
C ALA A 340 47.61 39.39 20.89
N ILE A 341 46.88 39.94 19.93
CA ILE A 341 47.35 39.99 18.56
C ILE A 341 48.29 41.18 18.33
N VAL A 342 48.17 42.18 19.20
CA VAL A 342 48.90 43.44 19.04
C VAL A 342 50.44 43.33 19.00
N PRO A 343 51.04 42.56 19.93
CA PRO A 343 52.51 42.59 19.90
C PRO A 343 53.14 41.77 18.77
N HIS A 344 52.34 41.00 18.05
CA HIS A 344 52.87 40.12 17.02
C HIS A 344 52.72 40.68 15.61
N VAL A 345 51.99 41.79 15.48
CA VAL A 345 51.75 42.36 14.16
C VAL A 345 52.25 43.80 14.07
N ASP A 346 52.34 44.31 12.85
CA ASP A 346 52.79 45.68 12.60
C ASP A 346 51.59 46.63 12.54
N LEU A 347 50.45 46.10 12.09
CA LEU A 347 49.19 46.85 12.10
C LEU A 347 48.05 45.96 12.58
N SER A 348 47.15 46.54 13.37
CA SER A 348 46.04 45.77 13.94
C SER A 348 44.69 46.35 13.54
N LEU A 349 43.74 45.46 13.23
CA LEU A 349 42.40 45.88 12.83
C LEU A 349 41.34 45.20 13.70
N TYR A 350 40.62 46.00 14.48
CA TYR A 350 39.56 45.49 15.33
C TYR A 350 38.23 45.49 14.58
N VAL A 351 37.59 44.32 14.54
CA VAL A 351 36.29 44.20 13.86
C VAL A 351 35.17 44.00 14.88
N MET A 352 34.09 44.74 14.71
CA MET A 352 32.96 44.65 15.61
C MET A 352 31.63 44.85 14.87
N THR A 353 30.53 44.61 15.56
CA THR A 353 29.21 44.84 15.01
C THR A 353 28.57 46.00 15.76
N PRO A 354 27.55 46.65 15.15
CA PRO A 354 26.84 47.74 15.82
C PRO A 354 26.19 47.32 17.15
N GLU A 355 26.00 46.02 17.34
CA GLU A 355 25.46 45.51 18.60
C GLU A 355 26.58 45.28 19.62
N PHE A 356 26.76 46.26 20.50
CA PHE A 356 27.75 46.18 21.56
C PHE A 356 27.13 46.63 22.89
N GLY A 357 25.82 46.82 22.89
CA GLY A 357 25.11 47.23 24.09
C GLY A 357 25.20 48.72 24.33
N ALA A 358 25.51 49.10 25.57
CA ALA A 358 25.62 50.50 25.94
C ALA A 358 26.87 51.14 25.36
N ALA A 359 26.89 52.47 25.31
CA ALA A 359 28.04 53.20 24.80
C ALA A 359 29.19 53.21 25.81
N SER A 360 28.86 52.88 27.07
CA SER A 360 29.86 52.84 28.13
C SER A 360 30.73 51.57 28.02
N GLN A 361 30.25 50.60 27.24
CA GLN A 361 30.95 49.34 27.07
C GLN A 361 32.27 49.54 26.33
N LEU A 362 32.33 50.57 25.49
CA LEU A 362 33.50 50.84 24.68
C LEU A 362 34.71 51.25 25.51
N GLU A 363 34.46 51.65 26.75
CA GLU A 363 35.53 52.05 27.65
C GLU A 363 36.18 50.83 28.30
N LYS A 364 35.59 49.66 28.08
CA LYS A 364 36.10 48.42 28.67
C LYS A 364 36.88 47.60 27.65
N ILE A 365 36.75 47.97 26.38
CA ILE A 365 37.39 47.23 25.30
C ILE A 365 38.87 47.59 25.16
N ASP A 366 39.74 46.68 25.56
CA ASP A 366 41.19 46.89 25.48
C ASP A 366 41.66 47.15 24.05
N MET A 367 41.00 46.51 23.09
CA MET A 367 41.48 46.54 21.72
C MET A 367 41.27 47.91 21.07
N LEU A 368 40.32 48.68 21.57
CA LEU A 368 40.07 50.03 21.06
C LEU A 368 41.20 50.98 21.44
N ASP A 369 42.10 50.51 22.29
CA ASP A 369 43.21 51.32 22.78
C ASP A 369 44.48 51.07 21.98
N PHE A 370 44.50 49.96 21.23
CA PHE A 370 45.70 49.56 20.49
C PHE A 370 45.49 49.53 18.99
N ALA A 371 44.25 49.29 18.57
CA ALA A 371 43.94 49.10 17.16
C ALA A 371 44.29 50.33 16.32
N ASP A 372 45.02 50.10 15.24
CA ASP A 372 45.36 51.16 14.30
C ASP A 372 44.15 51.48 13.42
N PHE A 373 43.34 50.47 13.18
CA PHE A 373 42.11 50.63 12.41
C PHE A 373 40.97 49.88 13.08
N VAL A 374 39.78 50.46 13.04
CA VAL A 374 38.60 49.81 13.59
C VAL A 374 37.54 49.69 12.52
N ALA A 375 37.06 48.47 12.30
CA ALA A 375 36.04 48.22 11.29
C ALA A 375 34.73 47.76 11.92
N ILE A 376 33.73 48.63 11.88
CA ILE A 376 32.40 48.26 12.33
C ILE A 376 31.66 47.57 11.19
N ASN A 377 31.83 46.25 11.12
CA ASN A 377 31.21 45.45 10.07
C ASN A 377 29.73 45.26 10.35
N LYS A 378 29.03 44.63 9.39
CA LYS A 378 27.59 44.45 9.47
C LYS A 378 26.88 45.78 9.66
N PHE A 379 27.26 46.75 8.83
CA PHE A 379 26.75 48.10 8.94
C PHE A 379 25.32 48.21 8.42
N ASP A 380 24.80 47.10 7.90
CA ASP A 380 23.41 47.04 7.46
C ASP A 380 22.47 46.86 8.64
N ARG A 381 23.03 46.41 9.77
CA ARG A 381 22.25 46.18 10.98
C ARG A 381 21.74 47.48 11.57
N LYS A 382 20.72 47.37 12.43
CA LYS A 382 20.09 48.54 13.05
C LYS A 382 21.03 49.24 14.02
N GLY A 383 21.08 50.56 13.93
CA GLY A 383 21.87 51.36 14.85
C GLY A 383 23.34 51.42 14.49
N ALA A 384 23.64 51.17 13.23
CA ALA A 384 25.03 51.17 12.76
C ALA A 384 25.63 52.57 12.78
N GLN A 385 24.83 53.57 12.42
CA GLN A 385 25.32 54.94 12.40
C GLN A 385 25.65 55.45 13.79
N ASP A 386 24.77 55.18 14.75
CA ASP A 386 25.01 55.60 16.12
C ASP A 386 26.17 54.82 16.72
N ALA A 387 26.33 53.57 16.28
CA ALA A 387 27.44 52.74 16.71
C ALA A 387 28.76 53.36 16.28
N TRP A 388 28.79 53.86 15.05
CA TRP A 388 30.00 54.49 14.52
C TRP A 388 30.35 55.77 15.28
N ARG A 389 29.35 56.56 15.64
CA ARG A 389 29.60 57.82 16.32
C ARG A 389 30.09 57.62 17.75
N ASP A 390 29.72 56.49 18.36
CA ASP A 390 30.23 56.15 19.68
C ASP A 390 31.68 55.65 19.59
N VAL A 391 31.91 54.70 18.69
CA VAL A 391 33.23 54.11 18.51
C VAL A 391 34.25 55.17 18.07
N ALA A 392 33.83 56.05 17.17
CA ALA A 392 34.72 57.10 16.68
C ALA A 392 35.13 58.02 17.83
N LYS A 393 34.17 58.42 18.66
CA LYS A 393 34.45 59.30 19.78
C LYS A 393 35.30 58.61 20.83
N GLN A 394 35.15 57.29 20.96
CA GLN A 394 35.92 56.54 21.93
C GLN A 394 37.38 56.41 21.51
N VAL A 395 37.59 56.21 20.21
CA VAL A 395 38.94 56.09 19.67
C VAL A 395 39.65 57.45 19.75
N GLN A 396 38.90 58.51 19.51
CA GLN A 396 39.41 59.87 19.65
C GLN A 396 39.87 60.14 21.07
N ARG A 397 39.07 59.68 22.04
CA ARG A 397 39.42 59.84 23.44
C ARG A 397 40.65 59.03 23.81
N ASN A 398 40.71 57.80 23.35
CA ASN A 398 41.82 56.90 23.65
C ASN A 398 43.14 57.39 23.07
N ARG A 399 43.07 58.17 22.01
CA ARG A 399 44.28 58.70 21.36
C ARG A 399 44.56 60.13 21.79
N GLU A 400 43.63 60.71 22.54
CA GLU A 400 43.75 62.08 23.02
C GLU A 400 43.96 63.08 21.88
N GLN A 401 43.37 62.78 20.72
CA GLN A 401 43.42 63.68 19.58
C GLN A 401 42.22 64.62 19.58
N TRP A 402 42.19 65.53 20.54
CA TRP A 402 41.07 66.45 20.71
C TRP A 402 41.07 67.53 19.63
N HIS A 403 42.25 67.76 19.04
CA HIS A 403 42.40 68.76 18.01
C HIS A 403 41.97 68.21 16.64
N SER A 404 41.53 66.96 16.62
CA SER A 404 41.04 66.35 15.39
C SER A 404 39.53 66.15 15.44
N ARG A 405 38.94 65.89 14.28
CA ARG A 405 37.51 65.62 14.20
C ARG A 405 37.25 64.13 14.47
N ALA A 406 36.12 63.82 15.09
CA ALA A 406 35.78 62.43 15.39
C ALA A 406 35.60 61.63 14.11
N GLU A 407 35.17 62.31 13.06
CA GLU A 407 34.93 61.68 11.77
C GLU A 407 36.23 61.38 11.02
N ASP A 408 37.34 61.88 11.54
CA ASP A 408 38.64 61.68 10.88
C ASP A 408 39.38 60.47 11.44
N MET A 409 38.86 59.89 12.52
CA MET A 409 39.50 58.75 13.14
C MET A 409 39.45 57.53 12.23
N PRO A 410 40.45 56.65 12.33
CA PRO A 410 40.52 55.44 11.50
C PRO A 410 39.42 54.41 11.80
N VAL A 411 38.22 54.89 12.12
CA VAL A 411 37.08 54.01 12.35
C VAL A 411 36.24 53.93 11.08
N TYR A 412 36.06 52.72 10.57
CA TYR A 412 35.34 52.54 9.31
C TYR A 412 34.07 51.72 9.48
N GLY A 413 33.04 52.08 8.73
CA GLY A 413 31.80 51.33 8.72
C GLY A 413 31.72 50.47 7.47
N THR A 414 31.84 49.17 7.64
CA THR A 414 31.91 48.26 6.50
C THR A 414 30.77 47.27 6.45
N GLN A 415 30.55 46.70 5.27
CA GLN A 415 29.57 45.64 5.07
C GLN A 415 30.15 44.58 4.14
N ALA A 416 30.88 43.64 4.72
CA ALA A 416 31.61 42.65 3.95
C ALA A 416 30.70 41.69 3.17
N SER A 417 29.47 41.55 3.63
CA SER A 417 28.51 40.66 2.97
C SER A 417 28.10 41.23 1.62
N ARG A 418 28.15 42.56 1.52
CA ARG A 418 27.76 43.30 0.33
C ARG A 418 28.91 43.39 -0.68
N PHE A 419 28.65 42.88 -1.88
CA PHE A 419 29.64 42.84 -2.94
C PHE A 419 30.05 44.25 -3.39
N ASN A 420 31.36 44.47 -3.51
CA ASN A 420 31.91 45.77 -3.91
C ASN A 420 31.45 46.92 -3.01
N ASP A 421 31.27 46.63 -1.73
CA ASP A 421 30.87 47.63 -0.75
C ASP A 421 31.84 48.79 -0.73
N ASP A 422 31.32 50.01 -0.83
CA ASP A 422 32.16 51.20 -0.83
C ASP A 422 32.82 51.40 0.53
N GLY A 423 32.17 50.91 1.58
CA GLY A 423 32.73 50.97 2.92
C GLY A 423 34.02 50.20 3.03
N VAL A 424 33.98 48.93 2.63
CA VAL A 424 35.16 48.07 2.65
C VAL A 424 36.30 48.68 1.84
N THR A 425 35.96 49.25 0.69
CA THR A 425 36.94 49.90 -0.17
C THR A 425 37.61 51.07 0.55
N MET A 426 36.81 51.83 1.30
CA MET A 426 37.34 52.95 2.08
C MET A 426 38.35 52.47 3.11
N LEU A 427 38.01 51.38 3.80
CA LEU A 427 38.93 50.78 4.76
C LEU A 427 40.20 50.32 4.08
N TYR A 428 40.05 49.74 2.88
CA TYR A 428 41.18 49.29 2.11
C TYR A 428 42.13 50.43 1.76
N GLN A 429 41.56 51.53 1.28
CA GLN A 429 42.34 52.72 0.93
C GLN A 429 43.16 53.19 2.13
N GLY A 430 42.57 53.10 3.32
CA GLY A 430 43.25 53.48 4.54
C GLY A 430 44.38 52.54 4.87
N LEU A 431 44.12 51.24 4.76
CA LEU A 431 45.14 50.23 5.05
C LEU A 431 46.32 50.35 4.09
N VAL A 432 46.03 50.72 2.84
CA VAL A 432 47.08 50.88 1.84
C VAL A 432 48.01 52.02 2.23
N GLY A 433 47.42 53.17 2.57
CA GLY A 433 48.19 54.34 2.96
C GLY A 433 49.08 54.08 4.16
N ALA A 434 48.59 53.25 5.08
CA ALA A 434 49.34 52.91 6.28
C ALA A 434 50.42 51.88 5.98
N LEU A 435 50.09 50.90 5.13
CA LEU A 435 51.06 49.90 4.72
C LEU A 435 52.10 50.49 3.78
N GLY A 436 51.71 51.53 3.06
CA GLY A 436 52.62 52.21 2.15
C GLY A 436 53.74 52.90 2.91
N ALA A 437 53.37 53.62 3.97
CA ALA A 437 54.34 54.33 4.79
C ALA A 437 55.21 53.36 5.58
N ARG A 438 54.71 52.14 5.77
CA ARG A 438 55.42 51.12 6.54
C ARG A 438 56.25 50.21 5.63
N GLY A 439 56.74 50.79 4.53
CA GLY A 439 57.60 50.06 3.61
C GLY A 439 56.92 48.92 2.87
N MET A 440 56.10 49.27 1.89
CA MET A 440 55.46 48.28 1.03
C MET A 440 55.18 48.88 -0.34
N SER A 441 56.05 48.57 -1.30
CA SER A 441 55.94 49.11 -2.64
C SER A 441 54.65 48.66 -3.31
N LEU A 442 53.85 49.62 -3.74
CA LEU A 442 52.62 49.30 -4.47
C LEU A 442 52.33 50.34 -5.54
N LYS A 443 51.82 49.86 -6.66
CA LYS A 443 51.48 50.72 -7.80
C LYS A 443 50.28 51.58 -7.48
N PRO A 444 50.16 52.74 -8.14
CA PRO A 444 48.96 53.57 -8.01
C PRO A 444 47.71 52.76 -8.35
N GLY A 445 46.78 52.70 -7.41
CA GLY A 445 45.63 51.82 -7.51
C GLY A 445 44.70 52.04 -8.69
N THR A 446 43.97 50.99 -9.05
CA THR A 446 43.00 51.06 -10.14
C THR A 446 41.59 51.15 -9.58
N LEU A 447 41.49 51.15 -8.26
CA LEU A 447 40.20 51.23 -7.57
C LEU A 447 39.79 52.68 -7.33
N PRO A 448 38.47 52.92 -7.21
CA PRO A 448 37.94 54.26 -6.90
C PRO A 448 38.44 54.78 -5.57
N ASN A 449 39.46 55.63 -5.62
CA ASN A 449 40.03 56.22 -4.41
C ASN A 449 39.06 57.18 -3.76
N LEU A 450 38.00 56.62 -3.17
CA LEU A 450 36.94 57.44 -2.59
C LEU A 450 37.29 57.97 -1.20
N GLU A 451 36.44 58.84 -0.69
CA GLU A 451 36.63 59.46 0.61
C GLU A 451 35.42 59.19 1.50
N GLY A 452 35.64 59.18 2.81
CA GLY A 452 34.58 58.86 3.75
C GLY A 452 35.00 57.69 4.64
N ARG A 453 34.22 57.44 5.69
CA ARG A 453 34.54 56.38 6.63
C ARG A 453 33.42 55.37 6.78
N ILE A 454 32.30 55.65 6.12
CA ILE A 454 31.08 54.88 6.33
C ILE A 454 30.48 54.37 5.03
N SER A 455 30.08 53.10 5.03
CA SER A 455 29.41 52.50 3.88
C SER A 455 28.07 53.16 3.58
N THR A 456 27.73 53.23 2.30
CA THR A 456 26.48 53.82 1.86
C THR A 456 25.51 52.77 1.31
N GLY A 457 25.68 51.52 1.74
CA GLY A 457 24.80 50.45 1.33
C GLY A 457 23.41 50.59 1.92
N GLN A 458 22.51 51.20 1.15
CA GLN A 458 21.17 51.51 1.63
C GLN A 458 20.13 50.46 1.21
N ASN A 459 20.59 49.27 0.85
CA ASN A 459 19.69 48.19 0.48
C ASN A 459 19.12 47.50 1.71
N VAL A 460 17.82 47.19 1.66
CA VAL A 460 17.17 46.43 2.72
C VAL A 460 16.16 45.43 2.15
N ILE A 461 16.19 44.20 2.66
CA ILE A 461 15.25 43.18 2.25
C ILE A 461 14.01 43.23 3.12
N VAL A 462 14.21 43.28 4.43
CA VAL A 462 13.12 43.41 5.39
C VAL A 462 13.46 44.48 6.41
N PRO A 463 12.67 45.56 6.45
CA PRO A 463 12.90 46.68 7.36
C PRO A 463 12.85 46.26 8.82
N PRO A 464 13.78 46.76 9.64
CA PRO A 464 13.88 46.42 11.07
C PRO A 464 12.59 46.68 11.83
N ALA A 465 11.73 47.53 11.29
CA ALA A 465 10.42 47.80 11.88
C ALA A 465 9.55 46.55 11.79
N ARG A 466 9.73 45.77 10.73
CA ARG A 466 8.96 44.55 10.53
C ARG A 466 9.74 43.31 10.97
N SER A 467 10.78 43.53 11.76
CA SER A 467 11.70 42.45 12.15
C SER A 467 10.99 41.26 12.78
N ARG A 468 9.95 41.53 13.54
CA ARG A 468 9.22 40.48 14.25
C ARG A 468 7.96 40.06 13.50
N TYR A 469 8.05 39.98 12.18
CA TYR A 469 6.87 39.67 11.36
C TYR A 469 6.37 38.25 11.63
N LEU A 470 7.30 37.32 11.80
CA LEU A 470 6.93 35.93 12.04
C LEU A 470 6.15 35.77 13.34
N ALA A 471 6.56 36.51 14.37
CA ALA A 471 5.89 36.45 15.66
C ALA A 471 4.47 36.98 15.54
N GLU A 472 4.29 38.00 14.71
CA GLU A 472 2.99 38.60 14.48
C GLU A 472 2.05 37.61 13.80
N LEU A 473 2.60 36.85 12.86
CA LEU A 473 1.84 35.84 12.15
C LEU A 473 1.40 34.74 13.09
N ALA A 474 2.28 34.39 14.03
CA ALA A 474 1.96 33.40 15.05
C ALA A 474 0.78 33.88 15.89
N ASP A 475 0.82 35.15 16.28
CA ASP A 475 -0.25 35.75 17.07
C ASP A 475 -1.55 35.77 16.29
N THR A 476 -1.45 36.04 14.99
CA THR A 476 -2.63 36.12 14.12
C THR A 476 -3.38 34.79 14.07
N VAL A 477 -2.64 33.70 13.91
CA VAL A 477 -3.24 32.38 13.85
C VAL A 477 -3.85 31.97 15.19
N ARG A 478 -3.09 32.16 16.26
CA ARG A 478 -3.58 31.85 17.60
C ARG A 478 -4.81 32.68 17.94
N ALA A 479 -4.84 33.91 17.46
CA ALA A 479 -5.98 34.80 17.68
C ALA A 479 -7.21 34.29 16.96
N TYR A 480 -7.01 33.76 15.76
CA TYR A 480 -8.11 33.20 14.98
C TYR A 480 -8.74 32.02 15.70
N HIS A 481 -7.91 31.15 16.25
CA HIS A 481 -8.40 29.98 16.97
C HIS A 481 -9.13 30.35 18.26
N ARG A 482 -8.66 31.40 18.92
CA ARG A 482 -9.34 31.89 20.11
C ARG A 482 -10.76 32.33 19.76
N ARG A 483 -10.91 32.88 18.56
CA ARG A 483 -12.22 33.32 18.09
C ARG A 483 -13.12 32.13 17.81
N VAL A 484 -12.56 31.10 17.19
CA VAL A 484 -13.32 29.89 16.89
C VAL A 484 -13.90 29.28 18.17
N VAL A 485 -13.10 29.26 19.23
CA VAL A 485 -13.54 28.73 20.51
C VAL A 485 -14.70 29.55 21.09
N ALA A 486 -14.53 30.86 21.10
CA ALA A 486 -15.51 31.77 21.68
C ALA A 486 -16.81 31.78 20.88
N GLN A 487 -16.70 31.86 19.56
CA GLN A 487 -17.87 31.89 18.69
C GLN A 487 -18.63 30.57 18.73
N SER A 488 -17.91 29.47 18.92
CA SER A 488 -18.54 28.16 19.06
C SER A 488 -19.38 28.10 20.32
N LYS A 489 -18.79 28.51 21.43
CA LYS A 489 -19.47 28.53 22.71
C LYS A 489 -20.76 29.36 22.62
N LEU A 490 -20.68 30.47 21.90
CA LEU A 490 -21.85 31.34 21.71
C LEU A 490 -22.91 30.64 20.87
N ALA A 491 -22.50 30.09 19.73
CA ALA A 491 -23.43 29.39 18.84
C ALA A 491 -24.05 28.18 19.52
N ARG A 492 -23.26 27.52 20.36
CA ARG A 492 -23.73 26.37 21.11
C ARG A 492 -24.79 26.77 22.13
N GLU A 493 -24.46 27.77 22.93
CA GLU A 493 -25.39 28.29 23.94
C GLU A 493 -26.68 28.79 23.32
N ARG A 494 -26.54 29.51 22.21
CA ARG A 494 -27.69 30.06 21.50
C ARG A 494 -28.66 28.96 21.10
N GLN A 495 -28.12 27.86 20.60
CA GLN A 495 -28.94 26.72 20.20
C GLN A 495 -29.56 26.05 21.42
N GLN A 496 -28.77 25.86 22.47
CA GLN A 496 -29.24 25.22 23.69
C GLN A 496 -30.42 25.98 24.31
N LEU A 497 -30.35 27.30 24.24
CA LEU A 497 -31.42 28.14 24.79
C LEU A 497 -32.71 27.96 24.01
N ARG A 498 -32.65 28.23 22.71
CA ARG A 498 -33.83 28.12 21.85
C ARG A 498 -34.38 26.71 21.81
N ALA A 499 -33.51 25.73 22.04
CA ALA A 499 -33.93 24.34 22.12
C ALA A 499 -34.80 24.14 23.36
N ALA A 500 -34.33 24.65 24.48
CA ALA A 500 -35.07 24.55 25.74
C ALA A 500 -36.36 25.36 25.68
N HIS A 501 -36.32 26.46 24.93
CA HIS A 501 -37.48 27.33 24.77
C HIS A 501 -38.61 26.60 24.04
N ASP A 502 -38.25 25.83 23.02
CA ASP A 502 -39.23 25.08 22.23
C ASP A 502 -39.77 23.91 23.03
N MET A 503 -38.98 23.38 23.95
CA MET A 503 -39.37 22.24 24.75
C MET A 503 -40.30 22.66 25.89
N LEU A 504 -40.10 23.88 26.38
CA LEU A 504 -40.96 24.42 27.42
C LEU A 504 -42.35 24.72 26.88
N GLN A 505 -42.41 25.29 25.68
CA GLN A 505 -43.67 25.61 25.05
C GLN A 505 -44.43 24.35 24.63
N GLY A 506 -43.69 23.26 24.46
CA GLY A 506 -44.29 21.98 24.15
C GLY A 506 -44.89 21.34 25.39
N ALA A 507 -44.52 21.85 26.55
CA ALA A 507 -45.02 21.34 27.82
C ALA A 507 -46.04 22.31 28.44
N GLY A 508 -46.00 23.56 27.99
CA GLY A 508 -46.93 24.57 28.48
C GLY A 508 -46.26 25.81 29.01
N HIS A 509 -45.31 25.63 29.93
CA HIS A 509 -44.65 26.76 30.59
C HIS A 509 -43.87 27.63 29.63
N GLU A 510 -44.51 28.68 29.12
CA GLU A 510 -43.83 29.61 28.23
C GLU A 510 -43.03 30.65 29.02
N SER A 511 -41.71 30.51 28.98
CA SER A 511 -40.82 31.46 29.64
C SER A 511 -39.99 32.21 28.60
N ALA A 512 -40.37 33.45 28.31
CA ALA A 512 -39.67 34.27 27.33
C ALA A 512 -38.33 34.75 27.88
N ALA A 513 -38.06 34.40 29.12
CA ALA A 513 -36.79 34.74 29.77
C ALA A 513 -35.63 34.05 29.06
N LEU A 514 -35.89 32.86 28.53
CA LEU A 514 -34.89 32.12 27.76
C LEU A 514 -34.57 32.86 26.46
N GLU A 515 -35.60 33.35 25.79
CA GLU A 515 -35.46 34.02 24.50
C GLU A 515 -34.61 35.28 24.61
N THR A 516 -34.69 35.94 25.76
CA THR A 516 -33.91 37.15 26.01
C THR A 516 -32.42 36.86 25.96
N LEU A 517 -32.03 35.72 26.54
CA LEU A 517 -30.63 35.31 26.54
C LEU A 517 -30.21 34.81 25.16
N ALA A 518 -31.17 34.32 24.39
CA ALA A 518 -30.89 33.82 23.04
C ALA A 518 -30.62 34.96 22.08
N SER A 519 -31.53 35.94 22.06
CA SER A 519 -31.38 37.12 21.21
C SER A 519 -30.13 37.89 21.60
N GLU A 520 -29.73 37.76 22.86
CA GLU A 520 -28.52 38.37 23.38
C GLU A 520 -27.28 37.80 22.70
N ARG A 521 -27.36 36.54 22.29
CA ARG A 521 -26.22 35.87 21.69
C ARG A 521 -26.24 35.92 20.15
N ASP A 522 -27.33 36.43 19.59
CA ASP A 522 -27.38 36.69 18.16
C ASP A 522 -26.45 37.84 17.81
N VAL A 523 -26.39 38.82 18.71
CA VAL A 523 -25.53 39.98 18.54
C VAL A 523 -24.08 39.64 18.90
N SER A 524 -23.93 38.76 19.89
CA SER A 524 -22.61 38.32 20.34
C SER A 524 -21.87 37.60 19.22
N LEU A 525 -22.61 36.82 18.43
CA LEU A 525 -22.05 36.15 17.26
C LEU A 525 -21.65 37.17 16.20
N GLY A 526 -20.50 36.93 15.57
CA GLY A 526 -20.02 37.81 14.52
C GLY A 526 -20.90 37.73 13.28
N ALA A 527 -20.71 38.67 12.37
CA ALA A 527 -21.49 38.71 11.14
C ALA A 527 -21.16 37.52 10.25
N VAL A 528 -19.87 37.24 10.11
CA VAL A 528 -19.40 36.15 9.26
C VAL A 528 -19.80 34.80 9.82
N GLU A 529 -19.70 34.65 11.15
CA GLU A 529 -20.04 33.41 11.81
C GLU A 529 -21.53 33.11 11.72
N ARG A 530 -22.35 34.15 11.83
CA ARG A 530 -23.80 34.00 11.76
C ARG A 530 -24.22 33.51 10.38
N LYS A 531 -23.55 34.01 9.34
CA LYS A 531 -23.88 33.64 7.98
C LYS A 531 -23.39 32.23 7.66
N LEU A 532 -22.30 31.82 8.30
CA LEU A 532 -21.75 30.47 8.13
C LEU A 532 -22.77 29.40 8.54
N LEU A 533 -23.31 29.55 9.74
CA LEU A 533 -24.31 28.62 10.26
C LEU A 533 -25.60 28.69 9.45
N ALA A 534 -25.92 29.88 8.96
CA ALA A 534 -27.15 30.10 8.20
C ALA A 534 -27.10 29.39 6.85
N MET A 535 -25.91 29.34 6.25
CA MET A 535 -25.73 28.71 4.94
C MET A 535 -25.52 27.20 5.06
N TRP A 536 -25.34 26.74 6.29
CA TRP A 536 -25.08 25.31 6.53
C TRP A 536 -26.18 24.37 6.02
N PRO A 537 -27.46 24.68 6.28
CA PRO A 537 -28.46 23.76 5.72
C PRO A 537 -28.49 23.78 4.20
N GLN A 538 -28.29 24.96 3.61
CA GLN A 538 -28.23 25.09 2.16
C GLN A 538 -26.99 24.42 1.62
N MET A 539 -25.92 24.43 2.41
CA MET A 539 -24.67 23.78 2.06
C MET A 539 -24.85 22.26 2.00
N GLN A 540 -25.62 21.73 2.94
CA GLN A 540 -25.87 20.29 3.02
C GLN A 540 -26.66 19.78 1.81
N GLN A 541 -27.66 20.54 1.40
CA GLN A 541 -28.49 20.14 0.27
C GLN A 541 -27.69 20.13 -1.04
N ALA A 542 -26.64 20.95 -1.09
CA ALA A 542 -25.81 21.02 -2.28
C ALA A 542 -25.01 19.74 -2.49
N TYR A 543 -24.28 19.33 -1.45
CA TYR A 543 -23.42 18.15 -1.52
C TYR A 543 -24.19 16.84 -1.33
N SER A 544 -25.52 16.94 -1.26
CA SER A 544 -26.36 15.77 -1.03
C SER A 544 -26.67 15.03 -2.32
N GLY A 545 -27.09 15.77 -3.33
CA GLY A 545 -27.53 15.19 -4.59
C GLY A 545 -26.44 14.50 -5.39
N ASP A 546 -26.77 14.16 -6.63
CA ASP A 546 -25.83 13.49 -7.53
C ASP A 546 -25.03 14.50 -8.34
N GLU A 547 -25.46 15.76 -8.32
CA GLU A 547 -24.74 16.81 -9.04
C GLU A 547 -24.62 18.09 -8.22
N TYR A 548 -23.66 18.93 -8.61
CA TYR A 548 -23.40 20.19 -7.92
C TYR A 548 -23.67 21.35 -8.86
N VAL A 549 -24.90 21.86 -8.79
CA VAL A 549 -25.35 22.94 -9.67
C VAL A 549 -24.92 24.31 -9.16
N ILE A 557 -22.91 25.03 -15.48
CA ILE A 557 -21.99 24.83 -14.37
C ILE A 557 -22.46 23.71 -13.46
N ARG A 558 -22.21 22.46 -13.86
CA ARG A 558 -22.63 21.29 -13.09
C ARG A 558 -21.48 20.30 -12.91
N THR A 559 -21.32 19.80 -11.69
CA THR A 559 -20.27 18.84 -11.38
C THR A 559 -20.84 17.61 -10.68
N GLY A 560 -20.38 16.43 -11.09
CA GLY A 560 -20.83 15.19 -10.47
C GLY A 560 -20.25 15.02 -9.07
N LEU A 561 -21.06 14.50 -8.16
CA LEU A 561 -20.64 14.29 -6.79
C LEU A 561 -20.45 12.82 -6.47
N ILE A 562 -21.08 11.97 -7.27
CA ILE A 562 -21.16 10.55 -6.96
C ILE A 562 -20.31 9.71 -7.89
N SER A 563 -19.53 8.80 -7.29
CA SER A 563 -18.87 7.74 -8.04
C SER A 563 -19.32 6.40 -7.48
N THR A 564 -19.91 5.57 -8.32
CA THR A 564 -20.53 4.32 -7.87
C THR A 564 -19.60 3.13 -8.01
N THR A 565 -19.50 2.32 -6.96
CA THR A 565 -18.61 1.18 -6.94
C THR A 565 -19.22 -0.02 -7.66
N LEU A 566 -18.43 -1.07 -7.81
CA LEU A 566 -18.90 -2.32 -8.42
C LEU A 566 -20.03 -2.93 -7.60
N SER A 567 -20.02 -2.64 -6.30
CA SER A 567 -21.02 -3.16 -5.40
C SER A 567 -22.31 -2.33 -5.47
N GLY A 568 -22.19 -1.14 -6.04
CA GLY A 568 -23.33 -0.26 -6.19
C GLY A 568 -23.44 0.77 -5.08
N THR A 569 -22.32 1.05 -4.43
CA THR A 569 -22.29 2.03 -3.35
C THR A 569 -21.98 3.42 -3.87
N LYS A 570 -22.74 4.41 -3.41
CA LYS A 570 -22.51 5.79 -3.83
C LYS A 570 -21.45 6.47 -2.96
N ILE A 571 -20.25 6.64 -3.52
CA ILE A 571 -19.16 7.30 -2.81
C ILE A 571 -19.12 8.79 -3.12
N ARG A 572 -19.59 9.61 -2.20
CA ARG A 572 -19.63 11.06 -2.40
C ARG A 572 -18.22 11.62 -2.49
N LYS A 573 -18.01 12.56 -3.41
CA LYS A 573 -16.71 13.20 -3.58
C LYS A 573 -16.32 13.96 -2.32
N VAL A 574 -17.26 14.72 -1.79
CA VAL A 574 -17.03 15.45 -0.55
C VAL A 574 -18.05 15.05 0.51
N VAL A 575 -17.57 14.46 1.60
CA VAL A 575 -18.45 14.00 2.66
C VAL A 575 -18.58 15.05 3.77
N LEU A 576 -19.82 15.42 4.07
CA LEU A 576 -20.10 16.42 5.10
C LEU A 576 -20.35 15.77 6.46
N PRO A 577 -20.01 16.48 7.54
CA PRO A 577 -20.27 16.01 8.90
C PRO A 577 -21.77 15.94 9.20
N ARG A 578 -22.15 15.09 10.15
CA ARG A 578 -23.54 14.95 10.53
C ARG A 578 -23.78 15.39 11.97
N PHE A 579 -23.16 16.50 12.35
CA PHE A 579 -23.30 17.05 13.69
C PHE A 579 -24.66 17.66 13.89
N GLU A 580 -25.17 17.57 15.12
CA GLU A 580 -26.41 18.25 15.48
C GLU A 580 -26.08 19.54 16.21
N ASP A 581 -25.03 19.49 17.02
CA ASP A 581 -24.54 20.65 17.76
C ASP A 581 -24.06 21.74 16.82
N GLU A 582 -24.70 22.91 16.88
CA GLU A 582 -24.28 24.04 16.06
C GLU A 582 -22.92 24.57 16.50
N GLY A 583 -22.53 24.22 17.72
CA GLY A 583 -21.21 24.56 18.22
C GLY A 583 -20.13 23.81 17.47
N GLU A 584 -20.39 22.54 17.18
CA GLU A 584 -19.46 21.71 16.42
C GLU A 584 -19.47 22.10 14.95
N ILE A 585 -20.64 22.45 14.43
CA ILE A 585 -20.79 22.87 13.04
C ILE A 585 -19.95 24.10 12.75
N LEU A 586 -20.12 25.13 13.58
CA LEU A 586 -19.38 26.38 13.39
C LEU A 586 -17.89 26.16 13.61
N LYS A 587 -17.56 25.37 14.63
CA LYS A 587 -16.17 25.03 14.91
C LYS A 587 -15.52 24.38 13.70
N TRP A 588 -16.24 23.47 13.06
CA TRP A 588 -15.74 22.78 11.88
C TRP A 588 -15.68 23.71 10.68
N LEU A 589 -16.71 24.53 10.50
CA LEU A 589 -16.77 25.44 9.37
C LEU A 589 -15.67 26.51 9.41
N MET A 590 -15.17 26.78 10.62
CA MET A 590 -14.14 27.81 10.80
C MET A 590 -12.74 27.22 10.77
N ARG A 591 -12.60 25.99 11.25
CA ARG A 591 -11.30 25.35 11.31
C ARG A 591 -10.99 24.54 10.05
N GLU A 592 -11.98 23.80 9.57
CA GLU A 592 -11.81 22.96 8.38
C GLU A 592 -13.04 22.93 7.50
N ASN A 593 -13.29 24.01 6.76
CA ASN A 593 -14.43 24.02 5.85
C ASN A 593 -14.20 23.02 4.71
N VAL A 594 -15.23 22.77 3.92
CA VAL A 594 -15.12 21.89 2.76
C VAL A 594 -14.04 22.40 1.81
N PRO A 595 -13.53 21.51 0.93
CA PRO A 595 -12.59 21.97 -0.10
C PRO A 595 -13.17 23.10 -0.93
N GLY A 596 -12.43 24.20 -1.06
CA GLY A 596 -12.86 25.34 -1.85
C GLY A 596 -13.50 26.43 -1.03
N SER A 597 -13.34 26.37 0.29
CA SER A 597 -13.89 27.37 1.18
C SER A 597 -12.92 27.68 2.31
N PHE A 598 -12.85 28.95 2.70
CA PHE A 598 -11.95 29.39 3.76
C PHE A 598 -12.13 28.58 5.04
N PRO A 599 -11.01 28.19 5.70
CA PRO A 599 -9.62 28.51 5.37
C PRO A 599 -8.95 27.52 4.42
N TYR A 600 -9.74 26.86 3.56
CA TYR A 600 -9.19 25.96 2.55
C TYR A 600 -8.32 24.86 3.13
N THR A 601 -8.70 24.34 4.29
CA THR A 601 -7.90 23.32 4.95
C THR A 601 -7.88 22.03 4.12
N ALA A 602 -9.03 21.64 3.61
CA ALA A 602 -9.15 20.38 2.87
C ALA A 602 -8.91 20.59 1.37
N GLY A 603 -8.30 21.71 1.01
CA GLY A 603 -7.99 22.01 -0.37
C GLY A 603 -8.42 23.40 -0.77
N VAL A 604 -7.73 23.97 -1.75
CA VAL A 604 -8.00 25.34 -2.19
C VAL A 604 -9.09 25.36 -3.26
N PHE A 605 -9.39 24.21 -3.83
CA PHE A 605 -10.40 24.10 -4.87
C PHE A 605 -11.58 23.26 -4.42
N ALA A 606 -12.74 23.47 -5.05
CA ALA A 606 -13.95 22.75 -4.69
C ALA A 606 -13.82 21.25 -4.95
N PHE A 607 -13.50 20.90 -6.19
CA PHE A 607 -13.32 19.51 -6.56
C PHE A 607 -12.06 19.34 -7.39
N LYS A 608 -11.42 18.17 -7.28
CA LYS A 608 -10.18 17.89 -7.99
C LYS A 608 -10.40 17.93 -9.51
N ARG A 609 -9.36 18.32 -10.24
CA ARG A 609 -9.43 18.47 -11.69
C ARG A 609 -9.91 17.20 -12.39
N GLU A 610 -10.72 17.37 -13.42
CA GLU A 610 -11.33 16.24 -14.12
C GLU A 610 -10.30 15.49 -14.97
N GLY A 611 -9.63 16.19 -15.88
CA GLY A 611 -8.70 15.55 -16.79
C GLY A 611 -7.26 15.61 -16.32
N GLU A 612 -6.85 16.78 -15.84
CA GLU A 612 -5.46 17.02 -15.44
C GLU A 612 -5.17 16.50 -14.04
N ASP A 613 -4.68 15.27 -13.94
CA ASP A 613 -4.26 14.70 -12.67
C ASP A 613 -3.08 15.49 -12.09
N PRO A 614 -2.88 15.43 -10.76
CA PRO A 614 -1.79 16.19 -10.14
C PRO A 614 -0.40 15.66 -10.49
N THR A 615 -0.34 14.53 -11.18
CA THR A 615 0.93 13.88 -11.55
C THR A 615 1.85 14.82 -12.33
N ARG A 616 3.11 14.88 -11.90
CA ARG A 616 4.13 15.64 -12.60
C ARG A 616 5.52 15.06 -12.32
N MET A 617 6.02 14.25 -13.24
CA MET A 617 7.25 13.48 -13.00
C MET A 617 8.53 14.24 -13.34
N PHE A 618 9.38 14.39 -12.32
CA PHE A 618 10.73 14.93 -12.46
C PHE A 618 11.52 14.14 -13.50
N ALA A 619 12.16 14.84 -14.42
CA ALA A 619 12.90 14.15 -15.49
C ALA A 619 14.11 14.95 -15.94
N GLY A 620 15.12 14.25 -16.45
CA GLY A 620 16.32 14.89 -16.96
C GLY A 620 17.51 13.95 -17.01
N GLU A 621 18.02 13.71 -18.21
CA GLU A 621 19.20 12.89 -18.41
C GLU A 621 19.83 13.14 -19.77
N GLY A 622 21.15 13.21 -19.81
CA GLY A 622 21.86 13.41 -21.07
C GLY A 622 21.67 14.80 -21.64
N ASP A 623 21.66 14.89 -22.97
CA ASP A 623 21.47 16.17 -23.64
C ASP A 623 19.99 16.48 -23.80
N ALA A 624 19.68 17.66 -24.35
CA ALA A 624 18.31 18.11 -24.51
C ALA A 624 17.48 17.16 -25.37
N PHE A 625 18.15 16.44 -26.26
CA PHE A 625 17.48 15.51 -27.16
C PHE A 625 16.92 14.30 -26.41
N ARG A 626 17.73 13.71 -25.55
CA ARG A 626 17.33 12.51 -24.81
C ARG A 626 16.23 12.81 -23.80
N THR A 627 16.33 13.96 -23.14
CA THR A 627 15.34 14.34 -22.15
C THR A 627 13.99 14.62 -22.82
N ASN A 628 14.04 15.19 -24.01
CA ASN A 628 12.84 15.45 -24.79
C ASN A 628 12.11 14.15 -25.09
N ARG A 629 12.86 13.04 -25.15
CA ARG A 629 12.25 11.72 -25.29
C ARG A 629 11.57 11.29 -24.00
N ARG A 630 12.24 11.51 -22.87
CA ARG A 630 11.72 11.12 -21.56
C ARG A 630 10.46 11.92 -21.21
N PHE A 631 10.41 13.17 -21.63
CA PHE A 631 9.21 13.98 -21.46
C PHE A 631 8.03 13.33 -22.18
N LYS A 632 8.27 12.89 -23.41
CA LYS A 632 7.21 12.28 -24.21
C LYS A 632 6.85 10.88 -23.68
N LEU A 633 7.79 10.26 -22.97
CA LEU A 633 7.56 8.94 -22.38
C LEU A 633 6.63 9.04 -21.18
N VAL A 634 6.89 10.01 -20.31
CA VAL A 634 6.07 10.23 -19.14
C VAL A 634 4.68 10.74 -19.52
N SER A 635 4.66 11.78 -20.36
CA SER A 635 3.41 12.42 -20.75
C SER A 635 2.68 11.66 -21.85
N GLU A 636 3.08 10.42 -22.11
CA GLU A 636 2.40 9.62 -23.11
C GLU A 636 1.07 9.11 -22.58
N GLY A 637 0.02 9.28 -23.36
CA GLY A 637 -1.31 8.81 -22.99
C GLY A 637 -2.03 9.77 -22.06
N MET A 638 -1.50 10.97 -21.91
CA MET A 638 -2.12 11.97 -21.07
C MET A 638 -2.42 13.24 -21.86
N GLU A 639 -3.68 13.66 -21.85
CA GLU A 639 -4.09 14.86 -22.58
C GLU A 639 -3.44 16.09 -21.96
N ALA A 640 -3.22 16.03 -20.65
CA ALA A 640 -2.57 17.12 -19.93
C ALA A 640 -1.08 16.86 -19.79
N LYS A 641 -0.27 17.68 -20.43
CA LYS A 641 1.18 17.54 -20.41
C LYS A 641 1.79 18.29 -19.24
N ARG A 642 2.15 17.55 -18.19
CA ARG A 642 2.78 18.15 -17.01
C ARG A 642 4.23 17.70 -16.90
N LEU A 643 5.14 18.55 -17.35
CA LEU A 643 6.55 18.21 -17.39
C LEU A 643 7.31 18.75 -16.17
N SER A 644 8.33 18.01 -15.74
CA SER A 644 9.17 18.46 -14.64
C SER A 644 10.63 18.21 -14.98
N THR A 645 11.39 19.30 -15.15
CA THR A 645 12.75 19.23 -15.70
C THR A 645 13.84 19.22 -14.64
N ALA A 646 14.75 18.25 -14.75
CA ALA A 646 15.91 18.16 -13.86
C ALA A 646 17.18 18.46 -14.62
N PHE A 647 17.95 19.44 -14.16
CA PHE A 647 19.19 19.82 -14.86
C PHE A 647 20.42 19.17 -14.25
N ASP A 648 21.45 18.96 -15.05
CA ASP A 648 22.68 18.36 -14.56
C ASP A 648 23.42 19.35 -13.66
N SER A 649 24.35 18.82 -12.86
CA SER A 649 25.04 19.62 -11.86
C SER A 649 25.75 20.84 -12.46
N VAL A 650 26.17 20.72 -13.71
CA VAL A 650 26.87 21.81 -14.38
C VAL A 650 25.91 22.96 -14.69
N THR A 651 24.72 22.63 -15.16
CA THR A 651 23.71 23.66 -15.46
C THR A 651 23.16 24.27 -14.17
N LEU A 652 23.03 23.45 -13.14
CA LEU A 652 22.54 23.92 -11.85
C LEU A 652 23.43 24.99 -11.25
N TYR A 653 24.69 25.00 -11.66
CA TYR A 653 25.64 25.98 -11.14
C TYR A 653 26.03 27.00 -12.21
N GLY A 654 25.19 27.12 -13.23
CA GLY A 654 25.32 28.16 -14.23
C GLY A 654 26.57 28.09 -15.07
N GLU A 655 27.14 26.89 -15.19
CA GLU A 655 28.36 26.72 -15.95
C GLU A 655 28.12 26.08 -17.31
N ASP A 656 28.95 26.44 -18.28
CA ASP A 656 28.92 25.77 -19.58
C ASP A 656 29.70 24.46 -19.50
N PRO A 657 29.30 23.46 -20.29
CA PRO A 657 30.06 22.22 -20.34
C PRO A 657 31.47 22.46 -20.86
N HIS A 658 32.47 21.81 -20.26
CA HIS A 658 33.86 22.04 -20.66
C HIS A 658 34.66 20.74 -20.67
N GLU A 659 35.85 20.80 -21.26
CA GLU A 659 36.70 19.62 -21.40
C GLU A 659 37.35 19.17 -20.09
N ARG A 660 37.51 20.06 -19.12
CA ARG A 660 38.19 19.69 -17.87
C ARG A 660 37.43 18.57 -17.14
N PRO A 661 38.16 17.52 -16.69
CA PRO A 661 37.56 16.36 -16.03
C PRO A 661 36.70 16.71 -14.82
N ASP A 662 37.04 17.81 -14.15
CA ASP A 662 36.22 18.37 -13.08
C ASP A 662 34.77 18.50 -13.54
N ILE A 663 34.61 19.10 -14.72
CA ILE A 663 33.30 19.43 -15.27
C ILE A 663 32.79 18.37 -16.24
N TYR A 664 33.67 17.93 -17.14
CA TYR A 664 33.28 17.03 -18.23
C TYR A 664 32.54 15.78 -17.76
N GLY A 665 33.02 15.20 -16.66
CA GLY A 665 32.43 13.98 -16.13
C GLY A 665 31.02 14.18 -15.61
N LYS A 666 30.67 15.43 -15.34
CA LYS A 666 29.38 15.75 -14.75
C LYS A 666 28.37 16.23 -15.77
N VAL A 667 28.81 16.44 -17.00
CA VAL A 667 27.94 16.93 -18.06
C VAL A 667 26.91 15.88 -18.47
N GLY A 668 25.64 16.24 -18.40
CA GLY A 668 24.57 15.34 -18.81
C GLY A 668 24.27 14.27 -17.78
N ASN A 669 24.95 14.33 -16.64
CA ASN A 669 24.69 13.42 -15.54
C ASN A 669 23.90 14.08 -14.43
N SER A 670 22.96 13.32 -13.85
CA SER A 670 22.05 13.78 -12.80
C SER A 670 21.01 14.76 -13.32
N GLY A 671 20.93 14.93 -14.64
CA GLY A 671 20.02 15.89 -15.22
C GLY A 671 20.38 16.30 -16.64
N VAL A 672 19.46 17.00 -17.30
CA VAL A 672 19.69 17.42 -18.68
C VAL A 672 20.68 18.57 -18.73
N SER A 673 21.62 18.51 -19.68
CA SER A 673 22.58 19.58 -19.85
C SER A 673 22.03 20.66 -20.76
N ILE A 674 21.69 21.80 -20.19
CA ILE A 674 21.18 22.95 -20.94
C ILE A 674 22.14 24.12 -20.82
N ALA A 675 22.71 24.55 -21.94
CA ALA A 675 23.74 25.58 -21.93
C ALA A 675 23.34 26.83 -22.72
N THR A 676 22.57 26.63 -23.78
CA THR A 676 22.15 27.75 -24.62
C THR A 676 20.63 27.77 -24.81
N LEU A 677 20.13 28.85 -25.40
CA LEU A 677 18.71 28.97 -25.72
C LEU A 677 18.31 27.88 -26.72
N GLU A 678 19.24 27.50 -27.59
CA GLU A 678 18.98 26.48 -28.60
C GLU A 678 18.78 25.10 -27.96
N ASP A 679 19.49 24.85 -26.87
CA ASP A 679 19.30 23.62 -26.11
C ASP A 679 17.92 23.60 -25.47
N MET A 680 17.53 24.73 -24.89
CA MET A 680 16.23 24.89 -24.25
C MET A 680 15.09 24.67 -25.24
N LYS A 681 15.27 25.14 -26.46
CA LYS A 681 14.27 24.96 -27.51
C LYS A 681 14.11 23.49 -27.86
N VAL A 682 15.23 22.81 -28.02
CA VAL A 682 15.23 21.37 -28.32
C VAL A 682 14.56 20.60 -27.19
N LEU A 683 14.81 21.03 -25.95
CA LEU A 683 14.28 20.36 -24.77
C LEU A 683 12.76 20.24 -24.80
N TYR A 684 12.07 21.29 -25.24
CA TYR A 684 10.61 21.31 -25.23
C TYR A 684 10.02 21.31 -26.63
N ASP A 685 10.77 20.81 -27.60
CA ASP A 685 10.26 20.68 -28.96
C ASP A 685 9.12 19.66 -28.99
N GLY A 686 8.04 20.02 -29.66
CA GLY A 686 6.88 19.16 -29.73
C GLY A 686 5.89 19.43 -28.62
N PHE A 687 6.28 20.28 -27.68
CA PHE A 687 5.40 20.67 -26.59
C PHE A 687 4.97 22.13 -26.74
N ASP A 688 3.68 22.34 -26.91
CA ASP A 688 3.15 23.70 -26.99
C ASP A 688 3.10 24.31 -25.59
N LEU A 689 4.07 25.18 -25.29
CA LEU A 689 4.18 25.77 -23.97
C LEU A 689 3.04 26.74 -23.69
N THR A 690 2.46 27.29 -24.75
CA THR A 690 1.37 28.25 -24.62
C THR A 690 0.00 27.58 -24.66
N ASN A 691 -0.01 26.26 -24.77
CA ASN A 691 -1.24 25.49 -24.67
C ASN A 691 -1.75 25.46 -23.24
N PRO A 692 -3.06 25.64 -23.06
CA PRO A 692 -3.67 25.71 -21.72
C PRO A 692 -3.54 24.42 -20.91
N SER A 693 -3.32 23.29 -21.57
CA SER A 693 -3.21 22.02 -20.86
C SER A 693 -1.76 21.53 -20.78
N THR A 694 -0.82 22.47 -20.85
CA THR A 694 0.60 22.14 -20.78
C THR A 694 1.35 23.03 -19.81
N SER A 695 1.90 22.43 -18.76
CA SER A 695 2.68 23.17 -17.77
C SER A 695 4.06 22.53 -17.58
N VAL A 696 5.08 23.37 -17.49
CA VAL A 696 6.46 22.90 -17.33
C VAL A 696 7.07 23.35 -16.00
N SER A 697 7.62 22.39 -15.25
CA SER A 697 8.21 22.71 -13.96
C SER A 697 9.71 22.50 -13.95
N MET A 698 10.46 23.59 -14.15
CA MET A 698 11.91 23.54 -14.11
C MET A 698 12.44 23.71 -12.69
N THR A 699 13.28 22.78 -12.27
CA THR A 699 13.89 22.86 -10.94
C THR A 699 15.30 23.42 -11.04
N ILE A 700 15.40 24.73 -10.85
CA ILE A 700 16.67 25.45 -10.96
C ILE A 700 16.68 26.60 -9.95
N ASN A 701 17.83 26.86 -9.32
CA ASN A 701 17.88 27.84 -8.24
C ASN A 701 18.82 29.01 -8.50
N GLY A 702 20.12 28.76 -8.45
CA GLY A 702 21.11 29.80 -8.67
C GLY A 702 20.94 30.57 -9.98
N PRO A 703 21.03 29.85 -11.11
CA PRO A 703 20.87 30.45 -12.44
C PRO A 703 19.41 30.51 -12.89
N ALA A 704 18.48 30.39 -11.94
CA ALA A 704 17.06 30.40 -12.27
C ALA A 704 16.59 31.59 -13.12
N PRO A 705 17.09 32.81 -12.83
CA PRO A 705 16.65 33.90 -13.72
C PRO A 705 17.12 33.72 -15.15
N THR A 706 18.33 33.21 -15.33
CA THR A 706 18.88 32.99 -16.66
C THR A 706 18.14 31.86 -17.40
N ILE A 707 17.86 30.78 -16.68
CA ILE A 707 17.13 29.65 -17.25
C ILE A 707 15.69 30.04 -17.61
N LEU A 708 15.07 30.82 -16.73
CA LEU A 708 13.71 31.29 -16.96
C LEU A 708 13.62 32.11 -18.25
N ALA A 709 14.61 32.97 -18.46
CA ALA A 709 14.66 33.81 -19.65
C ALA A 709 14.78 32.96 -20.91
N MET A 710 15.46 31.82 -20.79
CA MET A 710 15.56 30.89 -21.90
C MET A 710 14.22 30.23 -22.18
N PHE A 711 13.52 29.86 -21.11
CA PHE A 711 12.21 29.23 -21.24
C PHE A 711 11.20 30.18 -21.88
N MET A 712 11.16 31.42 -21.38
CA MET A 712 10.24 32.41 -21.92
C MET A 712 10.53 32.67 -23.39
N ASN A 713 11.81 32.81 -23.73
CA ASN A 713 12.21 32.99 -25.12
C ASN A 713 11.78 31.81 -25.99
N THR A 714 11.87 30.62 -25.43
CA THR A 714 11.45 29.41 -26.14
C THR A 714 9.95 29.44 -26.39
N ALA A 715 9.18 29.74 -25.35
CA ALA A 715 7.73 29.80 -25.44
C ALA A 715 7.27 30.85 -26.45
N ILE A 716 7.99 31.97 -26.49
CA ILE A 716 7.67 33.03 -27.44
C ILE A 716 8.02 32.60 -28.87
N ASP A 717 9.21 32.03 -29.03
CA ASP A 717 9.68 31.61 -30.35
C ASP A 717 8.81 30.51 -30.95
N GLN A 718 8.19 29.71 -30.09
CA GLN A 718 7.28 28.67 -30.56
C GLN A 718 6.08 29.28 -31.27
N GLN A 719 5.51 30.33 -30.68
CA GLN A 719 4.35 30.98 -31.26
C GLN A 719 4.72 31.82 -32.47
N ILE A 720 5.96 32.28 -32.53
CA ILE A 720 6.44 33.00 -33.70
C ILE A 720 6.58 32.03 -34.87
N ASP A 721 7.05 30.82 -34.58
CA ASP A 721 7.18 29.79 -35.60
C ASP A 721 5.81 29.27 -36.02
N ARG A 722 4.89 29.18 -35.08
CA ARG A 722 3.52 28.74 -35.35
C ARG A 722 2.80 29.74 -36.24
N PHE A 723 3.12 31.03 -36.05
CA PHE A 723 2.54 32.08 -36.87
C PHE A 723 3.11 32.02 -38.28
N ARG A 724 4.42 31.83 -38.37
CA ARG A 724 5.11 31.81 -39.66
C ARG A 724 4.65 30.64 -40.53
N ALA A 725 4.10 29.62 -39.88
CA ALA A 725 3.61 28.44 -40.60
C ALA A 725 2.14 28.60 -40.99
N ASP A 726 1.37 29.25 -40.13
CA ASP A 726 -0.06 29.43 -40.36
C ASP A 726 -0.36 30.59 -41.31
N ASN A 727 0.67 31.36 -41.63
CA ASN A 727 0.50 32.51 -42.52
C ASN A 727 1.52 32.53 -43.64
N GLY A 728 2.53 31.67 -43.54
CA GLY A 728 3.56 31.57 -44.56
C GLY A 728 4.39 32.84 -44.70
N ARG A 729 4.49 33.59 -43.60
CA ARG A 729 5.24 34.84 -43.61
C ARG A 729 5.62 35.23 -42.19
N ASP A 730 6.68 36.02 -42.06
CA ASP A 730 7.10 36.54 -40.76
C ASP A 730 6.09 37.56 -40.25
N PRO A 731 5.82 37.55 -38.94
CA PRO A 731 4.94 38.56 -38.36
C PRO A 731 5.56 39.95 -38.40
N THR A 732 4.75 40.97 -38.62
CA THR A 732 5.24 42.34 -38.61
C THR A 732 5.70 42.71 -37.21
N ALA A 733 6.37 43.86 -37.07
CA ALA A 733 6.85 44.33 -35.78
C ALA A 733 5.69 44.46 -34.80
N ASP A 734 4.53 44.82 -35.31
CA ASP A 734 3.34 44.98 -34.49
C ASP A 734 2.71 43.63 -34.17
N GLU A 735 2.65 42.77 -35.18
CA GLU A 735 2.09 41.43 -35.02
C GLU A 735 2.90 40.62 -34.00
N GLU A 736 4.22 40.69 -34.13
CA GLU A 736 5.12 40.00 -33.21
C GLU A 736 4.96 40.51 -31.79
N ALA A 737 4.80 41.82 -31.66
CA ALA A 737 4.63 42.46 -30.36
C ALA A 737 3.38 41.94 -29.65
N LYS A 738 2.30 41.78 -30.40
CA LYS A 738 1.06 41.24 -29.87
C LYS A 738 1.22 39.78 -29.46
N ILE A 739 1.92 39.02 -30.31
CA ILE A 739 2.19 37.61 -30.03
C ILE A 739 3.07 37.46 -28.79
N ARG A 740 4.17 38.20 -28.77
CA ARG A 740 5.13 38.14 -27.68
C ARG A 740 4.48 38.45 -26.33
N ALA A 741 3.62 39.45 -26.33
CA ALA A 741 2.92 39.87 -25.12
C ALA A 741 1.92 38.81 -24.67
N TRP A 742 1.23 38.21 -25.63
CA TRP A 742 0.22 37.19 -25.33
C TRP A 742 0.86 35.96 -24.71
N VAL A 743 2.01 35.55 -25.25
CA VAL A 743 2.73 34.39 -24.75
C VAL A 743 3.06 34.55 -23.27
N LEU A 744 3.57 35.72 -22.91
CA LEU A 744 3.97 35.99 -21.53
C LEU A 744 2.80 35.88 -20.56
N GLN A 745 1.60 36.18 -21.02
CA GLN A 745 0.43 36.19 -20.15
C GLN A 745 -0.10 34.78 -19.89
N ASN A 746 -0.13 33.96 -20.93
CA ASN A 746 -0.81 32.66 -20.85
C ASN A 746 0.12 31.47 -20.63
N VAL A 747 1.43 31.68 -20.72
CA VAL A 747 2.38 30.59 -20.54
C VAL A 747 2.27 30.03 -19.12
N ARG A 748 2.12 28.71 -19.00
CA ARG A 748 1.88 28.09 -17.71
C ARG A 748 3.01 27.18 -17.28
N GLY A 749 3.51 27.38 -16.06
CA GLY A 749 4.61 26.59 -15.54
C GLY A 749 5.12 27.12 -14.21
N THR A 750 6.25 26.60 -13.75
CA THR A 750 6.80 26.99 -12.45
C THR A 750 8.32 26.89 -12.41
N VAL A 751 8.96 27.95 -11.92
CA VAL A 751 10.40 27.95 -11.69
C VAL A 751 10.68 28.02 -10.18
N GLN A 752 11.57 27.15 -9.69
CA GLN A 752 11.83 27.04 -8.26
C GLN A 752 12.43 28.32 -7.67
N ALA A 753 13.72 28.54 -7.92
CA ALA A 753 14.38 29.82 -7.66
C ALA A 753 14.41 30.28 -6.20
N ASP A 754 13.86 29.49 -5.29
CA ASP A 754 13.84 29.86 -3.87
C ASP A 754 15.27 29.92 -3.32
N ILE A 755 15.77 31.14 -3.14
CA ILE A 755 17.15 31.34 -2.71
C ILE A 755 17.29 31.22 -1.20
N LEU A 756 16.24 31.58 -0.47
CA LEU A 756 16.24 31.45 0.98
C LEU A 756 16.53 30.01 1.41
N LYS A 757 15.99 29.06 0.67
CA LYS A 757 16.22 27.64 0.95
C LYS A 757 17.58 27.19 0.45
N GLU A 758 18.20 28.00 -0.41
CA GLU A 758 19.51 27.65 -0.94
C GLU A 758 20.57 27.77 0.14
N ASP A 759 20.52 28.86 0.88
CA ASP A 759 21.44 29.05 1.99
C ASP A 759 21.14 28.03 3.07
N GLN A 760 19.85 27.76 3.27
CA GLN A 760 19.41 26.87 4.34
C GLN A 760 19.52 25.39 3.99
N GLY A 761 19.19 25.02 2.75
CA GLY A 761 19.01 23.62 2.42
C GLY A 761 19.74 23.02 1.23
N GLN A 762 19.58 23.59 0.04
CA GLN A 762 20.03 22.91 -1.17
C GLN A 762 21.43 23.30 -1.65
N ASN A 763 21.88 24.51 -1.30
CA ASN A 763 23.24 24.96 -1.63
C ASN A 763 23.51 25.11 -3.13
N THR A 764 22.50 25.54 -3.87
CA THR A 764 22.67 25.77 -5.30
C THR A 764 22.76 27.28 -5.56
N CYS A 765 23.02 28.04 -4.51
CA CYS A 765 23.18 29.48 -4.65
C CYS A 765 24.58 29.82 -5.15
N ILE A 766 24.66 30.45 -6.32
CA ILE A 766 25.94 30.75 -6.94
C ILE A 766 26.37 32.20 -6.71
N PHE A 767 25.45 33.13 -6.90
CA PHE A 767 25.73 34.53 -6.61
C PHE A 767 25.54 34.78 -5.13
N SER A 768 25.85 35.99 -4.66
CA SER A 768 25.63 36.33 -3.26
C SER A 768 24.14 36.30 -2.95
N THR A 769 23.79 35.88 -1.74
CA THR A 769 22.39 35.71 -1.34
C THR A 769 21.56 36.98 -1.61
N GLU A 770 22.14 38.13 -1.25
CA GLU A 770 21.45 39.40 -1.40
C GLU A 770 21.21 39.73 -2.88
N PHE A 771 22.12 39.33 -3.74
CA PHE A 771 21.98 39.59 -5.17
C PHE A 771 20.89 38.72 -5.78
N SER A 772 20.88 37.45 -5.38
CA SER A 772 19.90 36.51 -5.89
C SER A 772 18.48 36.96 -5.55
N LEU A 773 18.32 37.46 -4.33
CA LEU A 773 17.03 37.96 -3.88
C LEU A 773 16.64 39.22 -4.66
N LYS A 774 17.64 40.05 -4.96
CA LYS A 774 17.42 41.26 -5.74
C LYS A 774 16.88 40.90 -7.12
N VAL A 775 17.53 39.96 -7.79
CA VAL A 775 17.13 39.54 -9.11
C VAL A 775 15.79 38.81 -9.07
N MET A 776 15.53 38.10 -7.98
CA MET A 776 14.28 37.36 -7.85
C MET A 776 13.10 38.33 -7.84
N GLY A 777 13.28 39.46 -7.17
CA GLY A 777 12.25 40.49 -7.13
C GLY A 777 12.06 41.11 -8.50
N ASP A 778 13.17 41.27 -9.23
CA ASP A 778 13.12 41.78 -10.60
C ASP A 778 12.21 40.91 -11.46
N ILE A 779 12.29 39.60 -11.24
CA ILE A 779 11.46 38.65 -11.97
C ILE A 779 9.99 38.87 -11.66
N GLN A 780 9.67 39.04 -10.37
CA GLN A 780 8.29 39.24 -9.97
C GLN A 780 7.76 40.59 -10.44
N GLU A 781 8.63 41.59 -10.49
CA GLU A 781 8.24 42.89 -11.01
C GLU A 781 8.01 42.82 -12.52
N TYR A 782 8.85 42.05 -13.22
CA TYR A 782 8.69 41.83 -14.65
C TYR A 782 7.36 41.13 -14.92
N PHE A 783 7.04 40.14 -14.09
CA PHE A 783 5.81 39.38 -14.22
C PHE A 783 4.58 40.27 -14.07
N VAL A 784 4.61 41.15 -13.08
CA VAL A 784 3.49 42.05 -12.81
C VAL A 784 3.28 43.01 -13.98
N HIS A 785 4.37 43.57 -14.49
CA HIS A 785 4.30 44.53 -15.58
C HIS A 785 3.71 43.92 -16.85
N HIS A 786 4.08 42.68 -17.15
CA HIS A 786 3.62 42.04 -18.37
C HIS A 786 2.44 41.10 -18.13
N GLN A 787 1.86 41.18 -16.94
CA GLN A 787 0.68 40.41 -16.58
C GLN A 787 0.87 38.91 -16.75
N VAL A 788 2.04 38.42 -16.34
CA VAL A 788 2.32 36.99 -16.34
C VAL A 788 1.57 36.34 -15.18
N ARG A 789 0.30 36.01 -15.41
CA ARG A 789 -0.59 35.59 -14.33
C ARG A 789 -0.70 34.08 -14.19
N ASN A 790 -0.03 33.34 -15.06
CA ASN A 790 -0.11 31.88 -15.03
C ASN A 790 1.17 31.20 -14.54
N PHE A 791 2.30 31.87 -14.74
CA PHE A 791 3.58 31.28 -14.34
C PHE A 791 3.87 31.61 -12.88
N TYR A 792 4.45 30.64 -12.18
CA TYR A 792 4.81 30.82 -10.78
C TYR A 792 6.28 31.23 -10.67
N SER A 793 6.51 32.42 -10.13
CA SER A 793 7.84 33.02 -10.09
C SER A 793 8.77 32.33 -9.11
N VAL A 794 8.21 31.56 -8.18
CA VAL A 794 9.02 30.89 -7.17
C VAL A 794 8.26 29.73 -6.55
N SER A 795 8.93 28.58 -6.47
CA SER A 795 8.38 27.44 -5.75
C SER A 795 9.02 27.36 -4.38
N ILE A 796 8.45 28.11 -3.43
CA ILE A 796 8.96 28.17 -2.06
C ILE A 796 9.00 26.78 -1.44
N SER A 797 10.19 26.22 -1.34
CA SER A 797 10.33 24.81 -1.05
C SER A 797 10.90 24.50 0.32
N GLY A 798 10.70 23.25 0.74
CA GLY A 798 11.24 22.74 1.98
C GLY A 798 11.62 21.29 1.83
N TYR A 799 11.30 20.72 0.67
CA TYR A 799 11.71 19.37 0.32
C TYR A 799 13.21 19.20 0.54
N HIS A 800 13.98 20.18 0.09
CA HIS A 800 15.43 20.13 0.13
C HIS A 800 15.93 20.24 1.55
N ILE A 801 15.29 21.12 2.30
CA ILE A 801 15.52 21.26 3.73
C ILE A 801 15.26 19.95 4.47
N ALA A 802 14.22 19.25 4.05
CA ALA A 802 13.86 17.97 4.66
C ALA A 802 14.84 16.87 4.28
N GLU A 803 15.19 16.80 3.01
CA GLU A 803 16.10 15.77 2.54
C GLU A 803 17.48 15.93 3.16
N ALA A 804 17.83 17.16 3.52
CA ALA A 804 19.08 17.40 4.24
C ALA A 804 19.03 16.76 5.62
N GLY A 805 17.83 16.58 6.16
CA GLY A 805 17.66 15.87 7.42
C GLY A 805 16.60 16.44 8.35
N ALA A 806 16.01 17.57 7.98
CA ALA A 806 15.03 18.22 8.82
C ALA A 806 13.75 17.39 8.96
N ASN A 807 13.24 17.30 10.19
CA ASN A 807 11.97 16.61 10.44
C ASN A 807 10.81 17.45 9.88
N PRO A 808 9.64 16.82 9.68
CA PRO A 808 8.50 17.51 9.05
C PRO A 808 8.13 18.85 9.68
N ILE A 809 8.29 18.98 11.00
CA ILE A 809 7.99 20.25 11.65
C ILE A 809 8.94 21.35 11.20
N SER A 810 10.23 21.06 11.27
CA SER A 810 11.24 22.02 10.82
C SER A 810 11.07 22.38 9.35
N GLN A 811 10.81 21.37 8.53
CA GLN A 811 10.61 21.60 7.11
C GLN A 811 9.46 22.57 6.85
N LEU A 812 8.29 22.23 7.39
CA LEU A 812 7.09 23.03 7.18
C LEU A 812 7.27 24.43 7.74
N ALA A 813 7.84 24.52 8.93
CA ALA A 813 8.02 25.81 9.61
C ALA A 813 8.96 26.71 8.81
N PHE A 814 10.13 26.20 8.47
CA PHE A 814 11.12 26.98 7.73
C PHE A 814 10.56 27.44 6.40
N THR A 815 9.87 26.53 5.70
CA THR A 815 9.36 26.82 4.37
C THR A 815 8.31 27.92 4.38
N LEU A 816 7.38 27.83 5.33
CA LEU A 816 6.37 28.87 5.49
C LEU A 816 7.03 30.18 5.90
N ALA A 817 8.02 30.07 6.78
CA ALA A 817 8.78 31.24 7.22
C ALA A 817 9.50 31.90 6.05
N ASN A 818 10.11 31.09 5.20
CA ASN A 818 10.77 31.59 4.00
C ASN A 818 9.76 32.29 3.10
N GLY A 819 8.60 31.67 2.91
CA GLY A 819 7.56 32.24 2.08
C GLY A 819 7.09 33.58 2.60
N PHE A 820 6.85 33.64 3.91
CA PHE A 820 6.43 34.88 4.55
C PHE A 820 7.52 35.95 4.45
N THR A 821 8.77 35.53 4.39
CA THR A 821 9.87 36.46 4.23
C THR A 821 9.80 37.12 2.87
N TYR A 822 9.54 36.33 1.83
CA TYR A 822 9.36 36.86 0.49
C TYR A 822 8.21 37.84 0.44
N VAL A 823 7.12 37.51 1.15
CA VAL A 823 5.96 38.38 1.24
C VAL A 823 6.35 39.72 1.85
N GLU A 824 7.00 39.67 3.00
CA GLU A 824 7.45 40.90 3.67
C GLU A 824 8.45 41.66 2.81
N ALA A 825 9.24 40.91 2.04
CA ALA A 825 10.27 41.51 1.19
C ALA A 825 9.62 42.30 0.06
N TYR A 826 8.65 41.70 -0.60
CA TYR A 826 7.94 42.34 -1.71
C TYR A 826 7.05 43.49 -1.23
N LEU A 827 6.47 43.34 -0.04
CA LEU A 827 5.62 44.37 0.54
C LEU A 827 6.43 45.62 0.86
N ALA A 828 7.62 45.42 1.40
CA ALA A 828 8.51 46.53 1.74
C ALA A 828 9.11 47.14 0.47
N ARG A 829 8.88 46.44 -0.64
CA ARG A 829 9.44 46.76 -1.95
C ARG A 829 8.40 47.44 -2.83
N GLY A 830 7.17 47.51 -2.34
CA GLY A 830 6.14 48.31 -2.99
C GLY A 830 5.26 47.59 -3.99
N MET A 831 4.87 46.36 -3.66
CA MET A 831 3.94 45.61 -4.48
C MET A 831 2.71 45.26 -3.66
N HIS A 832 1.53 45.39 -4.26
CA HIS A 832 0.28 45.04 -3.59
C HIS A 832 0.31 43.55 -3.23
N ILE A 833 -0.22 43.19 -2.07
CA ILE A 833 -0.20 41.80 -1.63
C ILE A 833 -0.92 40.91 -2.64
N ASP A 834 -1.95 41.46 -3.31
CA ASP A 834 -2.73 40.70 -4.27
C ASP A 834 -2.05 40.62 -5.64
N ASP A 835 -0.84 41.18 -5.73
CA ASP A 835 -0.12 41.21 -7.01
C ASP A 835 0.94 40.13 -7.14
N PHE A 836 1.43 39.62 -6.01
CA PHE A 836 2.47 38.60 -6.05
C PHE A 836 2.09 37.32 -5.31
N ALA A 837 1.20 37.44 -4.33
CA ALA A 837 0.79 36.27 -3.55
C ALA A 837 0.11 35.16 -4.36
N PRO A 838 -0.72 35.52 -5.37
CA PRO A 838 -1.25 34.42 -6.18
C PRO A 838 -0.19 33.70 -7.02
N ASN A 839 0.95 34.35 -7.24
CA ASN A 839 2.04 33.76 -8.02
C ASN A 839 3.02 32.94 -7.19
N LEU A 840 2.73 32.78 -5.90
CA LEU A 840 3.61 32.04 -5.02
C LEU A 840 3.24 30.55 -4.98
N SER A 841 4.20 29.73 -5.35
CA SER A 841 4.03 28.28 -5.36
C SER A 841 4.84 27.65 -4.23
N PHE A 842 4.39 26.49 -3.74
CA PHE A 842 5.12 25.80 -2.69
C PHE A 842 5.53 24.39 -3.09
N PHE A 843 6.47 23.84 -2.34
CA PHE A 843 7.01 22.52 -2.63
C PHE A 843 7.37 21.85 -1.31
N PHE A 844 6.84 20.67 -1.08
CA PHE A 844 7.11 19.95 0.15
C PHE A 844 7.58 18.52 -0.08
N SER A 845 7.97 17.87 1.02
CA SER A 845 8.38 16.48 1.00
C SER A 845 7.42 15.63 1.80
N ASN A 846 7.16 14.41 1.36
CA ASN A 846 6.36 13.48 2.13
C ASN A 846 7.14 12.22 2.50
N GLY A 847 7.39 12.07 3.80
CA GLY A 847 8.14 10.93 4.29
C GLY A 847 7.26 9.97 5.06
N MET A 848 7.85 9.19 5.96
CA MET A 848 7.11 8.18 6.70
C MET A 848 6.55 8.74 8.00
N ASP A 849 7.15 9.83 8.50
CA ASP A 849 6.74 10.43 9.77
C ASP A 849 5.24 10.73 9.79
N PRO A 850 4.61 10.59 10.97
CA PRO A 850 3.18 10.83 11.14
C PRO A 850 2.76 12.24 10.70
N GLU A 851 3.61 13.22 10.95
CA GLU A 851 3.26 14.61 10.68
C GLU A 851 3.03 14.88 9.20
N TYR A 852 3.65 14.08 8.34
CA TYR A 852 3.55 14.29 6.89
C TYR A 852 2.11 14.11 6.41
N SER A 853 1.33 13.34 7.16
CA SER A 853 -0.06 13.07 6.80
C SER A 853 -0.90 14.34 6.79
N VAL A 854 -0.51 15.31 7.61
CA VAL A 854 -1.30 16.53 7.74
C VAL A 854 -0.48 17.78 7.41
N LEU A 855 0.64 17.59 6.72
CA LEU A 855 1.54 18.70 6.42
C LEU A 855 0.87 19.73 5.50
N GLY A 856 0.26 19.24 4.43
CA GLY A 856 -0.35 20.12 3.44
C GLY A 856 -1.52 20.91 3.98
N ARG A 857 -2.39 20.23 4.74
CA ARG A 857 -3.58 20.88 5.26
C ARG A 857 -3.20 21.96 6.28
N VAL A 858 -2.14 21.72 7.03
CA VAL A 858 -1.65 22.72 7.98
C VAL A 858 -1.11 23.93 7.23
N ALA A 859 -0.32 23.68 6.19
CA ALA A 859 0.24 24.76 5.39
C ALA A 859 -0.84 25.61 4.77
N ARG A 860 -1.92 24.98 4.32
CA ARG A 860 -3.02 25.70 3.70
C ARG A 860 -3.74 26.61 4.69
N ARG A 861 -3.96 26.11 5.91
CA ARG A 861 -4.70 26.88 6.92
C ARG A 861 -3.89 28.05 7.43
N ILE A 862 -2.62 27.80 7.76
CA ILE A 862 -1.73 28.85 8.26
C ILE A 862 -1.62 29.98 7.24
N TRP A 863 -1.56 29.61 5.97
CA TRP A 863 -1.46 30.59 4.89
C TRP A 863 -2.77 31.37 4.78
N ALA A 864 -3.87 30.65 4.64
CA ALA A 864 -5.18 31.26 4.43
C ALA A 864 -5.56 32.23 5.53
N VAL A 865 -5.35 31.82 6.78
CA VAL A 865 -5.69 32.65 7.93
C VAL A 865 -4.84 33.92 7.98
N THR A 866 -3.53 33.75 7.82
CA THR A 866 -2.62 34.89 7.86
C THR A 866 -2.82 35.83 6.68
N MET A 867 -2.97 35.27 5.49
CA MET A 867 -3.15 36.09 4.29
C MET A 867 -4.43 36.91 4.37
N ARG A 868 -5.43 36.39 5.08
CA ARG A 868 -6.71 37.10 5.21
C ARG A 868 -6.68 38.10 6.36
N ASP A 869 -6.31 37.64 7.54
CA ASP A 869 -6.37 38.48 8.73
C ASP A 869 -5.20 39.46 8.82
N LYS A 870 -3.97 38.97 8.61
CA LYS A 870 -2.78 39.78 8.77
C LYS A 870 -2.54 40.71 7.58
N TYR A 871 -2.54 40.14 6.37
CA TYR A 871 -2.18 40.89 5.18
C TYR A 871 -3.38 41.39 4.39
N GLY A 872 -4.58 40.92 4.77
CA GLY A 872 -5.81 41.39 4.16
C GLY A 872 -5.90 41.17 2.66
N ALA A 873 -5.31 40.07 2.19
CA ALA A 873 -5.30 39.78 0.76
C ALA A 873 -6.60 39.11 0.33
N ASN A 874 -6.77 38.98 -0.98
CA ASN A 874 -8.00 38.42 -1.54
C ASN A 874 -8.00 36.89 -1.51
N ASP A 875 -9.04 36.30 -2.10
CA ASP A 875 -9.24 34.86 -2.06
C ASP A 875 -8.15 34.08 -2.79
N ARG A 876 -7.75 34.57 -3.97
CA ARG A 876 -6.72 33.91 -4.76
C ARG A 876 -5.39 33.83 -4.00
N SER A 877 -5.18 34.80 -3.11
CA SER A 877 -3.93 34.88 -2.36
C SER A 877 -3.96 34.00 -1.12
N GLN A 878 -5.15 33.78 -0.56
CA GLN A 878 -5.29 32.94 0.63
C GLN A 878 -5.12 31.46 0.30
N LYS A 879 -5.15 31.13 -0.99
CA LYS A 879 -5.06 29.74 -1.42
C LYS A 879 -3.61 29.33 -1.68
N LEU A 880 -3.09 28.47 -0.81
CA LEU A 880 -1.73 27.98 -0.95
C LEU A 880 -1.69 26.71 -1.80
N LYS A 881 -1.11 26.80 -2.99
CA LYS A 881 -0.93 25.63 -3.83
C LYS A 881 0.48 25.08 -3.65
N TYR A 882 0.60 23.76 -3.62
CA TYR A 882 1.91 23.15 -3.40
C TYR A 882 2.11 21.85 -4.17
N HIS A 883 3.38 21.53 -4.40
CA HIS A 883 3.78 20.27 -4.99
C HIS A 883 4.38 19.38 -3.91
N ILE A 884 3.98 18.11 -3.89
CA ILE A 884 4.57 17.15 -2.96
C ILE A 884 5.36 16.10 -3.72
N GLN A 885 6.61 15.91 -3.28
CA GLN A 885 7.44 14.84 -3.83
C GLN A 885 7.82 13.87 -2.71
N THR A 886 7.69 12.58 -2.99
CA THR A 886 7.96 11.57 -1.98
C THR A 886 9.42 11.65 -1.55
N SER A 887 9.67 11.35 -0.27
CA SER A 887 11.02 11.46 0.28
C SER A 887 11.99 10.52 -0.39
N GLY A 888 13.09 11.08 -0.90
CA GLY A 888 14.11 10.28 -1.55
C GLY A 888 15.05 9.64 -0.55
N ARG A 889 15.25 10.31 0.58
CA ARG A 889 16.16 9.80 1.59
C ARG A 889 15.54 8.61 2.32
N SER A 890 14.21 8.52 2.27
CA SER A 890 13.49 7.42 2.88
C SER A 890 13.66 6.13 2.10
N LEU A 891 14.17 6.25 0.87
CA LEU A 891 14.45 5.09 0.05
C LEU A 891 15.93 4.72 0.16
N HIS A 892 16.22 3.43 0.15
CA HIS A 892 17.58 2.96 0.41
C HIS A 892 18.15 2.09 -0.72
N ALA A 893 19.46 1.86 -0.67
CA ALA A 893 20.13 1.07 -1.68
C ALA A 893 19.98 -0.42 -1.39
N GLN A 894 19.77 -0.75 -0.11
CA GLN A 894 19.57 -2.15 0.30
C GLN A 894 18.12 -2.56 0.07
N GLU A 895 17.94 -3.68 -0.65
CA GLU A 895 16.61 -4.18 -1.00
C GLU A 895 15.78 -3.10 -1.69
N ILE A 896 16.17 -2.76 -2.92
CA ILE A 896 15.56 -1.64 -3.63
C ILE A 896 14.09 -1.89 -3.99
N ASP A 897 13.66 -3.14 -3.92
CA ASP A 897 12.28 -3.47 -4.19
C ASP A 897 11.35 -2.94 -3.10
N PHE A 898 11.88 -2.77 -1.90
CA PHE A 898 11.09 -2.30 -0.77
C PHE A 898 10.68 -0.84 -0.93
N ASN A 899 11.46 -0.10 -1.72
CA ASN A 899 11.24 1.33 -1.88
C ASN A 899 9.88 1.68 -2.49
N ASP A 900 9.36 0.78 -3.32
CA ASP A 900 8.06 1.01 -3.94
C ASP A 900 6.94 0.97 -2.91
N ILE A 901 7.15 0.23 -1.83
CA ILE A 901 6.19 0.16 -0.74
C ILE A 901 6.12 1.51 -0.02
N ARG A 902 7.29 2.05 0.31
CA ARG A 902 7.38 3.34 0.99
C ARG A 902 6.85 4.46 0.11
N THR A 903 7.20 4.41 -1.17
CA THR A 903 6.82 5.47 -2.11
C THR A 903 5.31 5.45 -2.32
N THR A 904 4.70 4.28 -2.18
CA THR A 904 3.25 4.15 -2.31
C THR A 904 2.53 4.83 -1.15
N LEU A 905 2.93 4.49 0.07
CA LEU A 905 2.34 5.06 1.27
C LEU A 905 2.46 6.57 1.28
N GLN A 906 3.63 7.08 0.87
CA GLN A 906 3.87 8.51 0.86
C GLN A 906 3.04 9.20 -0.21
N ALA A 907 2.89 8.54 -1.35
CA ALA A 907 2.06 9.08 -2.42
C ALA A 907 0.60 9.12 -1.99
N LEU A 908 0.21 8.16 -1.15
CA LEU A 908 -1.18 8.05 -0.73
C LEU A 908 -1.62 9.24 0.11
N ILE A 909 -0.87 9.53 1.17
CA ILE A 909 -1.25 10.60 2.08
C ILE A 909 -1.20 11.96 1.39
N ALA A 910 -0.42 12.05 0.32
CA ALA A 910 -0.37 13.28 -0.47
C ALA A 910 -1.68 13.50 -1.20
N ILE A 911 -2.19 12.43 -1.82
CA ILE A 911 -3.45 12.50 -2.57
C ILE A 911 -4.64 12.61 -1.63
N TYR A 912 -4.58 11.89 -0.51
CA TYR A 912 -5.61 12.01 0.52
C TYR A 912 -5.74 13.46 0.97
N ASP A 913 -4.61 14.09 1.25
CA ASP A 913 -4.60 15.45 1.74
C ASP A 913 -4.66 16.46 0.60
N ASN A 914 -5.20 16.01 -0.53
CA ASN A 914 -5.55 16.88 -1.66
C ASN A 914 -4.43 17.80 -2.12
N CYS A 915 -3.32 17.20 -2.53
CA CYS A 915 -2.19 17.96 -3.06
C CYS A 915 -2.49 18.49 -4.46
N ASN A 916 -1.71 19.48 -4.90
CA ASN A 916 -1.91 20.09 -6.19
C ASN A 916 -1.06 19.46 -7.28
N SER A 917 0.07 18.88 -6.86
CA SER A 917 1.01 18.27 -7.80
C SER A 917 1.88 17.24 -7.07
N LEU A 918 2.05 16.07 -7.68
CA LEU A 918 2.73 14.97 -7.02
C LEU A 918 3.83 14.33 -7.89
N HIS A 919 5.01 14.17 -7.33
CA HIS A 919 6.06 13.39 -7.98
C HIS A 919 6.34 12.12 -7.19
N THR A 920 6.58 11.03 -7.91
CA THR A 920 6.80 9.73 -7.28
C THR A 920 8.19 9.20 -7.60
N ASN A 921 8.91 8.76 -6.58
CA ASN A 921 10.27 8.29 -6.75
C ASN A 921 10.35 6.84 -7.21
N ALA A 922 11.34 6.56 -8.06
CA ALA A 922 11.57 5.23 -8.59
C ALA A 922 12.11 4.31 -7.49
N TYR A 923 12.07 3.00 -7.73
CA TYR A 923 12.56 2.04 -6.76
C TYR A 923 14.09 2.08 -6.66
N ASP A 924 14.75 2.40 -7.76
CA ASP A 924 16.20 2.50 -7.77
C ASP A 924 16.67 3.90 -7.41
N GLU A 925 15.91 4.55 -6.53
CA GLU A 925 16.15 5.91 -6.09
C GLU A 925 17.57 6.15 -5.56
N ALA A 926 18.07 5.22 -4.77
CA ALA A 926 19.35 5.41 -4.08
C ALA A 926 20.55 5.28 -5.03
N ILE A 927 20.35 4.59 -6.15
CA ILE A 927 21.47 4.25 -7.03
C ILE A 927 21.55 5.13 -8.29
N THR A 928 20.43 5.35 -8.95
CA THR A 928 20.45 6.07 -10.22
C THR A 928 19.21 6.91 -10.50
N THR A 929 19.36 7.86 -11.42
CA THR A 929 18.23 8.51 -12.07
C THR A 929 17.32 7.44 -12.64
N PRO A 930 15.99 7.57 -12.43
CA PRO A 930 14.99 6.60 -12.87
C PRO A 930 15.21 6.07 -14.29
N THR A 931 15.25 4.75 -14.42
CA THR A 931 15.43 4.11 -15.72
C THR A 931 14.11 4.09 -16.46
N ALA A 932 14.13 3.59 -17.69
CA ALA A 932 12.92 3.50 -18.50
C ALA A 932 11.89 2.61 -17.80
N GLU A 933 12.37 1.48 -17.29
CA GLU A 933 11.52 0.52 -16.58
C GLU A 933 11.16 1.03 -15.20
N SER A 934 12.05 1.83 -14.63
CA SER A 934 11.92 2.27 -13.25
C SER A 934 10.91 3.41 -13.09
N VAL A 935 10.83 4.26 -14.11
CA VAL A 935 9.95 5.42 -14.06
C VAL A 935 8.50 5.01 -14.25
N ARG A 936 8.28 3.86 -14.88
CA ARG A 936 6.92 3.37 -15.10
C ARG A 936 6.35 2.81 -13.81
N ARG A 937 7.19 2.17 -13.01
CA ARG A 937 6.77 1.66 -11.71
C ARG A 937 6.42 2.83 -10.80
N ALA A 938 7.22 3.89 -10.87
CA ALA A 938 6.96 5.09 -10.09
C ALA A 938 5.71 5.79 -10.58
N LEU A 939 5.50 5.75 -11.89
CA LEU A 939 4.35 6.42 -12.50
C LEU A 939 3.07 5.62 -12.27
N ALA A 940 3.22 4.32 -12.07
CA ALA A 940 2.08 3.44 -11.86
C ALA A 940 1.49 3.62 -10.47
N ILE A 941 2.33 4.01 -9.51
CA ILE A 941 1.89 4.22 -8.15
C ILE A 941 0.77 5.24 -8.11
N GLN A 942 0.94 6.35 -8.83
CA GLN A 942 -0.08 7.38 -8.89
C GLN A 942 -1.29 6.92 -9.67
N LEU A 943 -1.06 6.21 -10.77
CA LEU A 943 -2.15 5.72 -11.61
C LEU A 943 -3.03 4.73 -10.86
N ILE A 944 -2.42 3.89 -10.05
CA ILE A 944 -3.17 2.88 -9.31
C ILE A 944 -4.00 3.53 -8.21
N ILE A 945 -3.41 4.46 -7.47
CA ILE A 945 -4.14 5.14 -6.40
C ILE A 945 -5.29 5.95 -6.97
N ASN A 946 -5.02 6.74 -8.00
CA ASN A 946 -6.02 7.63 -8.56
C ASN A 946 -7.18 6.88 -9.23
N ARG A 947 -6.87 5.76 -9.89
CA ARG A 947 -7.87 5.07 -10.69
C ARG A 947 -8.43 3.81 -10.05
N GLU A 948 -7.57 3.02 -9.41
CA GLU A 948 -8.00 1.74 -8.87
C GLU A 948 -8.44 1.83 -7.41
N TRP A 949 -7.71 2.62 -6.62
CA TRP A 949 -7.92 2.65 -5.17
C TRP A 949 -9.30 3.21 -4.84
N GLY A 950 -10.01 2.50 -3.95
CA GLY A 950 -11.39 2.80 -3.65
C GLY A 950 -11.61 4.02 -2.78
N VAL A 951 -10.89 4.10 -1.68
CA VAL A 951 -11.00 5.24 -0.76
C VAL A 951 -10.69 6.54 -1.49
N ALA A 952 -9.81 6.46 -2.48
CA ALA A 952 -9.38 7.63 -3.24
C ALA A 952 -10.53 8.27 -4.03
N LYS A 953 -11.61 7.52 -4.24
CA LYS A 953 -12.78 8.04 -4.93
C LYS A 953 -13.43 9.16 -4.12
N CYS A 954 -13.10 9.19 -2.84
CA CYS A 954 -13.50 10.30 -1.96
C CYS A 954 -12.38 11.33 -1.93
N GLU A 955 -12.74 12.61 -1.92
CA GLU A 955 -11.75 13.67 -2.05
C GLU A 955 -11.39 14.31 -0.72
N ASN A 956 -12.15 14.02 0.33
CA ASN A 956 -11.83 14.49 1.67
C ASN A 956 -11.86 13.38 2.72
N PRO A 957 -11.15 12.26 2.46
CA PRO A 957 -11.26 11.14 3.41
C PRO A 957 -10.58 11.44 4.74
N ASN A 958 -9.65 12.38 4.73
CA ASN A 958 -8.95 12.76 5.97
C ASN A 958 -9.89 13.45 6.96
N GLN A 959 -10.82 14.24 6.44
CA GLN A 959 -11.68 15.06 7.28
C GLN A 959 -12.56 14.24 8.20
N GLY A 960 -12.66 14.68 9.45
CA GLY A 960 -13.44 13.99 10.45
C GLY A 960 -12.59 13.17 11.39
N SER A 961 -11.53 12.56 10.84
CA SER A 961 -10.67 11.68 11.62
C SER A 961 -10.13 12.36 12.87
N PHE A 962 -10.35 11.71 14.01
CA PHE A 962 -9.90 12.24 15.29
C PHE A 962 -8.38 12.43 15.30
N LEU A 963 -7.67 11.46 14.74
CA LEU A 963 -6.22 11.53 14.64
C LEU A 963 -5.78 12.70 13.76
N ILE A 964 -6.36 12.81 12.58
CA ILE A 964 -5.98 13.84 11.63
C ILE A 964 -6.21 15.24 12.19
N GLU A 965 -7.36 15.46 12.82
CA GLU A 965 -7.68 16.78 13.36
C GLU A 965 -6.75 17.13 14.52
N GLU A 966 -6.47 16.16 15.38
CA GLU A 966 -5.56 16.40 16.51
C GLU A 966 -4.14 16.65 16.01
N LEU A 967 -3.70 15.84 15.05
CA LEU A 967 -2.38 16.01 14.45
C LEU A 967 -2.26 17.34 13.74
N THR A 968 -3.32 17.74 13.06
CA THR A 968 -3.36 19.02 12.36
C THR A 968 -3.15 20.16 13.34
N ASP A 969 -3.80 20.09 14.49
CA ASP A 969 -3.67 21.11 15.52
C ASP A 969 -2.26 21.12 16.10
N LEU A 970 -1.74 19.94 16.42
CA LEU A 970 -0.43 19.81 17.04
C LEU A 970 0.69 20.37 16.14
N VAL A 971 0.70 19.92 14.89
CA VAL A 971 1.70 20.36 13.92
C VAL A 971 1.63 21.87 13.70
N GLU A 972 0.40 22.38 13.58
CA GLU A 972 0.17 23.81 13.38
C GLU A 972 0.81 24.64 14.48
N GLU A 973 0.53 24.28 15.72
CA GLU A 973 1.09 24.99 16.87
C GLU A 973 2.60 24.82 16.94
N ALA A 974 3.09 23.63 16.62
CA ALA A 974 4.52 23.36 16.61
C ALA A 974 5.24 24.27 15.63
N VAL A 975 4.60 24.51 14.47
CA VAL A 975 5.13 25.42 13.47
C VAL A 975 5.13 26.85 14.01
N LEU A 976 4.04 27.25 14.64
CA LEU A 976 3.91 28.60 15.18
C LEU A 976 4.98 28.91 16.22
N GLN A 977 5.28 27.93 17.07
CA GLN A 977 6.32 28.09 18.08
C GLN A 977 7.67 28.27 17.42
N GLU A 978 7.89 27.56 16.31
CA GLU A 978 9.14 27.67 15.57
C GLU A 978 9.25 29.05 14.92
N PHE A 979 8.11 29.59 14.47
CA PHE A 979 8.08 30.96 13.96
C PHE A 979 8.61 31.92 14.99
N GLU A 980 8.17 31.73 16.23
CA GLU A 980 8.57 32.59 17.34
C GLU A 980 10.06 32.44 17.65
N ARG A 981 10.59 31.23 17.50
CA ARG A 981 12.01 31.00 17.71
C ARG A 981 12.85 31.71 16.65
N ILE A 982 12.36 31.72 15.42
CA ILE A 982 13.05 32.40 14.33
C ILE A 982 12.89 33.91 14.47
N ALA A 983 11.71 34.33 14.94
CA ALA A 983 11.42 35.75 15.11
C ALA A 983 12.33 36.40 16.15
N GLU A 984 12.64 35.65 17.20
CA GLU A 984 13.49 36.17 18.27
C GLU A 984 14.97 36.03 17.91
N ARG A 985 15.23 35.63 16.67
CA ARG A 985 16.59 35.56 16.16
C ARG A 985 16.78 36.57 15.02
N GLY A 986 15.80 37.45 14.86
CA GLY A 986 15.88 38.51 13.87
C GLY A 986 15.23 38.18 12.55
N GLY A 987 14.21 37.32 12.59
CA GLY A 987 13.54 36.89 11.38
C GLY A 987 14.33 35.79 10.69
N VAL A 988 13.90 35.41 9.49
CA VAL A 988 14.57 34.35 8.74
C VAL A 988 15.98 34.78 8.36
N LEU A 989 16.11 36.01 7.88
CA LEU A 989 17.41 36.53 7.49
C LEU A 989 18.36 36.63 8.67
N GLY A 990 17.83 37.09 9.81
CA GLY A 990 18.62 37.22 11.02
C GLY A 990 19.07 35.88 11.54
N ALA A 991 18.25 34.86 11.32
CA ALA A 991 18.58 33.50 11.75
C ALA A 991 19.65 32.90 10.85
N MET A 992 19.53 33.13 9.54
CA MET A 992 20.51 32.65 8.58
C MET A 992 21.88 33.24 8.85
N GLU A 993 21.89 34.45 9.39
CA GLU A 993 23.12 35.14 9.74
C GLU A 993 23.89 34.32 10.78
N THR A 994 23.16 33.68 11.68
CA THR A 994 23.76 32.85 12.72
C THR A 994 23.92 31.41 12.25
N GLY A 995 23.26 31.08 11.15
CA GLY A 995 23.23 29.71 10.66
C GLY A 995 22.33 28.86 11.54
N TYR A 996 21.21 29.44 11.95
CA TYR A 996 20.26 28.76 12.83
C TYR A 996 19.60 27.59 12.10
N GLN A 997 19.07 27.85 10.92
CA GLN A 997 18.41 26.80 10.14
C GLN A 997 19.39 25.68 9.84
N ARG A 998 20.52 26.04 9.24
CA ARG A 998 21.53 25.05 8.89
C ARG A 998 21.97 24.25 10.11
N GLY A 999 22.15 24.93 11.24
CA GLY A 999 22.51 24.28 12.47
C GLY A 999 21.45 23.29 12.93
N LYS A 1000 20.20 23.73 12.89
CA LYS A 1000 19.08 22.91 13.34
C LYS A 1000 18.84 21.73 12.41
N ILE A 1001 18.97 21.94 11.11
CA ILE A 1001 18.82 20.87 10.14
C ILE A 1001 19.88 19.80 10.34
N GLN A 1002 21.14 20.22 10.38
CA GLN A 1002 22.26 19.29 10.50
C GLN A 1002 22.21 18.51 11.80
N GLU A 1003 21.70 19.14 12.86
CA GLU A 1003 21.53 18.46 14.14
C GLU A 1003 20.48 17.35 14.01
N GLU A 1004 19.36 17.67 13.40
CA GLU A 1004 18.27 16.71 13.23
C GLU A 1004 18.69 15.59 12.28
N SER A 1005 19.48 15.94 11.28
CA SER A 1005 20.03 14.96 10.34
C SER A 1005 20.90 13.95 11.08
N LEU A 1006 21.70 14.45 12.01
CA LEU A 1006 22.57 13.59 12.80
C LEU A 1006 21.75 12.70 13.72
N TYR A 1007 20.74 13.28 14.35
CA TYR A 1007 19.88 12.56 15.27
C TYR A 1007 19.18 11.40 14.56
N TYR A 1008 18.68 11.66 13.35
CA TYR A 1008 18.06 10.61 12.56
C TYR A 1008 19.08 9.54 12.20
N GLU A 1009 20.22 9.98 11.71
CA GLU A 1009 21.25 9.07 11.23
C GLU A 1009 21.86 8.25 12.36
N GLN A 1010 21.92 8.83 13.55
CA GLN A 1010 22.42 8.10 14.69
C GLN A 1010 21.51 6.92 14.97
N LEU A 1011 20.21 7.13 14.76
CA LEU A 1011 19.21 6.11 15.04
C LEU A 1011 19.07 5.09 13.91
N LYS A 1012 19.38 5.49 12.69
CA LYS A 1012 19.28 4.59 11.54
C LYS A 1012 20.29 3.46 11.67
N HIS A 1013 21.53 3.83 12.01
CA HIS A 1013 22.59 2.85 12.22
C HIS A 1013 22.40 2.15 13.55
N ASP A 1014 21.85 2.88 14.52
CA ASP A 1014 21.58 2.34 15.85
C ASP A 1014 20.67 1.13 15.77
N GLY A 1015 19.45 1.35 15.32
CA GLY A 1015 18.45 0.32 15.29
C GLY A 1015 17.21 0.76 16.03
N THR A 1016 17.35 1.81 16.85
CA THR A 1016 16.23 2.36 17.60
C THR A 1016 15.11 2.73 16.65
N LEU A 1017 15.49 3.30 15.52
CA LEU A 1017 14.54 3.59 14.45
C LEU A 1017 14.63 2.51 13.38
N PRO A 1018 13.63 1.62 13.35
CA PRO A 1018 13.64 0.47 12.43
C PRO A 1018 13.50 0.89 10.97
N ILE A 1019 14.38 0.37 10.13
CA ILE A 1019 14.29 0.57 8.68
C ILE A 1019 14.36 -0.81 8.04
N ILE A 1020 13.24 -1.28 7.51
CA ILE A 1020 13.15 -2.64 6.99
C ILE A 1020 14.09 -2.88 5.81
N GLY A 1021 15.00 -3.83 5.97
CA GLY A 1021 15.96 -4.17 4.94
C GLY A 1021 17.30 -3.49 5.14
N VAL A 1022 17.38 -2.62 6.14
CA VAL A 1022 18.60 -1.87 6.40
C VAL A 1022 19.20 -2.20 7.78
N ASN A 1023 18.48 -1.87 8.84
CA ASN A 1023 18.97 -2.16 10.19
C ASN A 1023 18.21 -3.32 10.83
N THR A 1024 17.18 -3.79 10.14
CA THR A 1024 16.45 -4.97 10.58
C THR A 1024 15.88 -5.70 9.37
N PHE A 1025 15.64 -7.00 9.54
CA PHE A 1025 15.12 -7.84 8.46
C PHE A 1025 16.04 -7.80 7.24
N ARG A 1026 17.32 -8.09 7.48
CA ARG A 1026 18.30 -8.15 6.41
C ARG A 1026 18.07 -9.40 5.57
N ASN A 1027 18.74 -9.45 4.42
CA ASN A 1027 18.65 -10.60 3.53
C ASN A 1027 19.72 -11.64 3.89
N PRO A 1028 19.31 -12.92 4.01
CA PRO A 1028 20.25 -14.01 4.28
C PRO A 1028 21.35 -14.15 3.21
N ASN A 1029 21.15 -13.55 2.05
CA ASN A 1029 22.16 -13.53 1.00
C ASN A 1029 23.19 -12.43 1.25
N GLY A 1030 22.71 -11.20 1.38
CA GLY A 1030 23.56 -10.06 1.66
C GLY A 1030 23.91 -9.25 0.42
N ASP A 1031 23.02 -9.28 -0.57
CA ASP A 1031 23.27 -8.59 -1.83
C ASP A 1031 22.36 -7.38 -2.01
N PRO A 1032 22.92 -6.17 -1.88
CA PRO A 1032 22.20 -4.92 -2.12
C PRO A 1032 22.06 -4.60 -3.60
N THR A 1033 20.85 -4.80 -4.14
CA THR A 1033 20.57 -4.59 -5.55
C THR A 1033 21.51 -5.41 -6.44
N GLN A 1035 23.10 -7.93 -7.78
CA GLN A 1035 23.30 -8.08 -9.21
C GLN A 1035 23.66 -6.73 -9.86
N THR A 1036 23.60 -6.69 -11.19
CA THR A 1036 23.89 -5.47 -11.93
C THR A 1036 22.61 -4.78 -12.39
N LEU A 1037 22.35 -3.60 -11.83
CA LEU A 1037 21.19 -2.80 -12.20
C LEU A 1037 21.54 -1.85 -13.34
N GLU A 1038 20.55 -1.49 -14.15
CA GLU A 1038 20.77 -0.53 -15.23
C GLU A 1038 20.92 0.88 -14.67
N LEU A 1039 21.86 1.64 -15.21
CA LEU A 1039 22.14 2.97 -14.70
C LEU A 1039 21.88 4.05 -15.73
N ALA A 1040 21.58 5.25 -15.23
CA ALA A 1040 21.30 6.39 -16.09
C ALA A 1040 22.46 7.37 -16.10
N ARG A 1041 23.49 7.05 -16.89
CA ARG A 1041 24.63 7.95 -17.09
C ARG A 1041 24.48 8.61 -18.45
N SER A 1042 25.46 9.42 -18.85
CA SER A 1042 25.34 10.12 -20.12
C SER A 1042 26.31 9.59 -21.16
N SER A 1043 25.84 9.48 -22.40
CA SER A 1043 26.67 8.99 -23.50
C SER A 1043 27.87 9.89 -23.76
N GLU A 1044 28.95 9.31 -24.24
CA GLU A 1044 30.14 10.08 -24.60
C GLU A 1044 29.82 11.01 -25.76
N ASP A 1045 29.05 10.49 -26.72
CA ASP A 1045 28.63 11.29 -27.87
C ASP A 1045 27.82 12.50 -27.42
N GLU A 1046 27.00 12.30 -26.39
CA GLU A 1046 26.16 13.38 -25.87
C GLU A 1046 27.01 14.49 -25.26
N LYS A 1047 28.09 14.12 -24.60
CA LYS A 1047 28.99 15.11 -24.01
C LYS A 1047 29.69 15.91 -25.11
N GLN A 1048 30.14 15.21 -26.14
CA GLN A 1048 30.79 15.86 -27.27
C GLN A 1048 29.78 16.70 -28.05
N SER A 1049 28.53 16.24 -28.09
CA SER A 1049 27.47 16.99 -28.75
C SER A 1049 27.28 18.35 -28.10
N GLN A 1050 27.15 18.35 -26.78
CA GLN A 1050 26.95 19.59 -26.02
C GLN A 1050 28.12 20.55 -26.21
N LEU A 1051 29.33 20.01 -26.25
CA LEU A 1051 30.52 20.84 -26.46
C LEU A 1051 30.50 21.46 -27.85
N HIS A 1052 30.18 20.66 -28.86
CA HIS A 1052 30.17 21.14 -30.24
C HIS A 1052 29.01 22.10 -30.47
N ARG A 1053 27.87 21.83 -29.86
CA ARG A 1053 26.72 22.74 -29.98
C ARG A 1053 27.03 24.08 -29.33
N LEU A 1054 27.76 24.04 -28.22
CA LEU A 1054 28.12 25.26 -27.50
C LEU A 1054 29.08 26.13 -28.32
N THR A 1055 30.17 25.52 -28.78
CA THR A 1055 31.18 26.24 -29.54
C THR A 1055 30.61 26.74 -30.87
N GLU A 1056 29.56 26.08 -31.35
CA GLU A 1056 28.88 26.50 -32.56
C GLU A 1056 27.98 27.69 -32.26
N PHE A 1057 27.30 27.64 -31.12
CA PHE A 1057 26.46 28.74 -30.67
C PHE A 1057 27.28 29.99 -30.42
N HIS A 1058 28.43 29.80 -29.76
CA HIS A 1058 29.33 30.91 -29.45
C HIS A 1058 29.82 31.59 -30.72
N GLY A 1059 30.17 30.80 -31.73
CA GLY A 1059 30.64 31.34 -32.99
C GLY A 1059 29.56 32.10 -33.73
N ALA A 1060 28.30 31.71 -33.50
CA ALA A 1060 27.16 32.35 -34.16
C ALA A 1060 26.94 33.77 -33.67
N HIS A 1061 27.03 33.96 -32.37
CA HIS A 1061 26.79 35.28 -31.78
C HIS A 1061 28.08 35.88 -31.22
N GLN A 1062 29.20 35.60 -31.89
CA GLN A 1062 30.50 36.07 -31.43
C GLN A 1062 30.60 37.59 -31.49
N ALA A 1063 29.83 38.20 -32.37
CA ALA A 1063 29.86 39.65 -32.52
C ALA A 1063 29.13 40.36 -31.37
N ASP A 1064 27.94 39.88 -31.05
CA ASP A 1064 27.08 40.55 -30.08
C ASP A 1064 27.32 40.08 -28.66
N ALA A 1065 28.23 39.13 -28.49
CA ALA A 1065 28.46 38.50 -27.19
C ALA A 1065 29.03 39.46 -26.16
N GLU A 1066 30.19 40.02 -26.45
CA GLU A 1066 30.86 40.94 -25.53
C GLU A 1066 29.98 42.15 -25.22
N ALA A 1067 29.28 42.63 -26.24
CA ALA A 1067 28.43 43.81 -26.11
C ALA A 1067 27.24 43.55 -25.17
N MET A 1068 26.62 42.38 -25.31
CA MET A 1068 25.46 42.03 -24.51
C MET A 1068 25.82 41.84 -23.05
N LEU A 1069 26.92 41.13 -22.80
CA LEU A 1069 27.39 40.89 -21.43
C LEU A 1069 27.72 42.20 -20.73
N ALA A 1070 28.26 43.15 -21.48
CA ALA A 1070 28.56 44.46 -20.96
C ALA A 1070 27.29 45.19 -20.51
N ARG A 1071 26.26 45.11 -21.35
CA ARG A 1071 24.97 45.69 -21.04
C ARG A 1071 24.39 45.07 -19.76
N LEU A 1072 24.60 43.77 -19.61
CA LEU A 1072 24.09 43.04 -18.46
C LEU A 1072 24.73 43.52 -17.16
N ARG A 1073 26.03 43.78 -17.19
CA ARG A 1073 26.72 44.24 -16.00
C ARG A 1073 26.34 45.68 -15.67
N GLN A 1074 26.11 46.49 -16.71
CA GLN A 1074 25.67 47.87 -16.53
C GLN A 1074 24.30 47.91 -15.89
N ALA A 1075 23.49 46.89 -16.17
CA ALA A 1075 22.16 46.79 -15.60
C ALA A 1075 22.23 46.59 -14.09
N VAL A 1076 23.27 45.91 -13.64
CA VAL A 1076 23.49 45.68 -12.21
C VAL A 1076 24.08 46.92 -11.56
N ILE A 1077 25.04 47.54 -12.25
CA ILE A 1077 25.69 48.74 -11.75
C ILE A 1077 24.70 49.89 -11.62
N ASP A 1078 23.98 50.18 -12.70
CA ASP A 1078 23.00 51.26 -12.70
C ASP A 1078 21.75 50.87 -11.92
N ASN A 1079 21.76 49.64 -11.40
CA ASN A 1079 20.67 49.13 -10.56
C ASN A 1079 19.32 49.16 -11.26
N ARG A 1080 19.28 48.64 -12.49
CA ARG A 1080 18.03 48.50 -13.22
C ARG A 1080 17.48 47.09 -13.01
N ASN A 1081 16.56 46.66 -13.88
CA ASN A 1081 16.01 45.32 -13.79
C ASN A 1081 16.88 44.29 -14.51
N VAL A 1082 17.43 43.36 -13.74
CA VAL A 1082 18.37 42.38 -14.28
C VAL A 1082 17.69 41.38 -15.22
N PHE A 1083 16.53 40.88 -14.82
CA PHE A 1083 15.83 39.88 -15.61
C PHE A 1083 15.41 40.42 -16.97
N ALA A 1084 15.06 41.70 -17.00
CA ALA A 1084 14.64 42.35 -18.24
C ALA A 1084 15.74 42.28 -19.30
N VAL A 1085 16.98 42.39 -18.86
CA VAL A 1085 18.12 42.31 -19.75
C VAL A 1085 18.38 40.86 -20.13
N LEU A 1086 18.12 39.95 -19.20
CA LEU A 1086 18.31 38.53 -19.44
C LEU A 1086 17.40 38.02 -20.55
N MET A 1087 16.23 38.65 -20.69
CA MET A 1087 15.29 38.27 -21.75
C MET A 1087 15.89 38.49 -23.14
N ASP A 1088 16.90 39.34 -23.21
CA ASP A 1088 17.62 39.58 -24.46
C ASP A 1088 18.96 38.87 -24.45
N ALA A 1089 19.56 38.76 -23.27
CA ALA A 1089 20.91 38.23 -23.12
C ALA A 1089 21.03 36.76 -23.52
N VAL A 1090 20.00 35.98 -23.21
CA VAL A 1090 20.04 34.54 -23.44
C VAL A 1090 19.95 34.19 -24.93
N ARG A 1091 19.77 35.20 -25.77
CA ARG A 1091 19.65 34.98 -27.20
C ARG A 1091 21.01 34.99 -27.90
N VAL A 1092 22.01 35.58 -27.27
CA VAL A 1092 23.33 35.70 -27.87
C VAL A 1092 24.44 35.23 -26.93
N CYS A 1093 24.05 34.83 -25.72
CA CYS A 1093 25.02 34.40 -24.72
C CYS A 1093 24.67 33.03 -24.16
N SER A 1094 25.70 32.28 -23.77
CA SER A 1094 25.50 30.98 -23.14
C SER A 1094 25.29 31.15 -21.64
N LEU A 1095 24.87 30.08 -20.98
CA LEU A 1095 24.62 30.09 -19.54
C LEU A 1095 25.86 30.49 -18.76
N GLY A 1096 27.00 29.92 -19.15
CA GLY A 1096 28.25 30.20 -18.48
C GLY A 1096 28.71 31.64 -18.65
N GLN A 1097 28.58 32.16 -19.86
CA GLN A 1097 28.94 33.54 -20.16
C GLN A 1097 28.17 34.51 -19.27
N ILE A 1098 26.87 34.27 -19.17
CA ILE A 1098 25.99 35.13 -18.37
C ILE A 1098 26.33 35.04 -16.89
N THR A 1099 26.49 33.82 -16.39
CA THR A 1099 26.80 33.61 -14.99
C THR A 1099 28.13 34.26 -14.61
N HIS A 1100 29.16 34.01 -15.41
CA HIS A 1100 30.48 34.54 -15.12
C HIS A 1100 30.52 36.06 -15.27
N ALA A 1101 29.68 36.59 -16.14
CA ALA A 1101 29.58 38.04 -16.30
C ALA A 1101 28.97 38.66 -15.06
N LEU A 1102 27.98 37.97 -14.50
CA LEU A 1102 27.33 38.45 -13.27
C LEU A 1102 28.25 38.33 -12.08
N PHE A 1103 29.17 37.36 -12.12
CA PHE A 1103 30.16 37.21 -11.07
C PHE A 1103 30.99 38.47 -10.90
N GLU A 1104 31.26 39.17 -11.99
CA GLU A 1104 32.08 40.38 -11.93
C GLU A 1104 31.30 41.56 -11.32
N VAL A 1105 29.99 41.41 -11.19
CA VAL A 1105 29.14 42.53 -10.81
C VAL A 1105 28.09 42.17 -9.75
N GLY A 1106 27.91 40.87 -9.51
CA GLY A 1106 26.94 40.41 -8.53
C GLY A 1106 27.56 39.59 -7.42
N GLY A 1107 28.83 39.25 -7.60
CA GLY A 1107 29.58 38.53 -6.59
C GLY A 1107 29.23 37.06 -6.51
N GLN A 1108 30.02 36.31 -5.74
CA GLN A 1108 29.80 34.88 -5.58
C GLN A 1108 29.28 34.58 -4.18
N TYR A 1109 28.59 33.45 -4.05
CA TYR A 1109 28.01 33.05 -2.77
C TYR A 1109 29.09 32.78 -1.73
N ARG A 1110 28.84 33.22 -0.50
CA ARG A 1110 29.75 32.93 0.60
C ARG A 1110 29.16 31.83 1.46
N ARG A 1111 29.80 30.66 1.43
CA ARG A 1111 29.32 29.48 2.14
C ARG A 1111 29.16 29.74 3.64
N ASN A 1112 28.23 29.02 4.27
CA ASN A 1112 27.86 29.32 5.64
C ASN A 1112 27.92 28.11 6.59
N MET A 1113 28.82 27.18 6.29
CA MET A 1113 29.05 26.00 7.13
C MET A 1113 27.81 25.10 7.21
N GLY B 42 -29.69 -31.92 -38.66
CA GLY B 42 -28.41 -32.05 -37.97
C GLY B 42 -27.50 -33.06 -38.63
N PRO B 43 -27.00 -34.03 -37.85
CA PRO B 43 -26.09 -35.07 -38.35
C PRO B 43 -26.79 -36.17 -39.14
N ALA B 44 -26.02 -37.03 -39.79
CA ALA B 44 -26.59 -38.11 -40.60
C ALA B 44 -27.10 -39.26 -39.72
N ASN B 45 -26.33 -39.61 -38.70
CA ASN B 45 -26.71 -40.66 -37.76
C ASN B 45 -27.21 -40.10 -36.45
N LYS B 46 -27.69 -40.97 -35.57
CA LYS B 46 -28.02 -40.58 -34.21
C LYS B 46 -26.73 -40.40 -33.41
N VAL B 47 -26.21 -39.17 -33.37
CA VAL B 47 -24.92 -38.91 -32.74
C VAL B 47 -25.06 -38.60 -31.25
N ARG B 48 -24.37 -39.40 -30.43
CA ARG B 48 -24.44 -39.26 -28.98
C ARG B 48 -23.08 -38.90 -28.38
N PHE B 49 -23.09 -38.06 -27.36
CA PHE B 49 -21.87 -37.61 -26.68
C PHE B 49 -21.94 -37.84 -25.19
N VAL B 50 -20.79 -38.05 -24.57
CA VAL B 50 -20.68 -38.05 -23.11
C VAL B 50 -19.76 -36.91 -22.69
N THR B 51 -20.32 -35.93 -22.00
CA THR B 51 -19.56 -34.76 -21.60
C THR B 51 -19.38 -34.69 -20.09
N ALA B 52 -18.19 -34.29 -19.66
CA ALA B 52 -17.86 -34.20 -18.24
C ALA B 52 -16.62 -33.36 -18.00
N ALA B 53 -16.40 -32.98 -16.75
CA ALA B 53 -15.15 -32.34 -16.36
C ALA B 53 -14.26 -33.36 -15.65
N SER B 54 -12.94 -33.20 -15.77
CA SER B 54 -11.98 -34.18 -15.25
C SER B 54 -12.11 -34.37 -13.74
N LEU B 55 -11.41 -35.38 -13.23
CA LEU B 55 -11.45 -35.71 -11.81
C LEU B 55 -10.95 -34.55 -10.95
N PHE B 56 -11.70 -34.24 -9.90
CA PHE B 56 -11.38 -33.15 -8.98
C PHE B 56 -11.34 -31.80 -9.70
N ASP B 57 -12.06 -31.70 -10.81
CA ASP B 57 -12.14 -30.44 -11.55
C ASP B 57 -13.53 -29.82 -11.39
N GLY B 58 -13.55 -28.60 -10.88
CA GLY B 58 -14.80 -27.91 -10.62
C GLY B 58 -15.20 -26.98 -11.76
N HIS B 59 -14.28 -26.78 -12.71
CA HIS B 59 -14.54 -25.89 -13.82
C HIS B 59 -15.44 -26.53 -14.87
N ASP B 60 -16.70 -26.10 -14.88
CA ASP B 60 -17.67 -26.62 -15.85
C ASP B 60 -18.14 -25.53 -16.82
N ALA B 61 -17.66 -24.31 -16.60
CA ALA B 61 -18.04 -23.17 -17.46
C ALA B 61 -17.71 -23.45 -18.91
N SER B 62 -16.57 -24.07 -19.14
CA SER B 62 -16.14 -24.41 -20.49
C SER B 62 -17.01 -25.52 -21.07
N ILE B 63 -17.10 -26.64 -20.36
CA ILE B 63 -17.80 -27.82 -20.87
C ILE B 63 -19.31 -27.61 -20.99
N ASN B 64 -19.85 -26.68 -20.21
CA ASN B 64 -21.29 -26.43 -20.26
C ASN B 64 -21.73 -25.71 -21.53
N ILE B 65 -20.90 -24.80 -22.02
CA ILE B 65 -21.24 -24.06 -23.23
C ILE B 65 -20.96 -24.90 -24.48
N MET B 66 -20.33 -26.06 -24.28
CA MET B 66 -20.05 -26.97 -25.38
C MET B 66 -21.19 -27.95 -25.59
N ARG B 67 -21.76 -28.44 -24.49
CA ARG B 67 -22.88 -29.37 -24.56
C ARG B 67 -24.14 -28.63 -25.00
N ARG B 68 -24.11 -27.31 -24.96
CA ARG B 68 -25.22 -26.52 -25.45
C ARG B 68 -25.15 -26.43 -26.96
N ILE B 69 -23.97 -26.14 -27.50
CA ILE B 69 -23.79 -26.07 -28.94
C ILE B 69 -23.99 -27.45 -29.56
N LEU B 70 -23.49 -28.47 -28.87
CA LEU B 70 -23.68 -29.86 -29.29
C LEU B 70 -25.16 -30.19 -29.43
N GLN B 71 -25.91 -29.86 -28.39
CA GLN B 71 -27.33 -30.14 -28.34
C GLN B 71 -28.10 -29.39 -29.43
N SER B 72 -27.68 -28.16 -29.69
CA SER B 72 -28.37 -27.32 -30.67
C SER B 72 -28.09 -27.78 -32.10
N GLN B 73 -26.93 -28.40 -32.30
CA GLN B 73 -26.56 -28.90 -33.62
C GLN B 73 -27.22 -30.25 -33.90
N GLY B 74 -27.81 -30.84 -32.87
CA GLY B 74 -28.58 -32.05 -33.04
C GLY B 74 -27.93 -33.30 -32.48
N CYS B 75 -27.28 -33.16 -31.33
CA CYS B 75 -26.63 -34.30 -30.69
C CYS B 75 -27.26 -34.61 -29.35
N GLU B 76 -27.52 -35.90 -29.11
CA GLU B 76 -27.96 -36.35 -27.80
C GLU B 76 -26.76 -36.32 -26.87
N VAL B 77 -26.84 -35.51 -25.82
CA VAL B 77 -25.72 -35.35 -24.90
C VAL B 77 -26.00 -35.91 -23.52
N ILE B 78 -25.25 -36.94 -23.14
CA ILE B 78 -25.34 -37.47 -21.79
C ILE B 78 -24.34 -36.75 -20.91
N HIS B 79 -24.78 -35.67 -20.26
CA HIS B 79 -23.91 -34.83 -19.45
C HIS B 79 -23.69 -35.44 -18.08
N LEU B 80 -22.43 -35.59 -17.69
CA LEU B 80 -22.09 -36.20 -16.41
C LEU B 80 -21.76 -35.18 -15.34
N GLY B 81 -21.59 -33.92 -15.75
CA GLY B 81 -21.25 -32.85 -14.82
C GLY B 81 -19.77 -32.82 -14.48
N HIS B 82 -19.44 -32.08 -13.42
CA HIS B 82 -18.06 -31.91 -13.01
C HIS B 82 -17.56 -33.07 -12.15
N ASN B 83 -16.25 -33.09 -11.90
CA ASN B 83 -15.61 -34.08 -11.04
C ASN B 83 -15.94 -35.52 -11.43
N ARG B 84 -15.36 -35.97 -12.54
CA ARG B 84 -15.58 -37.34 -12.98
C ARG B 84 -14.26 -38.05 -13.24
N SER B 85 -14.07 -39.19 -12.60
CA SER B 85 -12.88 -40.01 -12.85
C SER B 85 -12.95 -40.63 -14.23
N VAL B 86 -11.83 -41.18 -14.69
CA VAL B 86 -11.81 -41.85 -15.97
C VAL B 86 -12.73 -43.06 -15.94
N GLN B 87 -12.70 -43.81 -14.84
CA GLN B 87 -13.55 -44.97 -14.67
C GLN B 87 -15.02 -44.62 -14.85
N GLU B 88 -15.42 -43.44 -14.37
CA GLU B 88 -16.80 -43.00 -14.48
C GLU B 88 -17.18 -42.68 -15.92
N VAL B 89 -16.37 -41.85 -16.57
CA VAL B 89 -16.63 -41.40 -17.94
C VAL B 89 -16.64 -42.58 -18.91
N VAL B 90 -15.64 -43.44 -18.82
CA VAL B 90 -15.51 -44.58 -19.72
C VAL B 90 -16.68 -45.55 -19.56
N THR B 91 -17.02 -45.88 -18.32
CA THR B 91 -18.17 -46.74 -18.03
C THR B 91 -19.44 -46.14 -18.62
N ALA B 92 -19.60 -44.84 -18.45
CA ALA B 92 -20.75 -44.13 -18.99
C ALA B 92 -20.81 -44.25 -20.51
N ALA B 93 -19.74 -43.84 -21.18
CA ALA B 93 -19.68 -43.85 -22.63
C ALA B 93 -19.93 -45.24 -23.21
N LEU B 94 -19.49 -46.26 -22.49
CA LEU B 94 -19.63 -47.64 -22.95
C LEU B 94 -21.06 -48.15 -22.82
N GLN B 95 -21.73 -47.76 -21.75
CA GLN B 95 -23.10 -48.19 -21.53
C GLN B 95 -24.05 -47.41 -22.44
N GLU B 96 -23.76 -46.14 -22.67
CA GLU B 96 -24.57 -45.30 -23.54
C GLU B 96 -24.30 -45.62 -25.00
N ASP B 97 -23.16 -46.23 -25.27
CA ASP B 97 -22.69 -46.51 -26.62
C ASP B 97 -22.68 -45.25 -27.48
N VAL B 98 -21.79 -44.32 -27.12
CA VAL B 98 -21.71 -43.05 -27.82
C VAL B 98 -20.59 -43.04 -28.86
N GLN B 99 -20.60 -42.04 -29.72
CA GLN B 99 -19.57 -41.91 -30.74
C GLN B 99 -18.40 -41.05 -30.24
N GLY B 100 -18.68 -40.17 -29.28
CA GLY B 100 -17.68 -39.24 -28.81
C GLY B 100 -17.72 -38.89 -27.34
N ILE B 101 -16.57 -38.51 -26.81
CA ILE B 101 -16.43 -38.08 -25.42
C ILE B 101 -15.78 -36.70 -25.37
N ALA B 102 -16.40 -35.79 -24.64
CA ALA B 102 -15.84 -34.44 -24.48
C ALA B 102 -15.50 -34.16 -23.02
N ILE B 103 -14.22 -33.91 -22.76
CA ILE B 103 -13.73 -33.70 -21.40
C ILE B 103 -13.04 -32.34 -21.27
N SER B 104 -13.33 -31.64 -20.18
CA SER B 104 -12.62 -30.41 -19.86
C SER B 104 -11.71 -30.63 -18.66
N SER B 105 -10.42 -30.34 -18.82
CA SER B 105 -9.46 -30.50 -17.72
C SER B 105 -8.65 -29.23 -17.48
N TYR B 106 -8.99 -28.49 -16.44
CA TYR B 106 -8.31 -27.24 -16.12
C TYR B 106 -7.43 -27.35 -14.88
N GLN B 107 -7.42 -28.53 -14.25
CA GLN B 107 -6.65 -28.72 -13.03
C GLN B 107 -5.24 -29.21 -13.31
N GLY B 108 -4.98 -29.58 -14.56
CA GLY B 108 -3.71 -30.20 -14.90
C GLY B 108 -3.81 -31.70 -14.68
N GLY B 109 -2.69 -32.39 -14.81
CA GLY B 109 -2.67 -33.83 -14.74
C GLY B 109 -3.45 -34.43 -15.90
N HIS B 110 -3.63 -33.61 -16.94
CA HIS B 110 -4.45 -33.97 -18.07
C HIS B 110 -3.78 -34.98 -18.99
N VAL B 111 -2.45 -34.91 -19.07
CA VAL B 111 -1.71 -35.85 -19.89
C VAL B 111 -1.93 -37.27 -19.38
N GLU B 112 -1.79 -37.45 -18.07
CA GLU B 112 -2.01 -38.75 -17.45
C GLU B 112 -3.48 -39.15 -17.54
N TYR B 113 -4.36 -38.18 -17.34
CA TYR B 113 -5.80 -38.42 -17.36
C TYR B 113 -6.27 -38.96 -18.71
N PHE B 114 -5.95 -38.23 -19.78
CA PHE B 114 -6.41 -38.61 -21.11
C PHE B 114 -5.76 -39.92 -21.59
N LYS B 115 -4.49 -40.11 -21.27
CA LYS B 115 -3.80 -41.36 -21.60
C LYS B 115 -4.51 -42.54 -20.95
N TYR B 116 -4.89 -42.37 -19.69
CA TYR B 116 -5.62 -43.38 -18.96
C TYR B 116 -6.94 -43.70 -19.67
N MET B 117 -7.62 -42.66 -20.13
CA MET B 117 -8.91 -42.82 -20.79
C MET B 117 -8.76 -43.56 -22.11
N ILE B 118 -7.77 -43.16 -22.89
CA ILE B 118 -7.50 -43.82 -24.17
C ILE B 118 -7.18 -45.30 -23.94
N ASP B 119 -6.33 -45.58 -22.95
CA ASP B 119 -5.96 -46.94 -22.61
C ASP B 119 -7.17 -47.76 -22.17
N LEU B 120 -8.01 -47.16 -21.33
CA LEU B 120 -9.14 -47.87 -20.75
C LEU B 120 -10.21 -48.14 -21.79
N LEU B 121 -10.36 -47.24 -22.75
CA LEU B 121 -11.35 -47.40 -23.81
C LEU B 121 -11.01 -48.56 -24.72
N ARG B 122 -9.73 -48.65 -25.12
CA ARG B 122 -9.28 -49.71 -26.02
C ARG B 122 -9.37 -51.06 -25.34
N GLU B 123 -9.11 -51.08 -24.04
CA GLU B 123 -9.09 -52.32 -23.28
C GLU B 123 -10.48 -52.93 -23.14
N HIS B 124 -11.51 -52.08 -23.16
CA HIS B 124 -12.87 -52.55 -22.92
C HIS B 124 -13.82 -52.27 -24.08
N GLY B 125 -13.34 -52.48 -25.30
CA GLY B 125 -14.17 -52.37 -26.49
C GLY B 125 -14.76 -50.99 -26.71
N GLY B 126 -13.89 -49.99 -26.84
CA GLY B 126 -14.33 -48.63 -27.08
C GLY B 126 -13.29 -47.87 -27.87
N GLU B 127 -12.51 -48.61 -28.67
CA GLU B 127 -11.45 -48.02 -29.47
C GLU B 127 -12.01 -47.04 -30.50
N HIS B 128 -13.21 -47.32 -30.98
CA HIS B 128 -13.86 -46.52 -32.01
C HIS B 128 -14.42 -45.20 -31.47
N ILE B 129 -14.57 -45.11 -30.16
CA ILE B 129 -15.06 -43.89 -29.52
C ILE B 129 -13.97 -42.82 -29.54
N GLN B 130 -14.29 -41.68 -30.15
CA GLN B 130 -13.33 -40.59 -30.23
C GLN B 130 -13.38 -39.69 -28.99
N VAL B 131 -12.21 -39.29 -28.52
CA VAL B 131 -12.11 -38.45 -27.32
C VAL B 131 -11.67 -37.03 -27.66
N PHE B 132 -12.42 -36.05 -27.18
CA PHE B 132 -12.07 -34.64 -27.41
C PHE B 132 -11.83 -33.95 -26.08
N GLY B 133 -10.92 -32.98 -26.07
CA GLY B 133 -10.56 -32.30 -24.85
C GLY B 133 -10.30 -30.82 -25.01
N GLY B 134 -10.15 -30.14 -23.88
CA GLY B 134 -9.85 -28.72 -23.86
C GLY B 134 -9.59 -28.28 -22.43
N GLY B 135 -8.60 -27.41 -22.26
CA GLY B 135 -8.26 -26.92 -20.95
C GLY B 135 -7.74 -25.49 -21.00
N GLY B 136 -8.07 -24.80 -22.07
CA GLY B 136 -7.58 -23.44 -22.26
C GLY B 136 -6.07 -23.41 -22.37
N GLY B 137 -5.44 -22.54 -21.57
CA GLY B 137 -4.01 -22.39 -21.62
C GLY B 137 -3.25 -23.42 -20.82
N VAL B 138 -3.97 -24.20 -20.01
CA VAL B 138 -3.35 -25.21 -19.15
C VAL B 138 -2.66 -26.30 -19.98
N ILE B 139 -3.33 -26.75 -21.03
CA ILE B 139 -2.76 -27.76 -21.91
C ILE B 139 -1.91 -27.10 -23.01
N VAL B 140 -0.60 -27.05 -22.77
CA VAL B 140 0.33 -26.42 -23.71
C VAL B 140 0.40 -27.20 -25.03
N PRO B 141 0.76 -26.50 -26.12
CA PRO B 141 0.86 -27.10 -27.46
C PRO B 141 1.60 -28.43 -27.52
N ASP B 142 2.71 -28.56 -26.80
CA ASP B 142 3.48 -29.81 -26.80
C ASP B 142 2.66 -30.97 -26.26
N GLU B 143 1.88 -30.71 -25.22
CA GLU B 143 1.04 -31.74 -24.61
C GLU B 143 -0.14 -32.10 -25.50
N ILE B 144 -0.58 -31.14 -26.31
CA ILE B 144 -1.67 -31.39 -27.24
C ILE B 144 -1.22 -32.35 -28.34
N ARG B 145 -0.06 -32.06 -28.93
CA ARG B 145 0.49 -32.91 -29.98
C ARG B 145 0.76 -34.30 -29.45
N GLU B 146 1.21 -34.38 -28.20
CA GLU B 146 1.48 -35.66 -27.56
C GLU B 146 0.19 -36.46 -27.38
N LEU B 147 -0.82 -35.81 -26.80
CA LEU B 147 -2.09 -36.48 -26.51
C LEU B 147 -2.84 -36.85 -27.78
N GLN B 148 -2.79 -35.99 -28.79
CA GLN B 148 -3.44 -36.29 -30.07
C GLN B 148 -2.73 -37.43 -30.78
N ALA B 149 -1.42 -37.55 -30.54
CA ALA B 149 -0.64 -38.63 -31.11
C ALA B 149 -0.89 -39.93 -30.37
N TYR B 150 -1.28 -39.81 -29.10
CA TYR B 150 -1.52 -40.98 -28.26
C TYR B 150 -2.83 -41.67 -28.64
N GLY B 151 -3.83 -40.88 -29.01
CA GLY B 151 -5.12 -41.42 -29.39
C GLY B 151 -6.27 -40.43 -29.30
N VAL B 152 -6.06 -39.35 -28.57
CA VAL B 152 -7.08 -38.31 -28.45
C VAL B 152 -7.37 -37.70 -29.81
N ALA B 153 -8.65 -37.60 -30.16
CA ALA B 153 -9.07 -37.08 -31.46
C ALA B 153 -8.57 -35.64 -31.67
N ARG B 154 -9.01 -34.74 -30.79
CA ARG B 154 -8.59 -33.34 -30.87
C ARG B 154 -8.62 -32.69 -29.50
N ILE B 155 -7.63 -31.85 -29.23
CA ILE B 155 -7.67 -31.00 -28.04
C ILE B 155 -7.53 -29.54 -28.48
N TYR B 156 -8.51 -28.74 -28.08
CA TYR B 156 -8.64 -27.39 -28.59
C TYR B 156 -7.96 -26.36 -27.69
N SER B 157 -7.09 -25.56 -28.29
CA SER B 157 -6.43 -24.46 -27.60
C SER B 157 -7.29 -23.21 -27.70
N PRO B 158 -7.04 -22.20 -26.85
CA PRO B 158 -7.77 -20.94 -26.98
C PRO B 158 -7.57 -20.29 -28.35
N GLU B 159 -6.44 -20.59 -28.99
CA GLU B 159 -6.16 -20.11 -30.32
C GLU B 159 -7.02 -20.84 -31.36
N ASP B 160 -7.28 -22.12 -31.10
CA ASP B 160 -8.18 -22.89 -31.95
C ASP B 160 -9.59 -22.32 -31.87
N GLY B 161 -10.00 -21.93 -30.66
CA GLY B 161 -11.31 -21.36 -30.44
C GLY B 161 -11.50 -20.07 -31.20
N GLN B 162 -10.45 -19.27 -31.29
CA GLN B 162 -10.51 -18.01 -32.00
C GLN B 162 -10.63 -18.21 -33.50
N ARG B 163 -9.80 -19.11 -34.03
CA ARG B 163 -9.79 -19.37 -35.47
C ARG B 163 -11.07 -20.06 -35.92
N MET B 164 -11.45 -21.13 -35.23
CA MET B 164 -12.58 -21.96 -35.63
C MET B 164 -13.92 -21.36 -35.21
N GLY B 165 -13.92 -20.65 -34.09
CA GLY B 165 -15.16 -20.15 -33.53
C GLY B 165 -15.81 -21.21 -32.66
N LEU B 166 -16.70 -20.81 -31.77
CA LEU B 166 -17.35 -21.75 -30.86
C LEU B 166 -18.17 -22.79 -31.63
N ALA B 167 -18.94 -22.34 -32.60
CA ALA B 167 -19.73 -23.24 -33.41
C ALA B 167 -18.84 -24.11 -34.29
N GLY B 168 -17.73 -23.54 -34.73
CA GLY B 168 -16.79 -24.23 -35.60
C GLY B 168 -16.17 -25.45 -34.95
N MET B 169 -15.78 -25.31 -33.69
CA MET B 169 -15.21 -26.42 -32.94
C MET B 169 -16.17 -27.58 -32.84
N ILE B 170 -17.40 -27.28 -32.42
CA ILE B 170 -18.42 -28.30 -32.21
C ILE B 170 -18.82 -28.94 -33.54
N THR B 171 -18.85 -28.15 -34.60
CA THR B 171 -19.14 -28.67 -35.92
C THR B 171 -18.07 -29.69 -36.31
N ASP B 172 -16.81 -29.31 -36.17
CA ASP B 172 -15.69 -30.20 -36.44
C ASP B 172 -15.78 -31.46 -35.58
N MET B 173 -16.11 -31.26 -34.31
CA MET B 173 -16.21 -32.35 -33.35
C MET B 173 -17.37 -33.28 -33.69
N ALA B 174 -18.48 -32.72 -34.15
CA ALA B 174 -19.65 -33.50 -34.49
C ALA B 174 -19.45 -34.28 -35.79
N GLN B 175 -18.90 -33.60 -36.79
CA GLN B 175 -18.69 -34.22 -38.10
C GLN B 175 -17.78 -35.44 -38.02
N ARG B 176 -16.86 -35.43 -37.06
CA ARG B 176 -15.97 -36.57 -36.84
C ARG B 176 -16.74 -37.75 -36.27
N CYS B 177 -17.67 -37.48 -35.36
CA CYS B 177 -18.42 -38.52 -34.68
C CYS B 177 -19.69 -38.90 -35.42
N ASP B 178 -19.87 -38.37 -36.63
CA ASP B 178 -21.05 -38.67 -37.42
C ASP B 178 -20.91 -40.05 -38.08
N ILE B 179 -20.96 -41.10 -37.27
CA ILE B 179 -20.80 -42.46 -37.77
C ILE B 179 -21.93 -43.37 -37.28
N ASP B 180 -22.17 -44.45 -38.01
CA ASP B 180 -23.22 -45.39 -37.67
C ASP B 180 -22.68 -46.53 -36.80
N LEU B 181 -23.15 -46.60 -35.56
CA LEU B 181 -22.64 -47.58 -34.60
C LEU B 181 -23.38 -48.92 -34.67
N THR B 182 -24.37 -49.02 -35.55
CA THR B 182 -25.18 -50.22 -35.63
C THR B 182 -24.42 -51.39 -36.23
N ARG B 183 -23.28 -51.11 -36.85
CA ARG B 183 -22.45 -52.15 -37.45
C ARG B 183 -21.73 -52.96 -36.37
N TYR B 184 -21.61 -52.37 -35.18
CA TYR B 184 -20.91 -53.02 -34.07
C TYR B 184 -21.89 -53.84 -33.23
N ALA B 185 -23.16 -53.76 -33.57
CA ALA B 185 -24.21 -54.48 -32.84
C ALA B 185 -24.12 -55.98 -33.07
N PRO B 186 -24.38 -56.77 -32.03
CA PRO B 186 -24.37 -58.23 -32.14
C PRO B 186 -25.50 -58.74 -33.03
N THR B 187 -25.24 -59.83 -33.75
CA THR B 187 -26.24 -60.41 -34.63
C THR B 187 -26.99 -61.54 -33.94
N THR B 188 -26.38 -62.10 -32.89
CA THR B 188 -27.00 -63.14 -32.09
C THR B 188 -27.03 -62.75 -30.62
N LEU B 189 -27.99 -63.28 -29.88
CA LEU B 189 -28.16 -62.93 -28.47
C LEU B 189 -27.15 -63.64 -27.57
N ASP B 190 -26.31 -64.47 -28.17
CA ASP B 190 -25.34 -65.26 -27.42
C ASP B 190 -24.49 -64.42 -26.48
N THR B 191 -23.94 -63.34 -26.99
CA THR B 191 -23.10 -62.44 -26.20
C THR B 191 -23.90 -61.79 -25.07
N VAL B 192 -25.06 -61.23 -25.42
CA VAL B 192 -25.85 -60.45 -24.47
C VAL B 192 -26.37 -61.27 -23.30
N VAL B 193 -26.93 -62.44 -23.60
CA VAL B 193 -27.49 -63.31 -22.57
C VAL B 193 -26.41 -63.84 -21.64
N ALA B 194 -25.22 -64.04 -22.19
CA ALA B 194 -24.08 -64.54 -21.43
C ALA B 194 -23.73 -63.59 -20.28
N GLY B 195 -24.06 -62.32 -20.43
CA GLY B 195 -23.80 -61.33 -19.41
C GLY B 195 -22.98 -60.16 -19.90
N ASP B 196 -22.64 -60.19 -21.19
CA ASP B 196 -21.88 -59.10 -21.80
C ASP B 196 -22.69 -57.81 -21.74
N ARG B 197 -22.17 -56.83 -21.01
CA ARG B 197 -22.86 -55.56 -20.82
C ARG B 197 -22.56 -54.59 -21.96
N ARG B 198 -21.40 -54.76 -22.59
CA ARG B 198 -21.02 -53.92 -23.71
C ARG B 198 -21.80 -54.30 -24.97
N ALA B 199 -21.99 -55.61 -25.16
CA ALA B 199 -22.80 -56.10 -26.27
C ALA B 199 -24.25 -55.68 -26.08
N LEU B 200 -24.70 -55.68 -24.83
CA LEU B 200 -26.05 -55.24 -24.50
C LEU B 200 -26.23 -53.77 -24.87
N ALA B 201 -25.24 -52.95 -24.56
CA ALA B 201 -25.30 -51.52 -24.84
C ALA B 201 -25.35 -51.26 -26.35
N GLN B 202 -24.72 -52.13 -27.12
CA GLN B 202 -24.68 -51.97 -28.57
C GLN B 202 -25.93 -52.53 -29.22
N LEU B 203 -26.46 -53.61 -28.66
CA LEU B 203 -27.70 -54.19 -29.14
C LEU B 203 -28.85 -53.19 -29.00
N ILE B 204 -28.79 -52.38 -27.95
CA ILE B 204 -29.79 -51.35 -27.71
C ILE B 204 -29.71 -50.24 -28.76
N THR B 205 -28.48 -49.87 -29.15
CA THR B 205 -28.28 -48.86 -30.17
C THR B 205 -28.82 -49.35 -31.52
N ALA B 206 -28.83 -50.67 -31.69
CA ALA B 206 -29.40 -51.28 -32.89
C ALA B 206 -30.93 -51.29 -32.83
N LEU B 207 -31.47 -51.68 -31.67
CA LEU B 207 -32.90 -51.73 -31.47
C LEU B 207 -33.52 -50.34 -31.52
N GLU B 208 -32.83 -49.37 -30.94
CA GLU B 208 -33.33 -48.00 -30.87
C GLU B 208 -33.43 -47.38 -32.26
N ASN B 209 -32.46 -47.68 -33.11
CA ASN B 209 -32.41 -47.13 -34.45
C ASN B 209 -33.15 -48.00 -35.46
N GLY B 210 -33.69 -49.12 -34.98
CA GLY B 210 -34.48 -50.00 -35.82
C GLY B 210 -33.68 -50.74 -36.88
N LYS B 211 -32.36 -50.83 -36.67
CA LYS B 211 -31.51 -51.54 -37.61
C LYS B 211 -31.30 -52.99 -37.17
N ALA B 212 -32.14 -53.45 -36.23
CA ALA B 212 -32.07 -54.82 -35.75
C ALA B 212 -32.95 -55.73 -36.59
N ASP B 213 -32.47 -56.94 -36.85
CA ASP B 213 -33.20 -57.90 -37.67
C ASP B 213 -34.50 -58.34 -37.00
N PRO B 214 -35.60 -58.38 -37.77
CA PRO B 214 -36.93 -58.76 -37.27
C PRO B 214 -36.96 -60.13 -36.59
N GLU B 215 -36.22 -61.09 -37.13
CA GLU B 215 -36.17 -62.43 -36.54
C GLU B 215 -35.41 -62.40 -35.22
N LEU B 216 -34.48 -61.46 -35.10
CA LEU B 216 -33.72 -61.27 -33.87
C LEU B 216 -34.57 -60.61 -32.80
N VAL B 217 -35.41 -59.66 -33.21
CA VAL B 217 -36.28 -58.93 -32.31
C VAL B 217 -37.28 -59.86 -31.62
N SER B 218 -37.97 -60.67 -32.42
CA SER B 218 -38.95 -61.61 -31.88
C SER B 218 -38.27 -62.67 -31.00
N ALA B 219 -37.06 -63.03 -31.37
CA ALA B 219 -36.29 -64.00 -30.59
C ALA B 219 -35.87 -63.41 -29.25
N LEU B 220 -35.71 -62.09 -29.22
CA LEU B 220 -35.35 -61.37 -28.01
C LEU B 220 -36.53 -61.29 -27.06
N HIS B 221 -37.70 -60.94 -27.59
CA HIS B 221 -38.92 -60.87 -26.81
C HIS B 221 -39.34 -62.25 -26.30
N ALA B 222 -39.04 -63.27 -27.10
CA ALA B 222 -39.37 -64.65 -26.74
C ALA B 222 -38.62 -65.08 -25.49
N GLN B 223 -37.34 -64.74 -25.42
CA GLN B 223 -36.52 -65.09 -24.27
C GLN B 223 -36.78 -64.13 -23.12
N ALA B 224 -37.19 -62.90 -23.44
CA ALA B 224 -37.52 -61.91 -22.43
C ALA B 224 -38.78 -62.31 -21.67
N LYS B 225 -39.71 -62.95 -22.36
CA LYS B 225 -40.93 -63.44 -21.75
C LYS B 225 -40.62 -64.57 -20.77
N ALA B 226 -39.74 -65.48 -21.19
CA ALA B 226 -39.34 -66.60 -20.36
C ALA B 226 -38.39 -66.17 -19.26
N ALA B 227 -37.82 -64.98 -19.40
CA ALA B 227 -36.88 -64.45 -18.42
C ALA B 227 -37.58 -64.18 -17.09
N ALA B 228 -38.82 -63.68 -17.18
CA ALA B 228 -39.66 -63.41 -16.03
C ALA B 228 -38.99 -62.48 -15.02
N VAL B 229 -38.80 -61.22 -15.42
CA VAL B 229 -38.23 -60.22 -14.51
C VAL B 229 -39.16 -59.01 -14.41
N PRO B 230 -39.28 -58.45 -13.20
CA PRO B 230 -40.17 -57.31 -12.95
C PRO B 230 -39.66 -56.03 -13.60
N VAL B 231 -40.58 -55.21 -14.10
CA VAL B 231 -40.21 -53.94 -14.71
C VAL B 231 -40.91 -52.78 -14.01
N LEU B 232 -40.13 -51.99 -13.28
CA LEU B 232 -40.67 -50.84 -12.57
C LEU B 232 -40.62 -49.57 -13.41
N GLY B 233 -41.78 -48.98 -13.65
CA GLY B 233 -41.85 -47.74 -14.40
C GLY B 233 -42.00 -46.55 -13.47
N ILE B 234 -41.15 -45.54 -13.66
CA ILE B 234 -41.21 -44.33 -12.86
C ILE B 234 -41.48 -43.12 -13.74
N THR B 235 -42.70 -42.59 -13.67
CA THR B 235 -43.09 -41.44 -14.45
C THR B 235 -43.54 -40.30 -13.54
N GLY B 236 -43.75 -39.12 -14.11
CA GLY B 236 -44.19 -37.97 -13.33
C GLY B 236 -43.96 -36.65 -14.02
N THR B 237 -44.34 -35.57 -13.35
CA THR B 237 -44.18 -34.23 -13.91
C THR B 237 -42.72 -33.86 -14.04
N GLY B 238 -42.44 -32.82 -14.81
CA GLY B 238 -41.07 -32.41 -15.07
C GLY B 238 -40.39 -31.83 -13.85
N GLY B 239 -39.19 -32.32 -13.55
CA GLY B 239 -38.39 -31.81 -12.45
C GLY B 239 -38.96 -32.11 -11.08
N ALA B 240 -39.85 -33.09 -11.01
CA ALA B 240 -40.46 -33.48 -9.74
C ALA B 240 -39.46 -34.22 -8.85
N GLY B 241 -38.50 -34.89 -9.48
CA GLY B 241 -37.49 -35.63 -8.77
C GLY B 241 -37.45 -37.09 -9.14
N LYS B 242 -37.90 -37.40 -10.35
CA LYS B 242 -37.94 -38.78 -10.83
C LYS B 242 -36.56 -39.43 -10.83
N SER B 243 -35.56 -38.71 -11.31
CA SER B 243 -34.20 -39.21 -11.35
C SER B 243 -33.62 -39.34 -9.94
N SER B 244 -33.78 -38.30 -9.13
CA SER B 244 -33.26 -38.28 -7.77
C SER B 244 -33.87 -39.39 -6.91
N LEU B 245 -35.16 -39.60 -7.06
CA LEU B 245 -35.87 -40.63 -6.30
C LEU B 245 -35.45 -42.01 -6.76
N THR B 246 -35.19 -42.15 -8.06
CA THR B 246 -34.75 -43.42 -8.62
C THR B 246 -33.41 -43.84 -8.04
N ASP B 247 -32.46 -42.90 -8.02
CA ASP B 247 -31.13 -43.14 -7.48
C ASP B 247 -31.22 -43.59 -6.02
N GLU B 248 -32.01 -42.86 -5.24
CA GLU B 248 -32.18 -43.17 -3.81
C GLU B 248 -32.77 -44.56 -3.60
N LEU B 249 -33.76 -44.91 -4.40
CA LEU B 249 -34.38 -46.23 -4.32
C LEU B 249 -33.37 -47.33 -4.63
N ILE B 250 -32.53 -47.10 -5.62
CA ILE B 250 -31.49 -48.06 -5.97
C ILE B 250 -30.52 -48.22 -4.81
N ARG B 251 -30.21 -47.10 -4.16
CA ARG B 251 -29.31 -47.10 -3.01
C ARG B 251 -29.91 -47.90 -1.87
N ARG B 252 -31.24 -47.83 -1.73
CA ARG B 252 -31.94 -48.64 -0.75
C ARG B 252 -31.82 -50.12 -1.10
N PHE B 253 -31.95 -50.44 -2.39
CA PHE B 253 -31.83 -51.81 -2.86
C PHE B 253 -30.45 -52.38 -2.56
N ARG B 254 -29.42 -51.56 -2.71
CA ARG B 254 -28.06 -52.01 -2.50
C ARG B 254 -27.78 -52.25 -1.02
N LEU B 255 -28.19 -51.32 -0.18
CA LEU B 255 -27.99 -51.44 1.26
C LEU B 255 -28.78 -52.59 1.85
N ASP B 256 -30.01 -52.77 1.35
CA ASP B 256 -30.92 -53.76 1.89
C ASP B 256 -30.52 -55.18 1.49
N GLN B 257 -29.99 -55.33 0.29
CA GLN B 257 -29.71 -56.65 -0.25
C GLN B 257 -28.22 -56.94 -0.40
N ASP B 258 -27.40 -56.06 0.18
CA ASP B 258 -25.95 -56.21 0.15
C ASP B 258 -25.42 -56.30 -1.28
N ASP B 259 -25.94 -55.44 -2.15
CA ASP B 259 -25.53 -55.36 -3.55
C ASP B 259 -25.64 -56.70 -4.29
N ALA B 260 -26.68 -57.47 -3.96
CA ALA B 260 -26.86 -58.78 -4.58
C ALA B 260 -27.76 -58.70 -5.81
N LEU B 261 -28.44 -57.57 -5.99
CA LEU B 261 -29.39 -57.42 -7.09
C LEU B 261 -28.75 -56.81 -8.32
N SER B 262 -29.10 -57.35 -9.48
CA SER B 262 -28.63 -56.81 -10.76
C SER B 262 -29.70 -55.92 -11.37
N ILE B 263 -29.52 -54.62 -11.27
CA ILE B 263 -30.53 -53.65 -11.69
C ILE B 263 -30.16 -52.95 -12.99
N ALA B 264 -31.12 -52.90 -13.91
CA ALA B 264 -30.95 -52.18 -15.17
C ALA B 264 -31.83 -50.94 -15.20
N VAL B 265 -31.22 -49.79 -15.49
CA VAL B 265 -31.96 -48.53 -15.48
C VAL B 265 -32.06 -47.90 -16.85
N ILE B 266 -33.29 -47.69 -17.32
CA ILE B 266 -33.50 -47.04 -18.60
C ILE B 266 -34.17 -45.69 -18.42
N SER B 267 -33.37 -44.62 -18.45
CA SER B 267 -33.89 -43.27 -18.27
C SER B 267 -34.12 -42.59 -19.60
N ILE B 268 -35.28 -41.93 -19.72
CA ILE B 268 -35.65 -41.25 -20.96
C ILE B 268 -35.86 -39.76 -20.74
N ASP B 269 -35.20 -38.96 -21.56
CA ASP B 269 -35.35 -37.51 -21.48
C ASP B 269 -35.81 -36.96 -22.83
N PRO B 270 -36.59 -35.87 -22.80
CA PRO B 270 -37.20 -35.39 -24.05
C PRO B 270 -36.19 -34.77 -25.00
N SER B 271 -36.39 -35.00 -26.29
CA SER B 271 -35.57 -34.34 -27.29
C SER B 271 -36.32 -33.17 -27.89
N ARG B 272 -35.72 -31.99 -27.83
CA ARG B 272 -36.35 -30.80 -28.40
C ARG B 272 -36.49 -30.94 -29.91
N ARG B 273 -37.68 -30.67 -30.41
CA ARG B 273 -38.00 -30.87 -31.82
C ARG B 273 -37.23 -29.92 -32.73
N LYS B 274 -37.01 -28.69 -32.26
CA LYS B 274 -36.30 -27.69 -33.06
C LYS B 274 -34.83 -28.06 -33.21
N SER B 275 -34.15 -28.26 -32.08
CA SER B 275 -32.72 -28.60 -32.06
C SER B 275 -32.45 -29.90 -32.80
N GLY B 276 -33.33 -30.87 -32.63
CA GLY B 276 -33.15 -32.19 -33.21
C GLY B 276 -32.41 -33.10 -32.23
N GLY B 277 -31.69 -32.49 -31.31
CA GLY B 277 -30.92 -33.22 -30.32
C GLY B 277 -31.63 -33.29 -28.99
N ALA B 278 -30.89 -33.62 -27.94
CA ALA B 278 -31.46 -33.78 -26.61
C ALA B 278 -30.41 -33.56 -25.54
N LEU B 279 -30.88 -33.31 -24.31
CA LEU B 279 -29.99 -33.26 -23.17
C LEU B 279 -30.31 -34.39 -22.21
N LEU B 280 -29.75 -35.57 -22.44
CA LEU B 280 -30.06 -36.71 -21.58
C LEU B 280 -29.48 -36.49 -20.18
N GLY B 281 -30.16 -35.65 -19.41
CA GLY B 281 -29.68 -35.29 -18.08
C GLY B 281 -30.37 -36.02 -16.96
N ASP B 282 -30.22 -37.34 -16.94
CA ASP B 282 -30.74 -38.16 -15.85
C ASP B 282 -29.59 -38.85 -15.13
N ARG B 283 -28.58 -39.24 -15.91
CA ARG B 283 -27.44 -39.98 -15.37
C ARG B 283 -26.64 -39.12 -14.39
N ILE B 284 -26.67 -37.81 -14.59
CA ILE B 284 -25.91 -36.88 -13.77
C ILE B 284 -26.40 -36.88 -12.32
N ARG B 285 -27.67 -37.24 -12.13
CA ARG B 285 -28.28 -37.25 -10.80
C ARG B 285 -28.05 -38.59 -10.10
N MET B 286 -27.58 -39.58 -10.85
CA MET B 286 -27.38 -40.92 -10.34
C MET B 286 -26.02 -41.10 -9.67
N ASN B 287 -26.02 -41.35 -8.36
CA ASN B 287 -24.79 -41.55 -7.62
C ASN B 287 -24.62 -42.99 -7.15
N ALA B 288 -25.72 -43.72 -7.09
CA ALA B 288 -25.70 -45.08 -6.55
C ALA B 288 -25.61 -46.14 -7.63
N ILE B 289 -25.38 -45.71 -8.87
CA ILE B 289 -25.34 -46.65 -9.98
C ILE B 289 -23.92 -47.09 -10.32
N ASN B 290 -22.94 -46.61 -9.55
CA ASN B 290 -21.55 -46.98 -9.80
C ASN B 290 -21.19 -48.30 -9.14
N HIS B 291 -21.51 -49.38 -9.83
CA HIS B 291 -21.31 -50.74 -9.33
C HIS B 291 -21.54 -51.71 -10.48
N PRO B 292 -20.74 -52.80 -10.54
CA PRO B 292 -20.84 -53.80 -11.60
C PRO B 292 -22.24 -54.38 -11.81
N ASN B 293 -23.03 -54.50 -10.73
CA ASN B 293 -24.37 -55.05 -10.84
C ASN B 293 -25.41 -54.05 -11.34
N ILE B 294 -24.98 -52.81 -11.56
CA ILE B 294 -25.89 -51.77 -12.04
C ILE B 294 -25.54 -51.34 -13.46
N PHE B 295 -26.55 -51.29 -14.31
CA PHE B 295 -26.39 -50.87 -15.70
C PHE B 295 -27.41 -49.77 -16.04
N MET B 296 -26.96 -48.71 -16.69
CA MET B 296 -27.87 -47.63 -17.04
C MET B 296 -27.66 -47.13 -18.47
N ARG B 297 -28.77 -46.94 -19.18
CA ARG B 297 -28.75 -46.42 -20.54
C ARG B 297 -29.70 -45.23 -20.69
N SER B 298 -29.20 -44.15 -21.27
CA SER B 298 -30.01 -42.95 -21.45
C SER B 298 -30.57 -42.88 -22.87
N LEU B 299 -31.89 -42.71 -22.98
CA LEU B 299 -32.55 -42.67 -24.28
C LEU B 299 -33.24 -41.33 -24.51
N ALA B 300 -33.11 -40.80 -25.72
CA ALA B 300 -33.89 -39.63 -26.12
C ALA B 300 -35.23 -40.09 -26.67
N THR B 301 -36.28 -39.31 -26.42
CA THR B 301 -37.61 -39.67 -26.89
C THR B 301 -37.65 -39.79 -28.41
N ARG B 302 -37.02 -38.85 -29.10
CA ARG B 302 -37.01 -38.82 -30.56
C ARG B 302 -38.43 -38.84 -31.13
N GLU B 303 -39.40 -38.41 -30.32
CA GLU B 303 -40.79 -38.35 -30.73
C GLU B 303 -41.42 -37.08 -30.17
N ALA B 304 -42.31 -36.47 -30.95
CA ALA B 304 -42.90 -35.17 -30.61
C ALA B 304 -43.56 -35.16 -29.24
N GLY B 305 -44.72 -35.81 -29.13
CA GLY B 305 -45.52 -35.69 -27.93
C GLY B 305 -45.40 -36.82 -26.94
N SER B 306 -44.48 -37.75 -27.20
CA SER B 306 -44.32 -38.93 -26.33
C SER B 306 -43.42 -38.62 -25.14
N GLU B 307 -43.61 -39.36 -24.06
CA GLU B 307 -42.76 -39.22 -22.88
C GLU B 307 -41.80 -40.40 -22.77
N ILE B 308 -41.87 -41.30 -23.75
CA ILE B 308 -40.99 -42.47 -23.80
C ILE B 308 -40.36 -42.63 -25.17
N SER B 309 -39.38 -43.51 -25.28
CA SER B 309 -38.79 -43.84 -26.57
C SER B 309 -39.72 -44.78 -27.33
N GLN B 310 -39.80 -44.60 -28.63
CA GLN B 310 -40.68 -45.43 -29.45
C GLN B 310 -40.11 -46.84 -29.61
N ALA B 311 -38.92 -47.06 -29.07
CA ALA B 311 -38.26 -48.37 -29.13
C ALA B 311 -38.11 -48.98 -27.74
N LEU B 312 -38.82 -48.41 -26.77
CA LEU B 312 -38.75 -48.84 -25.38
C LEU B 312 -39.07 -50.33 -25.14
N PRO B 313 -40.10 -50.89 -25.80
CA PRO B 313 -40.37 -52.30 -25.53
C PRO B 313 -39.24 -53.23 -25.94
N ASP B 314 -38.51 -52.86 -26.99
CA ASP B 314 -37.36 -53.64 -27.43
C ASP B 314 -36.22 -53.54 -26.42
N VAL B 315 -35.93 -52.32 -25.98
CA VAL B 315 -34.84 -52.07 -25.04
C VAL B 315 -35.09 -52.78 -23.71
N ILE B 316 -36.32 -52.69 -23.22
CA ILE B 316 -36.71 -53.36 -21.98
C ILE B 316 -36.49 -54.86 -22.11
N ALA B 317 -36.99 -55.42 -23.20
CA ALA B 317 -36.86 -56.85 -23.47
C ALA B 317 -35.39 -57.30 -23.52
N ALA B 318 -34.54 -56.42 -24.03
CA ALA B 318 -33.11 -56.69 -24.12
C ALA B 318 -32.51 -56.85 -22.72
N CYS B 319 -32.94 -56.01 -21.79
CA CYS B 319 -32.47 -56.07 -20.42
C CYS B 319 -33.05 -57.28 -19.69
N LYS B 320 -34.29 -57.64 -20.02
CA LYS B 320 -34.93 -58.80 -19.41
C LYS B 320 -34.17 -60.07 -19.77
N ALA B 321 -33.73 -60.16 -21.03
CA ALA B 321 -33.03 -61.35 -21.50
C ALA B 321 -31.61 -61.41 -20.95
N ALA B 322 -31.07 -60.26 -20.55
CA ALA B 322 -29.71 -60.20 -20.02
C ALA B 322 -29.65 -60.62 -18.56
N ARG B 323 -30.73 -61.25 -18.09
CA ARG B 323 -30.81 -61.82 -16.75
C ARG B 323 -30.61 -60.80 -15.64
N PHE B 324 -31.26 -59.64 -15.76
CA PHE B 324 -31.27 -58.66 -14.68
C PHE B 324 -32.37 -58.99 -13.68
N ASP B 325 -32.13 -58.70 -12.40
CA ASP B 325 -33.11 -58.99 -11.37
C ASP B 325 -34.27 -58.00 -11.38
N LEU B 326 -34.02 -56.80 -11.89
CA LEU B 326 -35.02 -55.74 -11.93
C LEU B 326 -34.69 -54.70 -12.98
N VAL B 327 -35.68 -54.29 -13.76
CA VAL B 327 -35.51 -53.23 -14.74
C VAL B 327 -36.34 -52.01 -14.36
N ILE B 328 -35.68 -50.87 -14.23
CA ILE B 328 -36.34 -49.63 -13.86
C ILE B 328 -36.33 -48.63 -15.01
N VAL B 329 -37.49 -48.06 -15.32
CA VAL B 329 -37.62 -47.14 -16.45
C VAL B 329 -38.13 -45.77 -16.02
N GLU B 330 -37.34 -44.74 -16.28
CA GLU B 330 -37.74 -43.36 -16.03
C GLU B 330 -38.16 -42.67 -17.33
N THR B 331 -39.35 -42.07 -17.32
CA THR B 331 -39.84 -41.35 -18.49
C THR B 331 -39.40 -39.89 -18.44
N SER B 332 -39.86 -39.10 -19.41
CA SER B 332 -39.61 -37.67 -19.40
C SER B 332 -40.72 -36.96 -18.63
N GLY B 333 -40.64 -35.64 -18.52
CA GLY B 333 -41.67 -34.89 -17.82
C GLY B 333 -43.02 -34.98 -18.52
N ILE B 334 -44.04 -35.45 -17.80
CA ILE B 334 -45.34 -35.68 -18.41
C ILE B 334 -46.37 -34.64 -17.99
N GLY B 335 -47.52 -34.65 -18.68
CA GLY B 335 -48.60 -33.74 -18.36
C GLY B 335 -49.67 -34.40 -17.52
N GLN B 336 -50.91 -33.94 -17.67
CA GLN B 336 -52.04 -34.53 -16.96
C GLN B 336 -52.52 -35.77 -17.69
N GLY B 337 -52.73 -35.65 -19.00
CA GLY B 337 -53.28 -36.74 -19.79
C GLY B 337 -52.29 -37.79 -20.25
N ASP B 338 -51.02 -37.61 -19.90
CA ASP B 338 -49.97 -38.56 -20.28
C ASP B 338 -49.88 -39.72 -19.30
N ALA B 339 -49.79 -40.94 -19.84
CA ALA B 339 -49.59 -42.15 -19.05
C ALA B 339 -49.18 -43.32 -19.95
N ALA B 340 -48.18 -43.08 -20.79
CA ALA B 340 -47.79 -44.06 -21.80
C ALA B 340 -46.84 -45.12 -21.24
N ILE B 341 -46.43 -44.96 -19.99
CA ILE B 341 -45.47 -45.88 -19.37
C ILE B 341 -46.17 -47.13 -18.84
N VAL B 342 -47.48 -47.02 -18.59
CA VAL B 342 -48.25 -48.07 -17.96
C VAL B 342 -48.28 -49.43 -18.69
N PRO B 343 -48.50 -49.43 -20.01
CA PRO B 343 -48.61 -50.76 -20.63
C PRO B 343 -47.28 -51.49 -20.81
N HIS B 344 -46.17 -50.80 -20.58
CA HIS B 344 -44.85 -51.38 -20.84
C HIS B 344 -44.16 -51.90 -19.59
N VAL B 345 -44.75 -51.61 -18.43
CA VAL B 345 -44.13 -52.01 -17.16
C VAL B 345 -45.06 -52.89 -16.33
N ASP B 346 -44.49 -53.53 -15.32
CA ASP B 346 -45.25 -54.41 -14.43
C ASP B 346 -45.75 -53.62 -13.21
N LEU B 347 -44.99 -52.61 -12.81
CA LEU B 347 -45.39 -51.69 -11.75
C LEU B 347 -45.06 -50.26 -12.13
N SER B 348 -45.96 -49.34 -11.80
CA SER B 348 -45.78 -47.94 -12.16
C SER B 348 -45.76 -47.03 -10.93
N LEU B 349 -44.88 -46.04 -10.96
CA LEU B 349 -44.74 -45.09 -9.85
C LEU B 349 -44.85 -43.66 -10.34
N TYR B 350 -45.91 -42.97 -9.92
CA TYR B 350 -46.13 -41.58 -10.29
C TYR B 350 -45.46 -40.65 -9.29
N VAL B 351 -44.61 -39.76 -9.78
CA VAL B 351 -43.92 -38.80 -8.91
C VAL B 351 -44.45 -37.40 -9.14
N MET B 352 -44.74 -36.69 -8.05
CA MET B 352 -45.25 -35.34 -8.13
C MET B 352 -44.72 -34.47 -6.99
N THR B 353 -45.00 -33.17 -7.07
CA THR B 353 -44.64 -32.25 -6.01
C THR B 353 -45.91 -31.73 -5.35
N PRO B 354 -45.81 -31.22 -4.11
CA PRO B 354 -46.99 -30.67 -3.43
C PRO B 354 -47.64 -29.52 -4.19
N GLU B 355 -46.93 -28.92 -5.12
CA GLU B 355 -47.48 -27.86 -5.97
C GLU B 355 -48.15 -28.45 -7.21
N PHE B 356 -49.46 -28.62 -7.17
CA PHE B 356 -50.18 -29.18 -8.31
C PHE B 356 -51.43 -28.38 -8.64
N GLY B 357 -51.56 -27.21 -8.03
CA GLY B 357 -52.70 -26.36 -8.25
C GLY B 357 -53.79 -26.61 -7.25
N ALA B 358 -55.04 -26.63 -7.72
CA ALA B 358 -56.17 -26.91 -6.85
C ALA B 358 -56.29 -28.40 -6.58
N ALA B 359 -57.15 -28.76 -5.63
CA ALA B 359 -57.38 -30.17 -5.31
C ALA B 359 -58.24 -30.84 -6.40
N SER B 360 -58.92 -30.03 -7.19
CA SER B 360 -59.75 -30.54 -8.28
C SER B 360 -58.89 -30.98 -9.46
N GLN B 361 -57.65 -30.56 -9.49
CA GLN B 361 -56.73 -30.90 -10.57
C GLN B 361 -56.41 -32.38 -10.58
N LEU B 362 -56.48 -33.01 -9.42
CA LEU B 362 -56.14 -34.42 -9.28
C LEU B 362 -57.13 -35.33 -10.01
N GLU B 363 -58.30 -34.79 -10.32
CA GLU B 363 -59.32 -35.54 -11.04
C GLU B 363 -59.04 -35.55 -12.54
N LYS B 364 -58.05 -34.77 -12.96
CA LYS B 364 -57.70 -34.67 -14.38
C LYS B 364 -56.46 -35.49 -14.71
N ILE B 365 -55.76 -35.92 -13.67
CA ILE B 365 -54.51 -36.67 -13.85
C ILE B 365 -54.77 -38.14 -14.16
N ASP B 366 -54.52 -38.53 -15.41
CA ASP B 366 -54.72 -39.90 -15.85
C ASP B 366 -53.87 -40.88 -15.07
N MET B 367 -52.68 -40.46 -14.68
CA MET B 367 -51.72 -41.37 -14.07
C MET B 367 -52.13 -41.80 -12.66
N LEU B 368 -52.95 -40.99 -12.00
CA LEU B 368 -53.44 -41.34 -10.67
C LEU B 368 -54.44 -42.47 -10.72
N ASP B 369 -54.84 -42.85 -11.94
CA ASP B 369 -55.82 -43.90 -12.14
C ASP B 369 -55.16 -45.24 -12.42
N PHE B 370 -53.87 -45.21 -12.77
CA PHE B 370 -53.16 -46.42 -13.14
C PHE B 370 -52.00 -46.75 -12.21
N ALA B 371 -51.42 -45.72 -11.59
CA ALA B 371 -50.23 -45.87 -10.77
C ALA B 371 -50.44 -46.83 -9.60
N ASP B 372 -49.54 -47.80 -9.46
CA ASP B 372 -49.58 -48.72 -8.34
C ASP B 372 -49.06 -48.05 -7.08
N PHE B 373 -48.14 -47.11 -7.29
CA PHE B 373 -47.56 -46.32 -6.20
C PHE B 373 -47.49 -44.86 -6.60
N VAL B 374 -47.75 -43.97 -5.65
CA VAL B 374 -47.64 -42.55 -5.88
C VAL B 374 -46.68 -41.92 -4.88
N ALA B 375 -45.67 -41.23 -5.40
CA ALA B 375 -44.67 -40.60 -4.54
C ALA B 375 -44.73 -39.09 -4.64
N ILE B 376 -45.18 -38.45 -3.58
CA ILE B 376 -45.18 -37.00 -3.50
C ILE B 376 -43.81 -36.53 -3.02
N ASN B 377 -42.90 -36.35 -3.95
CA ASN B 377 -41.54 -35.93 -3.64
C ASN B 377 -41.49 -34.45 -3.26
N LYS B 378 -40.32 -33.98 -2.86
CA LYS B 378 -40.14 -32.61 -2.39
C LYS B 378 -41.11 -32.30 -1.27
N PHE B 379 -41.17 -33.21 -0.30
CA PHE B 379 -42.11 -33.08 0.81
C PHE B 379 -41.67 -32.01 1.80
N ASP B 380 -40.53 -31.41 1.54
CA ASP B 380 -40.05 -30.31 2.38
C ASP B 380 -40.74 -29.01 1.99
N ARG B 381 -41.31 -28.98 0.79
CA ARG B 381 -41.97 -27.78 0.28
C ARG B 381 -43.26 -27.49 1.05
N LYS B 382 -43.73 -26.26 0.94
CA LYS B 382 -44.92 -25.82 1.67
C LYS B 382 -46.18 -26.53 1.19
N GLY B 383 -47.00 -26.97 2.13
CA GLY B 383 -48.28 -27.58 1.82
C GLY B 383 -48.18 -29.04 1.42
N ALA B 384 -47.08 -29.68 1.82
CA ALA B 384 -46.85 -31.08 1.48
C ALA B 384 -47.85 -31.99 2.19
N GLN B 385 -48.20 -31.62 3.42
CA GLN B 385 -49.10 -32.40 4.24
C GLN B 385 -50.49 -32.44 3.64
N ASP B 386 -50.98 -31.26 3.25
CA ASP B 386 -52.29 -31.14 2.64
C ASP B 386 -52.30 -31.76 1.25
N ALA B 387 -51.16 -31.69 0.57
CA ALA B 387 -51.03 -32.30 -0.74
C ALA B 387 -51.22 -33.81 -0.64
N TRP B 388 -50.64 -34.41 0.39
CA TRP B 388 -50.75 -35.84 0.61
C TRP B 388 -52.19 -36.23 0.92
N ARG B 389 -52.84 -35.39 1.72
CA ARG B 389 -54.25 -35.57 2.07
C ARG B 389 -55.11 -35.71 0.83
N ASP B 390 -54.91 -34.79 -0.11
CA ASP B 390 -55.72 -34.74 -1.32
C ASP B 390 -55.42 -35.91 -2.25
N VAL B 391 -54.14 -36.16 -2.49
CA VAL B 391 -53.72 -37.25 -3.37
C VAL B 391 -54.18 -38.60 -2.84
N ALA B 392 -54.07 -38.79 -1.53
CA ALA B 392 -54.49 -40.03 -0.91
C ALA B 392 -55.97 -40.28 -1.12
N LYS B 393 -56.78 -39.25 -0.89
CA LYS B 393 -58.23 -39.36 -1.04
C LYS B 393 -58.62 -39.56 -2.50
N GLN B 394 -57.82 -39.01 -3.41
CA GLN B 394 -58.09 -39.14 -4.84
C GLN B 394 -57.80 -40.56 -5.32
N VAL B 395 -56.72 -41.14 -4.82
CA VAL B 395 -56.35 -42.52 -5.18
C VAL B 395 -57.36 -43.50 -4.60
N GLN B 396 -57.83 -43.21 -3.38
CA GLN B 396 -58.88 -44.01 -2.76
C GLN B 396 -60.15 -43.99 -3.59
N ARG B 397 -60.47 -42.81 -4.12
CA ARG B 397 -61.65 -42.63 -4.96
C ARG B 397 -61.51 -43.37 -6.28
N ASN B 398 -60.33 -43.30 -6.89
CA ASN B 398 -60.07 -43.94 -8.17
C ASN B 398 -60.07 -45.45 -8.08
N ARG B 399 -59.80 -45.98 -6.90
CA ARG B 399 -59.76 -47.42 -6.69
C ARG B 399 -61.05 -47.94 -6.07
N GLU B 400 -61.92 -47.01 -5.70
CA GLU B 400 -63.21 -47.35 -5.08
C GLU B 400 -63.03 -48.20 -3.82
N GLN B 401 -61.92 -47.99 -3.10
CA GLN B 401 -61.68 -48.69 -1.85
C GLN B 401 -62.18 -47.87 -0.67
N TRP B 402 -63.49 -47.72 -0.57
CA TRP B 402 -64.07 -46.90 0.49
C TRP B 402 -64.10 -47.63 1.82
N HIS B 403 -63.89 -48.94 1.79
CA HIS B 403 -63.80 -49.75 3.00
C HIS B 403 -62.40 -49.69 3.60
N SER B 404 -61.51 -48.95 2.95
CA SER B 404 -60.15 -48.76 3.44
C SER B 404 -59.94 -47.33 3.94
N ARG B 405 -58.87 -47.14 4.69
CA ARG B 405 -58.51 -45.80 5.17
C ARG B 405 -57.70 -45.08 4.11
N ALA B 406 -57.86 -43.76 4.03
CA ALA B 406 -57.14 -42.95 3.05
C ALA B 406 -55.64 -43.00 3.31
N GLU B 407 -55.27 -43.18 4.57
CA GLU B 407 -53.87 -43.24 4.98
C GLU B 407 -53.22 -44.57 4.63
N ASP B 408 -54.02 -45.54 4.19
CA ASP B 408 -53.53 -46.87 3.85
C ASP B 408 -53.20 -47.00 2.37
N MET B 409 -53.57 -45.99 1.58
CA MET B 409 -53.31 -46.03 0.14
C MET B 409 -51.82 -45.95 -0.15
N PRO B 410 -51.38 -46.57 -1.25
CA PRO B 410 -49.97 -46.58 -1.65
C PRO B 410 -49.43 -45.20 -2.04
N VAL B 411 -49.89 -44.15 -1.37
CA VAL B 411 -49.38 -42.81 -1.61
C VAL B 411 -48.33 -42.46 -0.56
N TYR B 412 -47.13 -42.14 -1.02
CA TYR B 412 -46.01 -41.88 -0.12
C TYR B 412 -45.49 -40.45 -0.23
N GLY B 413 -45.10 -39.89 0.91
CA GLY B 413 -44.48 -38.57 0.95
C GLY B 413 -42.98 -38.70 1.11
N THR B 414 -42.24 -38.38 0.06
CA THR B 414 -40.81 -38.59 0.05
C THR B 414 -40.01 -37.29 -0.10
N GLN B 415 -38.75 -37.35 0.30
CA GLN B 415 -37.81 -36.25 0.11
C GLN B 415 -36.46 -36.82 -0.35
N ALA B 416 -36.32 -36.99 -1.66
CA ALA B 416 -35.15 -37.64 -2.24
C ALA B 416 -33.88 -36.82 -2.04
N SER B 417 -34.03 -35.51 -1.86
CA SER B 417 -32.87 -34.63 -1.69
C SER B 417 -32.17 -34.87 -0.35
N ARG B 418 -32.91 -35.27 0.67
CA ARG B 418 -32.27 -35.48 1.97
C ARG B 418 -31.81 -36.92 2.16
N PHE B 419 -30.56 -37.06 2.58
CA PHE B 419 -29.93 -38.36 2.79
C PHE B 419 -30.67 -39.17 3.85
N ASN B 420 -30.78 -40.48 3.61
CA ASN B 420 -31.41 -41.39 4.56
C ASN B 420 -32.83 -40.96 4.93
N ASP B 421 -33.56 -40.42 3.97
CA ASP B 421 -34.93 -39.98 4.22
C ASP B 421 -35.79 -41.18 4.58
N ASP B 422 -36.48 -41.09 5.72
CA ASP B 422 -37.33 -42.19 6.16
C ASP B 422 -38.52 -42.36 5.22
N GLY B 423 -38.94 -41.27 4.58
CA GLY B 423 -40.01 -41.33 3.60
C GLY B 423 -39.67 -42.23 2.44
N VAL B 424 -38.54 -41.97 1.81
CA VAL B 424 -38.07 -42.78 0.68
C VAL B 424 -37.96 -44.24 1.06
N THR B 425 -37.48 -44.50 2.27
CA THR B 425 -37.34 -45.85 2.78
C THR B 425 -38.70 -46.54 2.88
N MET B 426 -39.70 -45.78 3.33
CA MET B 426 -41.06 -46.29 3.43
C MET B 426 -41.58 -46.70 2.06
N LEU B 427 -41.34 -45.86 1.06
CA LEU B 427 -41.74 -46.18 -0.31
C LEU B 427 -41.03 -47.42 -0.80
N TYR B 428 -39.75 -47.54 -0.45
CA TYR B 428 -38.95 -48.70 -0.82
C TYR B 428 -39.54 -49.98 -0.25
N GLN B 429 -39.88 -49.94 1.04
CA GLN B 429 -40.45 -51.09 1.72
C GLN B 429 -41.72 -51.55 1.00
N GLY B 430 -42.49 -50.58 0.51
CA GLY B 430 -43.70 -50.87 -0.21
C GLY B 430 -43.43 -51.52 -1.57
N LEU B 431 -42.45 -50.95 -2.28
CA LEU B 431 -42.08 -51.48 -3.58
C LEU B 431 -41.53 -52.89 -3.48
N VAL B 432 -40.83 -53.17 -2.38
CA VAL B 432 -40.29 -54.51 -2.16
C VAL B 432 -41.41 -55.53 -2.00
N GLY B 433 -42.37 -55.21 -1.14
CA GLY B 433 -43.50 -56.09 -0.89
C GLY B 433 -44.29 -56.39 -2.16
N ALA B 434 -44.38 -55.40 -3.04
CA ALA B 434 -45.10 -55.55 -4.30
C ALA B 434 -44.28 -56.34 -5.30
N LEU B 435 -42.98 -56.07 -5.36
CA LEU B 435 -42.07 -56.79 -6.25
C LEU B 435 -41.86 -58.21 -5.76
N GLY B 436 -41.99 -58.41 -4.45
CA GLY B 436 -41.85 -59.73 -3.86
C GLY B 436 -42.95 -60.65 -4.30
N ALA B 437 -44.18 -60.17 -4.25
CA ALA B 437 -45.34 -60.95 -4.66
C ALA B 437 -45.35 -61.17 -6.17
N ARG B 438 -44.64 -60.32 -6.90
CA ARG B 438 -44.59 -60.41 -8.35
C ARG B 438 -43.37 -61.20 -8.82
N GLY B 439 -42.97 -62.18 -8.02
CA GLY B 439 -41.88 -63.08 -8.38
C GLY B 439 -40.52 -62.40 -8.44
N MET B 440 -39.96 -62.10 -7.28
CA MET B 440 -38.61 -61.55 -7.19
C MET B 440 -37.97 -61.95 -5.87
N SER B 441 -37.12 -62.97 -5.92
CA SER B 441 -36.47 -63.50 -4.72
C SER B 441 -35.58 -62.45 -4.05
N LEU B 442 -35.89 -62.16 -2.79
CA LEU B 442 -35.17 -61.15 -2.01
C LEU B 442 -34.90 -61.65 -0.60
N LYS B 443 -33.70 -61.41 -0.09
CA LYS B 443 -33.37 -61.75 1.29
C LYS B 443 -34.09 -60.81 2.25
N PRO B 444 -34.34 -61.26 3.48
CA PRO B 444 -34.89 -60.37 4.51
C PRO B 444 -34.01 -59.15 4.69
N GLY B 445 -34.60 -57.96 4.53
CA GLY B 445 -33.84 -56.73 4.48
C GLY B 445 -33.04 -56.37 5.72
N THR B 446 -32.00 -55.56 5.52
CA THR B 446 -31.18 -55.08 6.63
C THR B 446 -31.54 -53.64 6.98
N LEU B 447 -32.51 -53.09 6.26
CA LEU B 447 -32.97 -51.73 6.53
C LEU B 447 -34.07 -51.75 7.58
N PRO B 448 -34.15 -50.69 8.39
CA PRO B 448 -35.27 -50.58 9.35
C PRO B 448 -36.63 -50.60 8.64
N ASN B 449 -37.45 -51.58 8.98
CA ASN B 449 -38.76 -51.72 8.36
C ASN B 449 -39.74 -50.70 8.94
N LEU B 450 -39.68 -49.47 8.43
CA LEU B 450 -40.45 -48.37 8.96
C LEU B 450 -41.90 -48.39 8.51
N GLU B 451 -42.83 -48.12 9.43
CA GLU B 451 -44.23 -48.01 9.07
C GLU B 451 -44.61 -46.54 8.91
N GLY B 452 -45.59 -46.27 8.07
CA GLY B 452 -46.00 -44.91 7.76
C GLY B 452 -45.93 -44.64 6.27
N ARG B 453 -46.49 -43.52 5.84
CA ARG B 453 -46.51 -43.19 4.42
C ARG B 453 -45.85 -41.84 4.14
N ILE B 454 -45.47 -41.15 5.20
CA ILE B 454 -45.02 -39.77 5.07
C ILE B 454 -43.66 -39.54 5.74
N SER B 455 -42.78 -38.83 5.04
CA SER B 455 -41.48 -38.45 5.58
C SER B 455 -41.63 -37.53 6.79
N THR B 456 -40.77 -37.72 7.80
CA THR B 456 -40.83 -36.86 8.98
C THR B 456 -39.90 -35.68 8.82
N GLY B 457 -39.18 -35.66 7.69
CA GLY B 457 -38.27 -34.57 7.37
C GLY B 457 -37.15 -34.41 8.38
N GLN B 458 -36.84 -35.50 9.09
CA GLN B 458 -35.80 -35.48 10.10
C GLN B 458 -34.46 -35.12 9.50
N ASN B 459 -33.55 -34.62 10.34
CA ASN B 459 -32.21 -34.22 9.92
C ASN B 459 -32.17 -33.04 8.96
N VAL B 460 -33.07 -32.08 9.15
CA VAL B 460 -32.91 -30.79 8.50
C VAL B 460 -31.97 -29.97 9.39
N ILE B 461 -31.06 -29.23 8.76
CA ILE B 461 -30.02 -28.55 9.52
C ILE B 461 -30.56 -27.31 10.21
N VAL B 462 -31.22 -26.45 9.43
CA VAL B 462 -31.91 -25.30 9.99
C VAL B 462 -33.42 -25.52 9.92
N PRO B 463 -34.07 -25.59 11.09
CA PRO B 463 -35.51 -25.84 11.16
C PRO B 463 -36.31 -24.75 10.44
N PRO B 464 -37.34 -25.16 9.68
CA PRO B 464 -38.19 -24.24 8.91
C PRO B 464 -38.82 -23.14 9.76
N ALA B 465 -38.90 -23.37 11.07
CA ALA B 465 -39.39 -22.36 11.99
C ALA B 465 -38.42 -21.17 12.05
N ARG B 466 -37.13 -21.45 11.87
CA ARG B 466 -36.10 -20.42 11.92
C ARG B 466 -35.69 -20.00 10.52
N SER B 467 -36.51 -20.32 9.52
CA SER B 467 -36.18 -20.12 8.12
C SER B 467 -35.77 -18.69 7.79
N ARG B 468 -36.42 -17.71 8.41
CA ARG B 468 -36.13 -16.31 8.12
C ARG B 468 -35.24 -15.71 9.20
N TYR B 469 -34.22 -16.46 9.61
CA TYR B 469 -33.32 -16.01 10.66
C TYR B 469 -32.53 -14.77 10.22
N LEU B 470 -32.12 -14.75 8.96
CA LEU B 470 -31.35 -13.63 8.42
C LEU B 470 -32.15 -12.34 8.47
N ALA B 471 -33.44 -12.42 8.15
CA ALA B 471 -34.30 -11.25 8.17
C ALA B 471 -34.43 -10.71 9.59
N GLU B 472 -34.46 -11.61 10.56
CA GLU B 472 -34.56 -11.23 11.97
C GLU B 472 -33.32 -10.48 12.40
N LEU B 473 -32.17 -10.95 11.94
CA LEU B 473 -30.89 -10.31 12.25
C LEU B 473 -30.84 -8.92 11.66
N ALA B 474 -31.38 -8.76 10.46
CA ALA B 474 -31.47 -7.46 9.82
C ALA B 474 -32.31 -6.51 10.67
N ASP B 475 -33.43 -7.01 11.17
CA ASP B 475 -34.32 -6.22 12.02
C ASP B 475 -33.62 -5.84 13.31
N THR B 476 -32.83 -6.78 13.85
CA THR B 476 -32.13 -6.56 15.12
C THR B 476 -31.17 -5.39 15.02
N VAL B 477 -30.39 -5.36 13.94
CA VAL B 477 -29.41 -4.30 13.72
C VAL B 477 -30.09 -2.96 13.50
N ARG B 478 -31.09 -2.94 12.62
CA ARG B 478 -31.83 -1.71 12.34
C ARG B 478 -32.51 -1.20 13.60
N ALA B 479 -32.97 -2.11 14.44
CA ALA B 479 -33.61 -1.75 15.71
C ALA B 479 -32.62 -1.09 16.65
N TYR B 480 -31.39 -1.60 16.65
CA TYR B 480 -30.34 -1.05 17.49
C TYR B 480 -30.05 0.40 17.10
N HIS B 481 -29.96 0.66 15.81
CA HIS B 481 -29.67 1.99 15.30
C HIS B 481 -30.81 2.97 15.59
N ARG B 482 -32.04 2.48 15.54
CA ARG B 482 -33.18 3.30 15.89
C ARG B 482 -33.07 3.76 17.33
N ARG B 483 -32.53 2.89 18.18
CA ARG B 483 -32.35 3.22 19.59
C ARG B 483 -31.27 4.28 19.76
N VAL B 484 -30.19 4.14 19.01
CA VAL B 484 -29.09 5.11 19.07
C VAL B 484 -29.59 6.51 18.74
N VAL B 485 -30.44 6.61 17.72
CA VAL B 485 -31.01 7.88 17.32
C VAL B 485 -31.87 8.49 18.42
N ALA B 486 -32.76 7.68 18.98
CA ALA B 486 -33.69 8.13 20.00
C ALA B 486 -32.98 8.50 21.31
N GLN B 487 -32.05 7.66 21.73
CA GLN B 487 -31.32 7.89 22.97
C GLN B 487 -30.41 9.11 22.85
N SER B 488 -29.90 9.36 21.65
CA SER B 488 -29.07 10.54 21.40
C SER B 488 -29.90 11.80 21.56
N LYS B 489 -31.06 11.82 20.91
CA LYS B 489 -31.97 12.96 20.98
C LYS B 489 -32.32 13.27 22.44
N LEU B 490 -32.52 12.22 23.23
CA LEU B 490 -32.84 12.38 24.64
C LEU B 490 -31.65 12.96 25.41
N ALA B 491 -30.48 12.37 25.21
CA ALA B 491 -29.27 12.83 25.89
C ALA B 491 -28.92 14.25 25.48
N ARG B 492 -29.19 14.59 24.22
CA ARG B 492 -28.94 15.93 23.71
C ARG B 492 -29.87 16.94 24.37
N GLU B 493 -31.17 16.65 24.35
CA GLU B 493 -32.17 17.51 24.96
C GLU B 493 -31.91 17.70 26.44
N ARG B 494 -31.56 16.61 27.12
CA ARG B 494 -31.29 16.64 28.54
C ARG B 494 -30.17 17.63 28.86
N GLN B 495 -29.12 17.61 28.04
CA GLN B 495 -28.01 18.52 28.23
C GLN B 495 -28.41 19.96 27.91
N GLN B 496 -29.14 20.14 26.82
CA GLN B 496 -29.59 21.46 26.40
C GLN B 496 -30.44 22.13 27.48
N LEU B 497 -31.27 21.34 28.16
CA LEU B 497 -32.13 21.86 29.21
C LEU B 497 -31.31 22.34 30.41
N ARG B 498 -30.51 21.43 30.97
CA ARG B 498 -29.69 21.74 32.13
C ARG B 498 -28.68 22.85 31.82
N ALA B 499 -28.29 22.95 30.55
CA ALA B 499 -27.40 24.02 30.13
C ALA B 499 -28.11 25.37 30.24
N ALA B 500 -29.33 25.42 29.73
CA ALA B 500 -30.13 26.64 29.80
C ALA B 500 -30.50 26.98 31.23
N HIS B 501 -30.66 25.95 32.05
CA HIS B 501 -31.01 26.11 33.47
C HIS B 501 -29.88 26.82 34.21
N ASP B 502 -28.64 26.44 33.91
CA ASP B 502 -27.48 27.03 34.55
C ASP B 502 -27.24 28.45 34.07
N MET B 503 -27.66 28.73 32.84
CA MET B 503 -27.47 30.05 32.26
C MET B 503 -28.51 31.04 32.78
N LEU B 504 -29.70 30.54 33.09
CA LEU B 504 -30.75 31.36 33.66
C LEU B 504 -30.40 31.77 35.08
N GLN B 505 -29.88 30.84 35.86
CA GLN B 505 -29.50 31.11 37.24
C GLN B 505 -28.29 32.03 37.30
N GLY B 506 -27.52 32.06 36.22
CA GLY B 506 -26.38 32.96 36.13
C GLY B 506 -26.83 34.37 35.79
N ALA B 507 -28.07 34.51 35.36
CA ALA B 507 -28.64 35.81 35.02
C ALA B 507 -29.61 36.28 36.11
N GLY B 508 -30.02 35.37 36.97
CA GLY B 508 -30.90 35.70 38.08
C GLY B 508 -32.18 34.89 38.10
N HIS B 509 -32.77 34.69 36.92
CA HIS B 509 -34.02 33.96 36.80
C HIS B 509 -33.86 32.50 37.24
N GLU B 510 -34.63 32.12 38.25
CA GLU B 510 -34.63 30.73 38.72
C GLU B 510 -35.90 30.01 38.26
N SER B 511 -35.85 29.46 37.06
CA SER B 511 -36.98 28.72 36.50
C SER B 511 -36.73 27.21 36.55
N ALA B 512 -37.29 26.56 37.57
CA ALA B 512 -37.13 25.12 37.74
C ALA B 512 -38.06 24.35 36.82
N ALA B 513 -38.84 25.08 36.02
CA ALA B 513 -39.68 24.45 35.00
C ALA B 513 -38.81 23.70 33.99
N LEU B 514 -37.61 24.21 33.76
CA LEU B 514 -36.64 23.55 32.90
C LEU B 514 -36.17 22.23 33.51
N GLU B 515 -35.90 22.24 34.80
CA GLU B 515 -35.40 21.07 35.51
C GLU B 515 -36.39 19.92 35.48
N THR B 516 -37.68 20.25 35.47
CA THR B 516 -38.73 19.24 35.42
C THR B 516 -38.65 18.43 34.12
N LEU B 517 -38.36 19.13 33.02
CA LEU B 517 -38.22 18.47 31.73
C LEU B 517 -36.91 17.71 31.63
N ALA B 518 -35.92 18.14 32.41
CA ALA B 518 -34.61 17.49 32.42
C ALA B 518 -34.67 16.17 33.16
N SER B 519 -35.20 16.20 34.38
CA SER B 519 -35.37 14.99 35.19
C SER B 519 -36.29 14.00 34.49
N GLU B 520 -37.17 14.53 33.66
CA GLU B 520 -38.09 13.72 32.86
C GLU B 520 -37.32 12.87 31.84
N ARG B 521 -36.17 13.36 31.39
CA ARG B 521 -35.38 12.68 30.39
C ARG B 521 -34.27 11.81 30.99
N ASP B 522 -34.09 11.91 32.30
CA ASP B 522 -33.18 11.00 32.99
C ASP B 522 -33.78 9.60 33.02
N VAL B 523 -35.09 9.54 33.15
CA VAL B 523 -35.81 8.27 33.16
C VAL B 523 -35.99 7.74 31.74
N SER B 524 -36.17 8.67 30.80
CA SER B 524 -36.33 8.32 29.38
C SER B 524 -35.08 7.62 28.85
N LEU B 525 -33.92 8.08 29.29
CA LEU B 525 -32.66 7.43 28.94
C LEU B 525 -32.57 6.04 29.54
N GLY B 526 -32.06 5.09 28.77
CA GLY B 526 -31.90 3.74 29.24
C GLY B 526 -30.84 3.65 30.33
N ALA B 527 -30.79 2.50 31.00
CA ALA B 527 -29.82 2.30 32.07
C ALA B 527 -28.41 2.23 31.52
N VAL B 528 -28.24 1.49 30.44
CA VAL B 528 -26.94 1.31 29.81
C VAL B 528 -26.43 2.61 29.21
N GLU B 529 -27.33 3.35 28.57
CA GLU B 529 -26.98 4.61 27.94
C GLU B 529 -26.57 5.65 28.97
N ARG B 530 -27.26 5.67 30.10
CA ARG B 530 -26.97 6.64 31.16
C ARG B 530 -25.57 6.40 31.73
N LYS B 531 -25.20 5.13 31.85
CA LYS B 531 -23.90 4.78 32.41
C LYS B 531 -22.78 5.07 31.40
N LEU B 532 -23.10 4.95 30.12
CA LEU B 532 -22.13 5.24 29.06
C LEU B 532 -21.64 6.67 29.13
N LEU B 533 -22.59 7.62 29.18
CA LEU B 533 -22.26 9.03 29.29
C LEU B 533 -21.58 9.36 30.61
N ALA B 534 -21.97 8.64 31.65
CA ALA B 534 -21.42 8.89 32.99
C ALA B 534 -19.95 8.49 33.07
N MET B 535 -19.59 7.42 32.34
CA MET B 535 -18.22 6.93 32.37
C MET B 535 -17.34 7.68 31.37
N TRP B 536 -17.96 8.50 30.52
CA TRP B 536 -17.23 9.24 29.50
C TRP B 536 -16.12 10.15 30.04
N PRO B 537 -16.39 10.94 31.09
CA PRO B 537 -15.28 11.76 31.59
C PRO B 537 -14.15 10.91 32.17
N GLN B 538 -14.51 9.82 32.84
CA GLN B 538 -13.53 8.91 33.40
C GLN B 538 -12.78 8.19 32.28
N MET B 539 -13.49 7.96 31.18
CA MET B 539 -12.92 7.32 30.01
C MET B 539 -11.86 8.22 29.38
N GLN B 540 -12.13 9.52 29.35
CA GLN B 540 -11.23 10.49 28.75
C GLN B 540 -9.91 10.60 29.52
N GLN B 541 -10.01 10.58 30.85
CA GLN B 541 -8.82 10.70 31.70
C GLN B 541 -7.92 9.48 31.56
N ALA B 542 -8.51 8.35 31.18
CA ALA B 542 -7.75 7.11 31.01
C ALA B 542 -6.83 7.18 29.80
N TYR B 543 -7.40 7.53 28.65
CA TYR B 543 -6.66 7.58 27.40
C TYR B 543 -5.88 8.88 27.23
N SER B 544 -5.85 9.71 28.28
CA SER B 544 -5.18 10.99 28.23
C SER B 544 -3.70 10.87 28.56
N GLY B 545 -3.39 10.17 29.65
CA GLY B 545 -2.03 10.07 30.13
C GLY B 545 -1.08 9.31 29.23
N ASP B 546 0.11 9.01 29.75
CA ASP B 546 1.12 8.29 29.00
C ASP B 546 0.99 6.78 29.20
N GLU B 547 0.19 6.38 30.19
CA GLU B 547 -0.04 4.96 30.44
C GLU B 547 -1.51 4.64 30.72
N TYR B 548 -1.86 3.37 30.58
CA TYR B 548 -3.22 2.90 30.79
C TYR B 548 -3.26 1.89 31.94
N VAL B 549 -3.54 2.37 33.15
CA VAL B 549 -3.55 1.50 34.32
C VAL B 549 -4.88 0.77 34.48
N VAL B 550 -4.82 -0.56 34.48
CA VAL B 550 -6.00 -1.39 34.66
C VAL B 550 -5.66 -2.64 35.48
N LYS B 551 -6.40 -2.87 36.57
CA LYS B 551 -6.10 -3.95 37.49
C LYS B 551 -7.00 -5.17 37.29
N ILE B 552 -6.43 -6.23 36.75
CA ILE B 552 -7.13 -7.52 36.63
C ILE B 552 -6.64 -8.48 37.71
N ARG B 553 -7.53 -9.33 38.18
CA ARG B 553 -7.25 -10.26 39.29
C ARG B 553 -6.80 -9.50 40.54
N ASP B 554 -5.59 -9.76 41.00
CA ASP B 554 -5.06 -9.11 42.20
C ASP B 554 -3.91 -8.17 41.86
N LYS B 555 -3.40 -8.27 40.64
CA LYS B 555 -2.30 -7.43 40.20
C LYS B 555 -2.79 -6.27 39.34
N GLU B 556 -2.02 -5.94 38.31
CA GLU B 556 -2.38 -4.85 37.39
C GLU B 556 -1.73 -5.03 36.02
N ILE B 557 -2.23 -4.30 35.03
CA ILE B 557 -1.70 -4.38 33.67
C ILE B 557 -1.57 -2.99 33.05
N ARG B 558 -0.41 -2.37 33.21
CA ARG B 558 -0.15 -1.05 32.64
C ARG B 558 0.25 -1.14 31.18
N THR B 559 -0.34 -0.29 30.34
CA THR B 559 -0.04 -0.26 28.92
C THR B 559 0.30 1.15 28.45
N GLY B 560 1.34 1.28 27.64
CA GLY B 560 1.73 2.57 27.11
C GLY B 560 0.75 3.07 26.07
N LEU B 561 0.49 4.37 26.09
CA LEU B 561 -0.45 4.99 25.16
C LEU B 561 0.27 5.84 24.12
N ILE B 562 1.49 6.26 24.46
CA ILE B 562 2.20 7.24 23.66
C ILE B 562 3.37 6.65 22.89
N SER B 563 3.45 6.99 21.61
CA SER B 563 4.63 6.73 20.82
C SER B 563 5.13 8.04 20.26
N THR B 564 6.37 8.40 20.58
CA THR B 564 6.90 9.72 20.23
C THR B 564 7.70 9.70 18.94
N THR B 565 7.43 10.66 18.07
CA THR B 565 8.09 10.72 16.77
C THR B 565 9.48 11.35 16.87
N LEU B 566 10.22 11.34 15.76
CA LEU B 566 11.53 11.96 15.69
C LEU B 566 11.42 13.47 15.94
N SER B 567 10.26 14.03 15.61
CA SER B 567 10.02 15.45 15.79
C SER B 567 9.65 15.76 17.23
N GLY B 568 9.27 14.73 17.98
CA GLY B 568 8.93 14.89 19.37
C GLY B 568 7.43 15.03 19.60
N THR B 569 6.65 14.53 18.64
CA THR B 569 5.20 14.59 18.73
C THR B 569 4.64 13.34 19.42
N LYS B 570 3.72 13.54 20.35
CA LYS B 570 3.11 12.42 21.05
C LYS B 570 1.92 11.86 20.27
N ILE B 571 2.10 10.70 19.65
CA ILE B 571 1.03 10.05 18.90
C ILE B 571 0.29 9.04 19.76
N ARG B 572 -0.90 9.41 20.23
CA ARG B 572 -1.69 8.54 21.09
C ARG B 572 -2.14 7.29 20.33
N LYS B 573 -2.09 6.14 21.00
CA LYS B 573 -2.50 4.89 20.39
C LYS B 573 -3.97 4.92 20.03
N VAL B 574 -4.79 5.40 20.95
CA VAL B 574 -6.21 5.55 20.71
C VAL B 574 -6.65 7.00 20.91
N VAL B 575 -7.12 7.62 19.83
CA VAL B 575 -7.52 9.02 19.87
C VAL B 575 -9.02 9.15 20.13
N LEU B 576 -9.39 9.90 21.16
CA LEU B 576 -10.79 10.10 21.52
C LEU B 576 -11.34 11.36 20.89
N PRO B 577 -12.66 11.37 20.60
CA PRO B 577 -13.34 12.55 20.07
C PRO B 577 -13.37 13.71 21.05
N ARG B 578 -13.46 14.92 20.54
CA ARG B 578 -13.54 16.12 21.38
C ARG B 578 -14.89 16.82 21.25
N PHE B 579 -15.96 16.02 21.27
CA PHE B 579 -17.31 16.56 21.19
C PHE B 579 -17.74 17.21 22.49
N GLU B 580 -18.55 18.26 22.38
CA GLU B 580 -19.15 18.87 23.56
C GLU B 580 -20.57 18.38 23.72
N ASP B 581 -21.24 18.19 22.59
CA ASP B 581 -22.60 17.67 22.55
C ASP B 581 -22.66 16.24 23.09
N GLU B 582 -23.42 16.05 24.17
CA GLU B 582 -23.59 14.71 24.75
C GLU B 582 -24.39 13.82 23.83
N GLY B 583 -25.10 14.44 22.88
CA GLY B 583 -25.84 13.70 21.87
C GLY B 583 -24.88 13.01 20.92
N GLU B 584 -23.80 13.70 20.56
CA GLU B 584 -22.77 13.14 19.68
C GLU B 584 -21.93 12.12 20.43
N ILE B 585 -21.66 12.38 21.71
CA ILE B 585 -20.88 11.47 22.54
C ILE B 585 -21.56 10.11 22.65
N LEU B 586 -22.84 10.11 23.03
CA LEU B 586 -23.60 8.88 23.18
C LEU B 586 -23.75 8.18 21.83
N LYS B 587 -24.02 8.96 20.79
CA LYS B 587 -24.14 8.43 19.43
C LYS B 587 -22.88 7.69 19.04
N TRP B 588 -21.73 8.28 19.36
CA TRP B 588 -20.45 7.69 19.03
C TRP B 588 -20.16 6.47 19.91
N LEU B 589 -20.46 6.59 21.20
CA LEU B 589 -20.21 5.50 22.14
C LEU B 589 -21.06 4.26 21.83
N MET B 590 -22.18 4.46 21.15
CA MET B 590 -23.09 3.36 20.84
C MET B 590 -22.82 2.77 19.45
N ARG B 591 -22.36 3.61 18.54
CA ARG B 591 -22.13 3.17 17.17
C ARG B 591 -20.68 2.72 16.97
N GLU B 592 -19.74 3.47 17.52
CA GLU B 592 -18.32 3.17 17.37
C GLU B 592 -17.52 3.45 18.62
N ASN B 593 -17.66 2.62 19.65
CA ASN B 593 -16.88 2.83 20.87
C ASN B 593 -15.40 2.59 20.58
N VAL B 594 -14.54 2.95 21.53
CA VAL B 594 -13.11 2.70 21.41
C VAL B 594 -12.83 1.22 21.20
N PRO B 595 -11.64 0.89 20.65
CA PRO B 595 -11.26 -0.52 20.54
C PRO B 595 -11.33 -1.23 21.89
N GLY B 596 -12.03 -2.37 21.94
CA GLY B 596 -12.13 -3.14 23.16
C GLY B 596 -13.42 -2.88 23.93
N SER B 597 -14.36 -2.22 23.29
CA SER B 597 -15.65 -1.91 23.91
C SER B 597 -16.79 -2.07 22.91
N PHE B 598 -17.93 -2.58 23.38
CA PHE B 598 -19.10 -2.80 22.53
C PHE B 598 -19.50 -1.53 21.78
N PRO B 599 -19.83 -1.66 20.49
CA PRO B 599 -19.93 -2.90 19.71
C PRO B 599 -18.64 -3.32 19.01
N TYR B 600 -17.49 -2.94 19.57
CA TYR B 600 -16.18 -3.36 19.07
C TYR B 600 -15.98 -2.99 17.60
N THR B 601 -16.47 -1.82 17.19
CA THR B 601 -16.36 -1.41 15.80
C THR B 601 -14.91 -1.20 15.41
N ALA B 602 -14.15 -0.53 16.28
CA ALA B 602 -12.76 -0.20 15.99
C ALA B 602 -11.80 -1.29 16.47
N GLY B 603 -12.33 -2.48 16.70
CA GLY B 603 -11.52 -3.61 17.12
C GLY B 603 -12.11 -4.32 18.33
N VAL B 604 -11.82 -5.61 18.45
CA VAL B 604 -12.35 -6.40 19.55
C VAL B 604 -11.46 -6.33 20.79
N PHE B 605 -10.26 -5.83 20.62
CA PHE B 605 -9.30 -5.72 21.73
C PHE B 605 -8.97 -4.26 22.02
N ALA B 606 -8.54 -4.00 23.25
CA ALA B 606 -8.21 -2.64 23.68
C ALA B 606 -7.05 -2.07 22.89
N PHE B 607 -5.93 -2.77 22.91
CA PHE B 607 -4.74 -2.34 22.18
C PHE B 607 -4.13 -3.51 21.41
N LYS B 608 -3.50 -3.21 20.28
CA LYS B 608 -2.91 -4.23 19.44
C LYS B 608 -1.79 -4.96 20.18
N ARG B 609 -1.58 -6.23 19.86
CA ARG B 609 -0.53 -7.02 20.47
C ARG B 609 0.85 -6.59 19.96
N GLU B 610 1.80 -6.42 20.86
CA GLU B 610 3.14 -6.00 20.48
C GLU B 610 4.05 -7.19 20.22
N GLY B 611 4.58 -7.27 19.00
CA GLY B 611 5.48 -8.34 18.62
C GLY B 611 5.11 -9.01 17.31
N PRO B 614 3.94 -13.17 15.22
CA PRO B 614 2.65 -13.85 15.03
C PRO B 614 2.53 -14.51 13.66
N THR B 615 3.66 -14.64 12.97
CA THR B 615 3.68 -15.22 11.63
C THR B 615 3.63 -16.74 11.65
N ARG B 616 2.51 -17.29 11.16
CA ARG B 616 2.33 -18.74 11.12
C ARG B 616 3.34 -19.39 10.18
N MET B 617 3.53 -20.70 10.37
CA MET B 617 4.47 -21.46 9.56
C MET B 617 3.74 -22.51 8.73
N PHE B 618 3.46 -22.16 7.47
CA PHE B 618 2.68 -23.02 6.58
C PHE B 618 3.58 -23.95 5.77
N ALA B 619 3.26 -25.23 5.79
CA ALA B 619 4.03 -26.24 5.07
C ALA B 619 3.17 -27.45 4.74
N GLY B 620 3.35 -28.00 3.54
CA GLY B 620 2.58 -29.15 3.12
C GLY B 620 2.89 -29.59 1.70
N GLU B 621 3.72 -30.62 1.59
CA GLU B 621 4.07 -31.17 0.28
C GLU B 621 4.66 -32.56 0.43
N GLY B 622 4.47 -33.39 -0.59
CA GLY B 622 4.97 -34.75 -0.57
C GLY B 622 4.26 -35.61 0.46
N ASP B 623 4.98 -36.57 1.03
CA ASP B 623 4.41 -37.45 2.04
C ASP B 623 4.50 -36.81 3.41
N ALA B 624 3.98 -37.50 4.42
CA ALA B 624 3.95 -36.98 5.79
C ALA B 624 5.35 -36.71 6.34
N PHE B 625 6.34 -37.43 5.81
CA PHE B 625 7.72 -37.28 6.26
C PHE B 625 8.31 -35.94 5.84
N ARG B 626 8.13 -35.58 4.57
CA ARG B 626 8.69 -34.34 4.05
C ARG B 626 8.04 -33.11 4.67
N THR B 627 6.73 -33.17 4.86
CA THR B 627 5.99 -32.06 5.44
C THR B 627 6.40 -31.85 6.90
N ASN B 628 6.66 -32.95 7.59
CA ASN B 628 7.12 -32.89 8.97
C ASN B 628 8.49 -32.23 9.09
N ARG B 629 9.39 -32.60 8.18
CA ARG B 629 10.76 -32.10 8.24
C ARG B 629 10.75 -30.60 8.05
N ARG B 630 9.98 -30.13 7.09
CA ARG B 630 9.84 -28.70 6.84
C ARG B 630 9.29 -28.01 8.07
N PHE B 631 8.33 -28.66 8.73
CA PHE B 631 7.78 -28.14 9.98
C PHE B 631 8.86 -27.99 11.04
N LYS B 632 9.61 -29.07 11.26
CA LYS B 632 10.68 -29.08 12.25
C LYS B 632 11.77 -28.07 11.90
N LEU B 633 12.06 -27.92 10.61
CA LEU B 633 13.11 -27.02 10.17
C LEU B 633 12.75 -25.56 10.39
N VAL B 634 11.56 -25.17 9.95
CA VAL B 634 11.13 -23.79 10.07
C VAL B 634 10.92 -23.40 11.53
N SER B 635 10.33 -24.30 12.30
CA SER B 635 10.02 -24.02 13.70
C SER B 635 11.17 -24.36 14.64
N GLU B 636 12.39 -24.41 14.10
CA GLU B 636 13.54 -24.71 14.92
C GLU B 636 13.85 -23.58 15.90
N GLY B 637 13.91 -23.92 17.17
CA GLY B 637 14.27 -22.96 18.21
C GLY B 637 13.30 -21.81 18.35
N MET B 638 12.01 -22.10 18.24
CA MET B 638 10.98 -21.09 18.46
C MET B 638 10.10 -21.44 19.65
N GLU B 639 9.64 -20.43 20.36
CA GLU B 639 8.82 -20.63 21.55
C GLU B 639 7.47 -21.24 21.19
N ALA B 640 6.72 -20.54 20.34
CA ALA B 640 5.38 -21.00 19.96
C ALA B 640 5.41 -21.74 18.62
N LYS B 641 4.97 -23.00 18.66
CA LYS B 641 4.83 -23.79 17.44
C LYS B 641 3.44 -23.63 16.86
N ARG B 642 3.31 -22.81 15.82
CA ARG B 642 2.05 -22.61 15.14
C ARG B 642 2.09 -23.20 13.74
N LEU B 643 1.55 -24.40 13.59
CA LEU B 643 1.58 -25.13 12.32
C LEU B 643 0.32 -24.94 11.51
N SER B 644 0.47 -24.92 10.19
CA SER B 644 -0.68 -24.85 9.29
C SER B 644 -0.52 -25.86 8.15
N THR B 645 -1.39 -26.86 8.14
CA THR B 645 -1.24 -28.01 7.25
C THR B 645 -2.05 -27.90 5.96
N ALA B 646 -1.40 -28.13 4.83
CA ALA B 646 -2.08 -28.15 3.54
C ALA B 646 -2.05 -29.56 2.94
N PHE B 647 -3.23 -30.09 2.62
CA PHE B 647 -3.32 -31.45 2.12
C PHE B 647 -3.39 -31.49 0.59
N ASP B 648 -2.91 -32.58 -0.01
CA ASP B 648 -2.95 -32.71 -1.46
C ASP B 648 -4.38 -32.93 -1.93
N SER B 649 -4.61 -32.70 -3.22
CA SER B 649 -5.95 -32.74 -3.80
C SER B 649 -6.66 -34.07 -3.53
N VAL B 650 -5.89 -35.14 -3.44
CA VAL B 650 -6.46 -36.46 -3.20
C VAL B 650 -7.01 -36.60 -1.79
N THR B 651 -6.27 -36.08 -0.81
CA THR B 651 -6.72 -36.11 0.58
C THR B 651 -7.88 -35.15 0.80
N LEU B 652 -7.84 -34.02 0.10
CA LEU B 652 -8.90 -33.00 0.21
C LEU B 652 -10.25 -33.55 -0.22
N TYR B 653 -10.22 -34.59 -1.05
CA TYR B 653 -11.46 -35.19 -1.55
C TYR B 653 -11.69 -36.58 -0.95
N GLY B 654 -11.03 -36.84 0.17
CA GLY B 654 -11.26 -38.05 0.95
C GLY B 654 -10.91 -39.34 0.26
N GLU B 655 -10.00 -39.28 -0.71
CA GLU B 655 -9.61 -40.46 -1.46
C GLU B 655 -8.26 -40.99 -1.03
N ASP B 656 -8.08 -42.31 -1.13
CA ASP B 656 -6.79 -42.93 -0.92
C ASP B 656 -5.94 -42.78 -2.19
N PRO B 657 -4.61 -42.70 -2.03
CA PRO B 657 -3.74 -42.68 -3.21
C PRO B 657 -3.85 -43.98 -3.99
N HIS B 658 -3.87 -43.89 -5.32
CA HIS B 658 -4.04 -45.07 -6.15
C HIS B 658 -3.15 -45.03 -7.39
N GLU B 659 -3.03 -46.16 -8.06
CA GLU B 659 -2.18 -46.28 -9.25
C GLU B 659 -2.78 -45.60 -10.46
N ARG B 660 -4.11 -45.50 -10.46
CA ARG B 660 -4.89 -44.85 -11.50
C ARG B 660 -4.34 -43.47 -11.81
N PRO B 661 -3.96 -43.25 -13.08
CA PRO B 661 -3.35 -42.01 -13.55
C PRO B 661 -4.13 -40.74 -13.19
N ASP B 662 -5.45 -40.86 -13.05
CA ASP B 662 -6.26 -39.70 -12.70
C ASP B 662 -6.00 -39.26 -11.25
N ILE B 663 -5.44 -40.17 -10.47
CA ILE B 663 -5.16 -39.92 -9.06
C ILE B 663 -3.66 -39.86 -8.77
N TYR B 664 -2.92 -40.82 -9.31
CA TYR B 664 -1.50 -40.99 -9.01
C TYR B 664 -0.68 -39.72 -9.21
N GLY B 665 -0.95 -38.99 -10.29
CA GLY B 665 -0.22 -37.78 -10.59
C GLY B 665 -0.46 -36.66 -9.60
N LYS B 666 -1.54 -36.79 -8.83
CA LYS B 666 -1.94 -35.74 -7.89
C LYS B 666 -1.53 -36.05 -6.46
N VAL B 667 -1.03 -37.26 -6.23
CA VAL B 667 -0.62 -37.68 -4.90
C VAL B 667 0.62 -36.93 -4.42
N GLY B 668 0.51 -36.27 -3.28
CA GLY B 668 1.63 -35.56 -2.70
C GLY B 668 1.91 -34.24 -3.37
N ASN B 669 1.07 -33.88 -4.33
CA ASN B 669 1.24 -32.66 -5.08
C ASN B 669 0.35 -31.53 -4.53
N SER B 670 0.96 -30.38 -4.26
CA SER B 670 0.27 -29.19 -3.76
C SER B 670 -0.31 -29.37 -2.36
N GLY B 671 0.18 -30.38 -1.65
CA GLY B 671 -0.21 -30.62 -0.26
C GLY B 671 0.28 -31.97 0.22
N VAL B 672 0.30 -32.17 1.53
CA VAL B 672 0.76 -33.44 2.09
C VAL B 672 -0.28 -34.54 1.87
N SER B 673 0.18 -35.73 1.47
CA SER B 673 -0.72 -36.85 1.27
C SER B 673 -0.92 -37.61 2.58
N ILE B 674 -2.11 -37.45 3.16
CA ILE B 674 -2.46 -38.16 4.39
C ILE B 674 -3.62 -39.11 4.14
N ALA B 675 -3.37 -40.41 4.33
CA ALA B 675 -4.37 -41.42 4.01
C ALA B 675 -4.79 -42.25 5.22
N THR B 676 -3.88 -42.45 6.15
CA THR B 676 -4.17 -43.25 7.34
C THR B 676 -3.81 -42.50 8.62
N LEU B 677 -4.23 -43.05 9.75
CA LEU B 677 -3.88 -42.50 11.05
C LEU B 677 -2.37 -42.51 11.26
N GLU B 678 -1.70 -43.50 10.68
CA GLU B 678 -0.26 -43.64 10.81
C GLU B 678 0.47 -42.52 10.08
N ASP B 679 -0.11 -42.07 8.96
CA ASP B 679 0.43 -40.93 8.23
C ASP B 679 0.29 -39.65 9.06
N MET B 680 -0.88 -39.49 9.67
CA MET B 680 -1.16 -38.34 10.52
C MET B 680 -0.20 -38.26 11.70
N LYS B 681 0.12 -39.42 12.27
CA LYS B 681 1.07 -39.49 13.39
C LYS B 681 2.45 -39.04 12.96
N VAL B 682 2.90 -39.52 11.80
CA VAL B 682 4.19 -39.16 11.26
C VAL B 682 4.25 -37.66 10.96
N LEU B 683 3.12 -37.12 10.49
CA LEU B 683 3.02 -35.71 10.14
C LEU B 683 3.40 -34.79 11.29
N TYR B 684 2.95 -35.13 12.50
CA TYR B 684 3.18 -34.26 13.65
C TYR B 684 4.12 -34.89 14.68
N ASP B 685 4.97 -35.81 14.23
CA ASP B 685 5.96 -36.40 15.11
C ASP B 685 6.96 -35.34 15.54
N GLY B 686 7.27 -35.32 16.83
CA GLY B 686 8.19 -34.33 17.37
C GLY B 686 7.47 -33.08 17.84
N PHE B 687 6.18 -33.00 17.56
CA PHE B 687 5.37 -31.88 18.00
C PHE B 687 4.39 -32.31 19.08
N ASP B 688 4.55 -31.77 20.29
CA ASP B 688 3.61 -32.06 21.37
C ASP B 688 2.31 -31.31 21.14
N LEU B 689 1.29 -32.02 20.67
CA LEU B 689 0.01 -31.40 20.34
C LEU B 689 -0.73 -30.94 21.59
N THR B 690 -0.42 -31.55 22.72
CA THR B 690 -1.07 -31.22 23.99
C THR B 690 -0.30 -30.16 24.76
N ASN B 691 0.80 -29.69 24.19
CA ASN B 691 1.57 -28.60 24.77
C ASN B 691 0.82 -27.28 24.59
N PRO B 692 0.79 -26.44 25.65
CA PRO B 692 0.03 -25.19 25.64
C PRO B 692 0.53 -24.17 24.60
N SER B 693 1.77 -24.30 24.16
CA SER B 693 2.33 -23.35 23.20
C SER B 693 2.42 -23.96 21.80
N THR B 694 1.56 -24.94 21.52
CA THR B 694 1.55 -25.60 20.22
C THR B 694 0.14 -25.72 19.66
N SER B 695 -0.11 -25.07 18.53
CA SER B 695 -1.40 -25.14 17.87
C SER B 695 -1.26 -25.56 16.41
N VAL B 696 -2.14 -26.44 15.95
CA VAL B 696 -2.08 -26.93 14.59
C VAL B 696 -3.33 -26.56 13.79
N SER B 697 -3.13 -25.96 12.62
CA SER B 697 -4.26 -25.54 11.79
C SER B 697 -4.36 -26.34 10.49
N MET B 698 -5.20 -27.36 10.50
CA MET B 698 -5.44 -28.17 9.31
C MET B 698 -6.51 -27.56 8.42
N THR B 699 -6.19 -27.38 7.15
CA THR B 699 -7.15 -26.84 6.20
C THR B 699 -7.78 -27.97 5.37
N ILE B 700 -8.94 -28.43 5.82
CA ILE B 700 -9.64 -29.55 5.20
C ILE B 700 -11.15 -29.32 5.36
N ASN B 701 -11.93 -29.66 4.32
CA ASN B 701 -13.36 -29.34 4.32
C ASN B 701 -14.28 -30.55 4.25
N GLY B 702 -14.33 -31.18 3.07
CA GLY B 702 -15.17 -32.35 2.87
C GLY B 702 -14.94 -33.47 3.89
N PRO B 703 -13.72 -34.02 3.92
CA PRO B 703 -13.36 -35.09 4.84
C PRO B 703 -12.90 -34.57 6.20
N ALA B 704 -13.21 -33.32 6.51
CA ALA B 704 -12.79 -32.70 7.77
C ALA B 704 -13.14 -33.53 9.02
N PRO B 705 -14.34 -34.12 9.11
CA PRO B 705 -14.59 -34.90 10.31
C PRO B 705 -13.66 -36.12 10.41
N THR B 706 -13.36 -36.75 9.28
CA THR B 706 -12.48 -37.91 9.26
C THR B 706 -11.05 -37.53 9.61
N ILE B 707 -10.58 -36.42 9.05
CA ILE B 707 -9.23 -35.93 9.31
C ILE B 707 -9.08 -35.49 10.77
N LEU B 708 -10.11 -34.84 11.29
CA LEU B 708 -10.10 -34.39 12.68
C LEU B 708 -9.96 -35.56 13.63
N ALA B 709 -10.68 -36.64 13.34
CA ALA B 709 -10.63 -37.84 14.15
C ALA B 709 -9.22 -38.44 14.16
N MET B 710 -8.53 -38.31 13.04
CA MET B 710 -7.14 -38.76 12.95
C MET B 710 -6.24 -37.90 13.82
N PHE B 711 -6.48 -36.59 13.78
CA PHE B 711 -5.69 -35.65 14.56
C PHE B 711 -5.88 -35.88 16.06
N MET B 712 -7.13 -36.02 16.48
CA MET B 712 -7.44 -36.27 17.88
C MET B 712 -6.79 -37.57 18.35
N ASN B 713 -6.93 -38.62 17.55
CA ASN B 713 -6.30 -39.90 17.86
C ASN B 713 -4.78 -39.76 17.99
N THR B 714 -4.19 -38.93 17.13
CA THR B 714 -2.76 -38.69 17.17
C THR B 714 -2.37 -37.99 18.47
N ALA B 715 -3.12 -36.94 18.81
CA ALA B 715 -2.85 -36.17 20.03
C ALA B 715 -2.99 -37.03 21.27
N ILE B 716 -3.96 -37.94 21.25
CA ILE B 716 -4.17 -38.86 22.36
C ILE B 716 -3.03 -39.87 22.45
N ASP B 717 -2.69 -40.46 21.31
CA ASP B 717 -1.65 -41.48 21.26
C ASP B 717 -0.28 -40.94 21.66
N GLN B 718 -0.07 -39.65 21.43
CA GLN B 718 1.17 -39.01 21.85
C GLN B 718 1.33 -39.06 23.36
N GLN B 719 0.26 -38.74 24.07
CA GLN B 719 0.29 -38.72 25.53
C GLN B 719 0.30 -40.12 26.11
N ILE B 720 -0.23 -41.09 25.36
CA ILE B 720 -0.17 -42.48 25.78
C ILE B 720 1.26 -42.98 25.68
N ASP B 721 1.94 -42.56 24.62
CA ASP B 721 3.34 -42.92 24.43
C ASP B 721 4.23 -42.20 25.44
N ARG B 722 3.89 -40.96 25.74
CA ARG B 722 4.64 -40.17 26.72
C ARG B 722 4.50 -40.77 28.12
N PHE B 723 3.33 -41.36 28.40
CA PHE B 723 3.11 -42.02 29.67
C PHE B 723 3.89 -43.32 29.75
N ARG B 724 3.87 -44.07 28.66
CA ARG B 724 4.55 -45.37 28.61
C ARG B 724 6.07 -45.23 28.76
N ALA B 725 6.57 -44.04 28.46
CA ALA B 725 7.99 -43.76 28.57
C ALA B 725 8.35 -43.23 29.96
N ASP B 726 7.45 -42.44 30.54
CA ASP B 726 7.70 -41.83 31.84
C ASP B 726 7.42 -42.79 33.00
N ASN B 727 6.83 -43.95 32.68
CA ASN B 727 6.49 -44.93 33.70
C ASN B 727 6.98 -46.33 33.34
N GLY B 728 7.41 -46.50 32.10
CA GLY B 728 7.94 -47.78 31.65
C GLY B 728 6.89 -48.88 31.64
N ARG B 729 5.63 -48.48 31.50
CA ARG B 729 4.53 -49.43 31.49
C ARG B 729 3.30 -48.82 30.81
N ASP B 730 2.43 -49.69 30.29
CA ASP B 730 1.17 -49.23 29.69
C ASP B 730 0.24 -48.71 30.77
N PRO B 731 -0.49 -47.62 30.47
CA PRO B 731 -1.48 -47.11 31.42
C PRO B 731 -2.64 -48.08 31.59
N THR B 732 -3.18 -48.17 32.80
CA THR B 732 -4.34 -49.01 33.05
C THR B 732 -5.55 -48.45 32.32
N ALA B 733 -6.63 -49.23 32.28
CA ALA B 733 -7.85 -48.80 31.61
C ALA B 733 -8.36 -47.48 32.20
N ASP B 734 -8.14 -47.30 33.50
CA ASP B 734 -8.56 -46.09 34.19
C ASP B 734 -7.58 -44.95 33.93
N GLU B 735 -6.29 -45.26 33.96
CA GLU B 735 -5.25 -44.28 33.70
C GLU B 735 -5.36 -43.72 32.29
N GLU B 736 -5.57 -44.61 31.32
CA GLU B 736 -5.72 -44.21 29.93
C GLU B 736 -6.95 -43.34 29.74
N ALA B 737 -8.03 -43.69 30.44
CA ALA B 737 -9.27 -42.93 30.35
C ALA B 737 -9.08 -41.50 30.82
N LYS B 738 -8.32 -41.33 31.89
CA LYS B 738 -8.02 -40.00 32.42
C LYS B 738 -7.15 -39.23 31.45
N ILE B 739 -6.17 -39.91 30.86
CA ILE B 739 -5.28 -39.30 29.88
C ILE B 739 -6.05 -38.89 28.62
N ARG B 740 -6.83 -39.83 28.09
CA ARG B 740 -7.60 -39.61 26.87
C ARG B 740 -8.54 -38.41 27.02
N ALA B 741 -9.17 -38.31 28.17
CA ALA B 741 -10.11 -37.23 28.44
C ALA B 741 -9.39 -35.89 28.56
N TRP B 742 -8.22 -35.91 29.20
CA TRP B 742 -7.43 -34.70 29.39
C TRP B 742 -6.94 -34.14 28.06
N VAL B 743 -6.49 -35.02 27.18
CA VAL B 743 -6.01 -34.62 25.87
C VAL B 743 -7.07 -33.85 25.10
N LEU B 744 -8.30 -34.38 25.10
CA LEU B 744 -9.41 -33.76 24.38
C LEU B 744 -9.71 -32.35 24.86
N GLN B 745 -9.45 -32.09 26.13
CA GLN B 745 -9.79 -30.78 26.72
C GLN B 745 -8.75 -29.73 26.39
N ASN B 746 -7.48 -30.10 26.43
CA ASN B 746 -6.40 -29.13 26.31
C ASN B 746 -5.75 -29.03 24.94
N VAL B 747 -6.09 -29.95 24.04
CA VAL B 747 -5.51 -29.95 22.71
C VAL B 747 -5.88 -28.66 21.97
N ARG B 748 -4.86 -27.95 21.50
CA ARG B 748 -5.06 -26.71 20.78
C ARG B 748 -4.87 -26.93 19.29
N GLY B 749 -5.79 -26.39 18.50
CA GLY B 749 -5.71 -26.56 17.06
C GLY B 749 -6.90 -25.99 16.33
N THR B 750 -6.87 -26.06 15.01
CA THR B 750 -7.91 -25.48 14.19
C THR B 750 -8.13 -26.30 12.92
N VAL B 751 -9.39 -26.50 12.56
CA VAL B 751 -9.74 -27.06 11.27
C VAL B 751 -10.44 -26.00 10.44
N GLN B 752 -9.70 -25.33 9.57
CA GLN B 752 -10.28 -24.30 8.71
C GLN B 752 -11.33 -24.90 7.79
N ALA B 753 -12.48 -25.26 8.35
CA ALA B 753 -13.51 -25.98 7.62
C ALA B 753 -14.77 -25.14 7.43
N ASP B 754 -15.02 -24.73 6.18
CA ASP B 754 -16.26 -24.06 5.83
C ASP B 754 -17.00 -24.91 4.80
N ILE B 755 -17.97 -25.67 5.27
CA ILE B 755 -18.76 -26.54 4.40
C ILE B 755 -19.58 -25.75 3.37
N LEU B 756 -20.16 -24.64 3.82
CA LEU B 756 -21.07 -23.86 3.00
C LEU B 756 -20.41 -23.23 1.78
N LYS B 757 -19.18 -22.72 1.93
CA LYS B 757 -18.49 -22.06 0.83
C LYS B 757 -18.23 -23.01 -0.33
N GLU B 758 -18.19 -24.31 -0.03
CA GLU B 758 -17.86 -25.32 -1.02
C GLU B 758 -18.86 -25.36 -2.18
N ASP B 759 -20.13 -25.19 -1.86
CA ASP B 759 -21.16 -25.26 -2.88
C ASP B 759 -21.39 -23.88 -3.51
N GLN B 760 -21.18 -22.83 -2.73
CA GLN B 760 -21.59 -21.48 -3.13
C GLN B 760 -20.74 -20.86 -4.25
N GLY B 761 -19.56 -21.39 -4.49
CA GLY B 761 -18.73 -20.85 -5.56
C GLY B 761 -17.75 -21.82 -6.18
N GLN B 762 -17.47 -22.91 -5.49
CA GLN B 762 -16.34 -23.75 -5.84
C GLN B 762 -16.68 -25.03 -6.61
N ASN B 763 -17.79 -25.67 -6.24
CA ASN B 763 -18.11 -27.03 -6.68
C ASN B 763 -17.03 -28.03 -6.23
N THR B 764 -16.69 -27.97 -4.94
CA THR B 764 -15.65 -28.80 -4.35
C THR B 764 -16.29 -29.91 -3.52
N CYS B 765 -17.61 -29.83 -3.37
CA CYS B 765 -18.36 -30.75 -2.52
C CYS B 765 -18.10 -32.22 -2.86
N ILE B 766 -17.71 -32.97 -1.83
CA ILE B 766 -17.54 -34.41 -1.97
C ILE B 766 -18.70 -35.10 -1.26
N PHE B 767 -19.23 -34.45 -0.23
CA PHE B 767 -20.41 -34.93 0.50
C PHE B 767 -21.59 -34.03 0.18
N SER B 768 -22.80 -34.58 0.30
CA SER B 768 -24.01 -33.78 0.14
C SER B 768 -24.01 -32.71 1.23
N THR B 769 -24.50 -31.53 0.89
CA THR B 769 -24.40 -30.38 1.78
C THR B 769 -25.09 -30.61 3.12
N GLU B 770 -26.30 -31.16 3.07
CA GLU B 770 -27.08 -31.39 4.27
C GLU B 770 -26.41 -32.42 5.20
N PHE B 771 -25.73 -33.39 4.61
CA PHE B 771 -25.06 -34.41 5.41
C PHE B 771 -23.84 -33.84 6.09
N SER B 772 -23.07 -33.04 5.36
CA SER B 772 -21.86 -32.43 5.90
C SER B 772 -22.20 -31.55 7.10
N LEU B 773 -23.29 -30.81 6.98
CA LEU B 773 -23.74 -29.95 8.07
C LEU B 773 -24.19 -30.77 9.26
N LYS B 774 -24.82 -31.89 8.99
CA LYS B 774 -25.26 -32.81 10.04
C LYS B 774 -24.07 -33.31 10.84
N VAL B 775 -23.05 -33.79 10.14
CA VAL B 775 -21.85 -34.31 10.80
C VAL B 775 -21.10 -33.17 11.48
N MET B 776 -21.19 -31.98 10.88
CA MET B 776 -20.55 -30.79 11.42
C MET B 776 -21.03 -30.51 12.83
N GLY B 777 -22.35 -30.65 13.02
CA GLY B 777 -22.96 -30.43 14.31
C GLY B 777 -22.59 -31.54 15.28
N ASP B 778 -22.46 -32.75 14.77
CA ASP B 778 -22.03 -33.88 15.59
C ASP B 778 -20.69 -33.60 16.23
N ILE B 779 -19.80 -32.96 15.46
CA ILE B 779 -18.48 -32.60 15.95
C ILE B 779 -18.59 -31.60 17.11
N GLN B 780 -19.43 -30.57 16.92
CA GLN B 780 -19.61 -29.56 17.95
C GLN B 780 -20.29 -30.15 19.17
N GLU B 781 -21.16 -31.13 18.93
CA GLU B 781 -21.85 -31.85 19.99
C GLU B 781 -20.86 -32.68 20.80
N TYR B 782 -19.95 -33.33 20.09
CA TYR B 782 -18.90 -34.13 20.70
C TYR B 782 -17.97 -33.24 21.53
N PHE B 783 -17.63 -32.08 20.98
CA PHE B 783 -16.75 -31.13 21.65
C PHE B 783 -17.33 -30.66 22.98
N VAL B 784 -18.62 -30.34 22.98
CA VAL B 784 -19.28 -29.86 24.19
C VAL B 784 -19.30 -30.94 25.26
N HIS B 785 -19.60 -32.17 24.86
CA HIS B 785 -19.70 -33.28 25.80
C HIS B 785 -18.37 -33.57 26.48
N HIS B 786 -17.28 -33.50 25.73
CA HIS B 786 -15.96 -33.81 26.26
C HIS B 786 -15.17 -32.57 26.66
N GLN B 787 -15.86 -31.43 26.68
CA GLN B 787 -15.26 -30.16 27.11
C GLN B 787 -14.02 -29.79 26.31
N VAL B 788 -14.08 -30.00 25.01
CA VAL B 788 -13.02 -29.56 24.11
C VAL B 788 -13.08 -28.05 23.94
N ARG B 789 -12.48 -27.33 24.87
CA ARG B 789 -12.65 -25.88 24.95
C ARG B 789 -11.52 -25.11 24.27
N ASN B 790 -10.53 -25.81 23.74
CA ASN B 790 -9.40 -25.14 23.10
C ASN B 790 -9.37 -25.29 21.58
N PHE B 791 -9.97 -26.35 21.06
CA PHE B 791 -9.92 -26.63 19.63
C PHE B 791 -11.04 -25.93 18.85
N TYR B 792 -10.68 -25.36 17.70
CA TYR B 792 -11.62 -24.66 16.83
C TYR B 792 -11.96 -25.51 15.62
N SER B 793 -13.25 -25.85 15.47
CA SER B 793 -13.67 -26.78 14.43
C SER B 793 -14.23 -26.11 13.17
N VAL B 794 -14.48 -24.81 13.25
CA VAL B 794 -15.11 -24.09 12.14
C VAL B 794 -14.47 -22.74 11.87
N SER B 795 -14.15 -22.51 10.60
CA SER B 795 -13.63 -21.21 10.17
C SER B 795 -14.45 -20.74 8.98
N ILE B 796 -15.32 -19.75 9.20
CA ILE B 796 -16.17 -19.22 8.15
C ILE B 796 -15.35 -18.37 7.19
N SER B 797 -15.26 -18.79 5.94
CA SER B 797 -14.49 -18.05 4.95
C SER B 797 -15.38 -17.31 3.97
N GLY B 798 -14.78 -16.33 3.30
CA GLY B 798 -15.45 -15.58 2.26
C GLY B 798 -14.41 -15.16 1.24
N TYR B 799 -13.21 -15.73 1.38
CA TYR B 799 -12.13 -15.42 0.46
C TYR B 799 -12.47 -15.93 -0.92
N HIS B 800 -12.80 -17.21 -0.99
CA HIS B 800 -13.13 -17.83 -2.27
C HIS B 800 -14.36 -17.19 -2.91
N ILE B 801 -15.32 -16.75 -2.09
CA ILE B 801 -16.52 -16.14 -2.64
C ILE B 801 -16.17 -14.86 -3.39
N ALA B 802 -15.29 -14.06 -2.80
CA ALA B 802 -14.85 -12.81 -3.44
C ALA B 802 -13.92 -13.10 -4.61
N GLU B 803 -13.00 -14.04 -4.40
CA GLU B 803 -12.03 -14.46 -5.40
C GLU B 803 -12.72 -14.99 -6.65
N ALA B 804 -13.89 -15.56 -6.46
CA ALA B 804 -14.70 -16.07 -7.58
C ALA B 804 -15.29 -14.92 -8.39
N GLY B 805 -15.43 -13.74 -7.76
CA GLY B 805 -15.89 -12.57 -8.47
C GLY B 805 -16.85 -11.67 -7.70
N ALA B 806 -17.26 -12.10 -6.51
CA ALA B 806 -18.23 -11.35 -5.73
C ALA B 806 -17.67 -10.02 -5.25
N ASN B 807 -18.47 -8.97 -5.36
CA ASN B 807 -18.09 -7.66 -4.84
C ASN B 807 -18.09 -7.68 -3.31
N PRO B 808 -17.41 -6.71 -2.67
CA PRO B 808 -17.29 -6.70 -1.20
C PRO B 808 -18.62 -6.83 -0.45
N ILE B 809 -19.69 -6.27 -0.98
CA ILE B 809 -20.99 -6.38 -0.32
C ILE B 809 -21.47 -7.82 -0.29
N SER B 810 -21.46 -8.46 -1.46
CA SER B 810 -21.87 -9.85 -1.57
C SER B 810 -20.99 -10.76 -0.70
N GLN B 811 -19.69 -10.51 -0.72
CA GLN B 811 -18.75 -11.30 0.07
C GLN B 811 -19.09 -11.22 1.55
N LEU B 812 -19.13 -10.00 2.07
CA LEU B 812 -19.40 -9.78 3.49
C LEU B 812 -20.77 -10.32 3.89
N ALA B 813 -21.77 -10.08 3.06
CA ALA B 813 -23.13 -10.50 3.35
C ALA B 813 -23.24 -12.01 3.41
N PHE B 814 -22.76 -12.69 2.37
CA PHE B 814 -22.82 -14.14 2.30
C PHE B 814 -22.08 -14.78 3.46
N THR B 815 -20.89 -14.26 3.76
CA THR B 815 -20.04 -14.82 4.80
C THR B 815 -20.68 -14.71 6.18
N LEU B 816 -21.22 -13.54 6.49
CA LEU B 816 -21.93 -13.36 7.75
C LEU B 816 -23.17 -14.25 7.79
N ALA B 817 -23.85 -14.34 6.65
CA ALA B 817 -25.02 -15.19 6.53
C ALA B 817 -24.67 -16.65 6.76
N ASN B 818 -23.55 -17.09 6.18
CA ASN B 818 -23.07 -18.45 6.40
C ASN B 818 -22.76 -18.70 7.86
N GLY B 819 -22.09 -17.73 8.48
CA GLY B 819 -21.75 -17.81 9.89
C GLY B 819 -22.98 -17.93 10.77
N PHE B 820 -23.97 -17.08 10.50
CA PHE B 820 -25.22 -17.12 11.23
C PHE B 820 -25.96 -18.43 11.03
N THR B 821 -25.76 -19.04 9.85
CA THR B 821 -26.36 -20.33 9.56
C THR B 821 -25.78 -21.40 10.47
N TYR B 822 -24.47 -21.38 10.63
CA TYR B 822 -23.79 -22.30 11.55
C TYR B 822 -24.30 -22.10 12.96
N VAL B 823 -24.50 -20.85 13.35
CA VAL B 823 -25.02 -20.52 14.67
C VAL B 823 -26.41 -21.14 14.85
N GLU B 824 -27.29 -20.90 13.91
CA GLU B 824 -28.64 -21.46 13.96
C GLU B 824 -28.61 -22.97 13.91
N ALA B 825 -27.63 -23.52 13.19
CA ALA B 825 -27.50 -24.96 13.05
C ALA B 825 -27.12 -25.59 14.39
N TYR B 826 -26.14 -25.01 15.06
CA TYR B 826 -25.66 -25.53 16.34
C TYR B 826 -26.68 -25.31 17.44
N LEU B 827 -27.42 -24.21 17.36
CA LEU B 827 -28.43 -23.88 18.35
C LEU B 827 -29.58 -24.88 18.29
N ALA B 828 -29.96 -25.26 17.07
CA ALA B 828 -31.04 -26.20 16.86
C ALA B 828 -30.64 -27.63 17.24
N ARG B 829 -29.39 -27.82 17.63
CA ARG B 829 -29.00 -29.11 18.17
C ARG B 829 -29.13 -29.05 19.70
N GLY B 830 -29.74 -27.97 20.17
CA GLY B 830 -30.00 -27.77 21.58
C GLY B 830 -28.80 -27.25 22.34
N MET B 831 -27.84 -26.69 21.63
CA MET B 831 -26.60 -26.24 22.25
C MET B 831 -26.67 -24.80 22.73
N HIS B 832 -25.76 -24.45 23.63
CA HIS B 832 -25.70 -23.09 24.17
C HIS B 832 -24.82 -22.21 23.29
N ILE B 833 -25.19 -20.95 23.16
CA ILE B 833 -24.55 -20.02 22.25
C ILE B 833 -23.13 -19.65 22.72
N ASP B 834 -22.90 -19.66 24.03
CA ASP B 834 -21.60 -19.30 24.57
C ASP B 834 -20.60 -20.46 24.50
N ASP B 835 -21.01 -21.56 23.91
CA ASP B 835 -20.17 -22.76 23.86
C ASP B 835 -19.47 -22.93 22.52
N PHE B 836 -20.02 -22.33 21.46
CA PHE B 836 -19.42 -22.48 20.14
C PHE B 836 -19.08 -21.15 19.48
N ALA B 837 -19.80 -20.09 19.86
CA ALA B 837 -19.56 -18.77 19.27
C ALA B 837 -18.16 -18.20 19.50
N PRO B 838 -17.57 -18.41 20.69
CA PRO B 838 -16.18 -17.93 20.82
C PRO B 838 -15.19 -18.68 19.93
N ASN B 839 -15.54 -19.87 19.46
CA ASN B 839 -14.64 -20.65 18.64
C ASN B 839 -14.74 -20.31 17.15
N LEU B 840 -15.71 -19.47 16.80
CA LEU B 840 -15.95 -19.14 15.41
C LEU B 840 -14.97 -18.09 14.89
N SER B 841 -14.23 -18.48 13.86
CA SER B 841 -13.25 -17.60 13.22
C SER B 841 -13.74 -17.17 11.84
N PHE B 842 -13.30 -15.99 11.39
CA PHE B 842 -13.70 -15.49 10.08
C PHE B 842 -12.51 -15.24 9.16
N PHE B 843 -12.78 -15.12 7.87
CA PHE B 843 -11.74 -15.05 6.85
C PHE B 843 -12.20 -14.22 5.64
N PHE B 844 -11.69 -13.01 5.49
CA PHE B 844 -12.15 -12.11 4.43
C PHE B 844 -11.09 -11.77 3.39
N SER B 845 -11.50 -11.06 2.35
CA SER B 845 -10.59 -10.58 1.31
C SER B 845 -10.55 -9.06 1.28
N ASN B 846 -9.38 -8.51 0.99
CA ASN B 846 -9.26 -7.06 0.85
C ASN B 846 -8.81 -6.67 -0.55
N GLY B 847 -9.70 -6.04 -1.30
CA GLY B 847 -9.39 -5.62 -2.66
C GLY B 847 -9.22 -4.12 -2.78
N MET B 848 -9.44 -3.59 -3.98
CA MET B 848 -9.25 -2.17 -4.21
C MET B 848 -10.53 -1.37 -3.98
N ASP B 849 -11.68 -2.05 -4.04
CA ASP B 849 -12.97 -1.40 -3.87
C ASP B 849 -13.05 -0.59 -2.58
N PRO B 850 -13.77 0.55 -2.61
CA PRO B 850 -13.92 1.41 -1.44
C PRO B 850 -14.47 0.69 -0.21
N GLU B 851 -15.40 -0.23 -0.44
CA GLU B 851 -16.07 -0.91 0.67
C GLU B 851 -15.12 -1.74 1.52
N TYR B 852 -14.02 -2.19 0.94
CA TYR B 852 -13.08 -3.04 1.67
C TYR B 852 -12.46 -2.29 2.85
N SER B 853 -12.42 -0.96 2.76
CA SER B 853 -11.84 -0.13 3.81
C SER B 853 -12.58 -0.28 5.14
N VAL B 854 -13.88 -0.58 5.06
CA VAL B 854 -14.71 -0.66 6.25
C VAL B 854 -15.35 -2.03 6.42
N LEU B 855 -14.83 -3.02 5.71
CA LEU B 855 -15.42 -4.36 5.72
C LEU B 855 -15.36 -4.99 7.11
N GLY B 856 -14.18 -4.94 7.72
CA GLY B 856 -13.98 -5.57 9.01
C GLY B 856 -14.78 -4.93 10.13
N ARG B 857 -14.80 -3.61 10.16
CA ARG B 857 -15.51 -2.88 11.20
C ARG B 857 -17.02 -3.13 11.12
N VAL B 858 -17.53 -3.27 9.90
CA VAL B 858 -18.93 -3.58 9.70
C VAL B 858 -19.24 -4.99 10.22
N ALA B 859 -18.38 -5.94 9.86
CA ALA B 859 -18.54 -7.32 10.29
C ALA B 859 -18.54 -7.44 11.81
N ARG B 860 -17.68 -6.66 12.46
CA ARG B 860 -17.59 -6.68 13.91
C ARG B 860 -18.85 -6.16 14.58
N ARG B 861 -19.41 -5.08 14.03
CA ARG B 861 -20.59 -4.45 14.63
C ARG B 861 -21.83 -5.31 14.45
N ILE B 862 -22.03 -5.80 13.23
CA ILE B 862 -23.19 -6.65 12.91
C ILE B 862 -23.18 -7.88 13.80
N TRP B 863 -22.00 -8.43 14.03
CA TRP B 863 -21.86 -9.61 14.88
C TRP B 863 -22.14 -9.27 16.33
N ALA B 864 -21.47 -8.25 16.84
CA ALA B 864 -21.58 -7.86 18.24
C ALA B 864 -23.01 -7.51 18.64
N VAL B 865 -23.69 -6.73 17.79
CA VAL B 865 -25.05 -6.31 18.07
C VAL B 865 -26.01 -7.50 18.07
N THR B 866 -25.93 -8.34 17.04
CA THR B 866 -26.80 -9.50 16.94
C THR B 866 -26.51 -10.53 18.03
N MET B 867 -25.25 -10.81 18.28
CA MET B 867 -24.88 -11.80 19.30
C MET B 867 -25.34 -11.37 20.69
N ARG B 868 -25.43 -10.06 20.91
CA ARG B 868 -25.88 -9.55 22.20
C ARG B 868 -27.39 -9.46 22.30
N ASP B 869 -28.00 -8.79 21.32
CA ASP B 869 -29.44 -8.54 21.37
C ASP B 869 -30.27 -9.75 20.96
N LYS B 870 -29.90 -10.39 19.85
CA LYS B 870 -30.69 -11.50 19.32
C LYS B 870 -30.43 -12.80 20.07
N TYR B 871 -29.16 -13.17 20.21
CA TYR B 871 -28.80 -14.47 20.76
C TYR B 871 -28.43 -14.40 22.24
N GLY B 872 -28.29 -13.19 22.77
CA GLY B 872 -28.01 -12.99 24.19
C GLY B 872 -26.75 -13.65 24.69
N ALA B 873 -25.73 -13.70 23.83
CA ALA B 873 -24.48 -14.35 24.19
C ALA B 873 -23.58 -13.41 24.99
N ASN B 874 -22.50 -13.96 25.52
CA ASN B 874 -21.60 -13.20 26.37
C ASN B 874 -20.61 -12.36 25.56
N ASP B 875 -19.68 -11.72 26.26
CA ASP B 875 -18.73 -10.80 25.63
C ASP B 875 -17.79 -11.49 24.65
N ARG B 876 -17.27 -12.65 25.04
CA ARG B 876 -16.35 -13.41 24.20
C ARG B 876 -16.99 -13.79 22.86
N SER B 877 -18.31 -13.94 22.89
CA SER B 877 -19.05 -14.36 21.71
C SER B 877 -19.39 -13.19 20.80
N GLN B 878 -19.54 -12.00 21.39
CA GLN B 878 -19.86 -10.79 20.62
C GLN B 878 -18.66 -10.30 19.82
N LYS B 879 -17.48 -10.83 20.15
CA LYS B 879 -16.24 -10.38 19.50
C LYS B 879 -15.92 -11.23 18.28
N LEU B 880 -16.06 -10.62 17.09
CA LEU B 880 -15.75 -11.32 15.84
C LEU B 880 -14.29 -11.13 15.46
N LYS B 881 -13.53 -12.22 15.49
CA LYS B 881 -12.14 -12.19 15.07
C LYS B 881 -12.03 -12.71 13.63
N TYR B 882 -11.21 -12.04 12.82
CA TYR B 882 -11.11 -12.43 11.41
C TYR B 882 -9.70 -12.30 10.84
N HIS B 883 -9.45 -13.06 9.79
CA HIS B 883 -8.20 -12.98 9.04
C HIS B 883 -8.47 -12.29 7.71
N ILE B 884 -7.62 -11.35 7.34
CA ILE B 884 -7.74 -10.69 6.03
C ILE B 884 -6.56 -11.06 5.15
N GLN B 885 -6.86 -11.52 3.93
CA GLN B 885 -5.83 -11.82 2.96
C GLN B 885 -6.03 -10.99 1.70
N THR B 886 -4.99 -10.29 1.26
CA THR B 886 -5.11 -9.36 0.13
C THR B 886 -5.61 -10.08 -1.11
N SER B 887 -6.39 -9.37 -1.92
CA SER B 887 -7.03 -9.98 -3.09
C SER B 887 -6.00 -10.47 -4.09
N GLY B 888 -6.10 -11.75 -4.45
CA GLY B 888 -5.20 -12.35 -5.41
C GLY B 888 -5.65 -12.07 -6.84
N ARG B 889 -6.97 -11.96 -7.00
CA ARG B 889 -7.57 -11.61 -8.29
C ARG B 889 -7.11 -10.23 -8.75
N SER B 890 -6.90 -9.33 -7.80
CA SER B 890 -6.54 -7.95 -8.08
C SER B 890 -5.12 -7.81 -8.62
N LEU B 891 -4.33 -8.88 -8.48
CA LEU B 891 -2.97 -8.90 -9.01
C LEU B 891 -2.97 -9.60 -10.37
N HIS B 892 -2.14 -9.10 -11.28
CA HIS B 892 -2.16 -9.58 -12.67
C HIS B 892 -0.81 -10.09 -13.14
N ALA B 893 -0.82 -10.79 -14.28
CA ALA B 893 0.40 -11.35 -14.85
C ALA B 893 1.17 -10.29 -15.63
N GLN B 894 0.46 -9.28 -16.12
CA GLN B 894 1.10 -8.19 -16.84
C GLN B 894 1.69 -7.16 -15.87
N GLU B 895 2.97 -6.85 -16.05
CA GLU B 895 3.70 -5.93 -15.17
C GLU B 895 3.58 -6.36 -13.72
N ILE B 896 4.22 -7.48 -13.38
CA ILE B 896 4.07 -8.08 -12.06
C ILE B 896 4.65 -7.21 -10.94
N ASP B 897 5.46 -6.23 -11.31
CA ASP B 897 6.04 -5.32 -10.32
C ASP B 897 4.97 -4.40 -9.74
N PHE B 898 3.90 -4.18 -10.49
CA PHE B 898 2.82 -3.30 -10.06
C PHE B 898 2.02 -3.90 -8.92
N ASN B 899 2.04 -5.22 -8.82
CA ASN B 899 1.23 -5.93 -7.83
C ASN B 899 1.60 -5.60 -6.39
N ASP B 900 2.86 -5.25 -6.15
CA ASP B 900 3.31 -4.89 -4.82
C ASP B 900 2.68 -3.58 -4.36
N ILE B 901 2.34 -2.72 -5.32
CA ILE B 901 1.67 -1.46 -5.01
C ILE B 901 0.26 -1.73 -4.51
N ARG B 902 -0.47 -2.58 -5.23
CA ARG B 902 -1.83 -2.93 -4.87
C ARG B 902 -1.86 -3.70 -3.56
N THR B 903 -0.92 -4.61 -3.38
CA THR B 903 -0.88 -5.43 -2.18
C THR B 903 -0.55 -4.59 -0.96
N THR B 904 0.17 -3.50 -1.16
CA THR B 904 0.50 -2.58 -0.08
C THR B 904 -0.74 -1.83 0.41
N LEU B 905 -1.45 -1.23 -0.53
CA LEU B 905 -2.66 -0.49 -0.22
C LEU B 905 -3.69 -1.36 0.48
N GLN B 906 -3.84 -2.59 0.01
CA GLN B 906 -4.81 -3.52 0.58
C GLN B 906 -4.39 -3.96 1.98
N ALA B 907 -3.09 -4.14 2.17
CA ALA B 907 -2.56 -4.49 3.49
C ALA B 907 -2.75 -3.33 4.46
N LEU B 908 -2.70 -2.11 3.94
CA LEU B 908 -2.80 -0.93 4.79
C LEU B 908 -4.17 -0.82 5.44
N ILE B 909 -5.23 -0.86 4.64
CA ILE B 909 -6.58 -0.69 5.17
C ILE B 909 -6.97 -1.82 6.10
N ALA B 910 -6.31 -2.97 5.95
CA ALA B 910 -6.54 -4.10 6.84
C ALA B 910 -6.00 -3.78 8.23
N ILE B 911 -4.80 -3.23 8.28
CA ILE B 911 -4.16 -2.88 9.54
C ILE B 911 -4.81 -1.66 10.18
N TYR B 912 -5.18 -0.69 9.34
CA TYR B 912 -5.92 0.48 9.81
C TYR B 912 -7.19 0.05 10.52
N ASP B 913 -7.93 -0.86 9.89
CA ASP B 913 -9.21 -1.32 10.41
C ASP B 913 -9.02 -2.45 11.43
N ASN B 914 -7.82 -2.51 12.01
CA ASN B 914 -7.52 -3.37 13.15
C ASN B 914 -7.90 -4.83 12.95
N CYS B 915 -7.31 -5.46 11.94
CA CYS B 915 -7.55 -6.87 11.67
C CYS B 915 -6.83 -7.74 12.69
N ASN B 916 -7.21 -9.01 12.78
CA ASN B 916 -6.63 -9.93 13.74
C ASN B 916 -5.49 -10.75 13.15
N SER B 917 -5.52 -10.90 11.83
CA SER B 917 -4.51 -11.71 11.14
C SER B 917 -4.46 -11.30 9.67
N LEU B 918 -3.26 -11.13 9.14
CA LEU B 918 -3.09 -10.62 7.78
C LEU B 918 -2.12 -11.46 6.94
N HIS B 919 -2.56 -11.83 5.74
CA HIS B 919 -1.67 -12.45 4.76
C HIS B 919 -1.43 -11.50 3.58
N THR B 920 -0.20 -11.47 3.10
CA THR B 920 0.16 -10.58 2.00
C THR B 920 0.61 -11.37 0.78
N ASN B 921 0.07 -11.02 -0.38
CA ASN B 921 0.37 -11.74 -1.62
C ASN B 921 1.67 -11.27 -2.27
N ALA B 922 2.38 -12.23 -2.86
CA ALA B 922 3.64 -11.94 -3.55
C ALA B 922 3.37 -11.20 -4.85
N TYR B 923 4.42 -10.62 -5.43
CA TYR B 923 4.28 -9.87 -6.68
C TYR B 923 4.03 -10.80 -7.86
N ASP B 924 4.57 -12.02 -7.77
CA ASP B 924 4.38 -13.01 -8.84
C ASP B 924 3.13 -13.84 -8.57
N ILE B 927 1.62 -16.01 -10.62
CA ILE B 927 2.16 -16.56 -11.86
C ILE B 927 3.07 -17.77 -11.58
N THR B 928 4.31 -17.51 -11.19
CA THR B 928 5.28 -18.58 -10.97
C THR B 928 5.19 -19.15 -9.55
N THR B 929 6.11 -20.05 -9.23
CA THR B 929 6.17 -20.68 -7.91
C THR B 929 6.51 -19.66 -6.83
N PRO B 930 5.99 -19.87 -5.60
CA PRO B 930 6.28 -18.95 -4.50
C PRO B 930 7.75 -18.96 -4.10
N THR B 931 8.57 -18.17 -4.78
CA THR B 931 10.00 -18.13 -4.50
C THR B 931 10.28 -17.47 -3.15
N ALA B 932 11.40 -17.83 -2.54
CA ALA B 932 11.76 -17.31 -1.23
C ALA B 932 12.08 -15.83 -1.28
N GLU B 933 12.38 -15.33 -2.48
CA GLU B 933 12.62 -13.92 -2.70
C GLU B 933 11.29 -13.18 -2.79
N SER B 934 10.33 -13.80 -3.46
CA SER B 934 9.02 -13.20 -3.67
C SER B 934 8.25 -13.09 -2.36
N VAL B 935 8.46 -14.05 -1.46
CA VAL B 935 7.73 -14.08 -0.19
C VAL B 935 8.29 -13.04 0.78
N ARG B 936 9.54 -12.64 0.57
CA ARG B 936 10.15 -11.63 1.43
C ARG B 936 9.63 -10.25 1.09
N ARG B 937 9.39 -9.99 -0.19
CA ARG B 937 8.79 -8.74 -0.62
C ARG B 937 7.37 -8.62 -0.08
N ALA B 938 6.66 -9.74 -0.09
CA ALA B 938 5.30 -9.78 0.45
C ALA B 938 5.33 -9.63 1.96
N LEU B 939 6.35 -10.21 2.59
CA LEU B 939 6.46 -10.17 4.05
C LEU B 939 6.95 -8.80 4.51
N ALA B 940 7.65 -8.09 3.64
CA ALA B 940 8.19 -6.78 3.96
C ALA B 940 7.09 -5.72 3.99
N ILE B 941 6.04 -5.93 3.19
CA ILE B 941 4.93 -5.00 3.15
C ILE B 941 4.33 -4.80 4.54
N GLN B 942 4.13 -5.91 5.26
CA GLN B 942 3.59 -5.84 6.60
C GLN B 942 4.60 -5.24 7.58
N LEU B 943 5.85 -5.63 7.43
CA LEU B 943 6.92 -5.15 8.31
C LEU B 943 7.10 -3.64 8.19
N ILE B 944 7.01 -3.13 6.96
CA ILE B 944 7.19 -1.70 6.73
C ILE B 944 6.03 -0.90 7.31
N ILE B 945 4.80 -1.35 7.07
CA ILE B 945 3.64 -0.65 7.60
C ILE B 945 3.62 -0.67 9.12
N ASN B 946 3.84 -1.85 9.71
CA ASN B 946 3.78 -1.99 11.15
C ASN B 946 4.89 -1.24 11.88
N ARG B 947 6.09 -1.24 11.29
CA ARG B 947 7.26 -0.69 11.97
C ARG B 947 7.66 0.72 11.51
N GLU B 948 7.62 0.96 10.20
CA GLU B 948 8.09 2.22 9.65
C GLU B 948 6.99 3.27 9.48
N TRP B 949 5.81 2.84 9.05
CA TRP B 949 4.74 3.77 8.72
C TRP B 949 4.25 4.53 9.93
N GLY B 950 4.13 5.85 9.78
CA GLY B 950 3.86 6.74 10.89
C GLY B 950 2.42 6.73 11.39
N VAL B 951 1.47 6.82 10.46
CA VAL B 951 0.06 6.80 10.81
C VAL B 951 -0.29 5.51 11.54
N ALA B 952 0.41 4.43 11.20
CA ALA B 952 0.16 3.12 11.77
C ALA B 952 0.43 3.06 13.26
N LYS B 953 1.18 4.04 13.77
CA LYS B 953 1.47 4.12 15.20
C LYS B 953 0.19 4.40 15.99
N CYS B 954 -0.82 4.89 15.28
CA CYS B 954 -2.15 5.04 15.85
C CYS B 954 -2.97 3.80 15.53
N GLU B 955 -3.78 3.35 16.48
CA GLU B 955 -4.49 2.07 16.33
C GLU B 955 -5.94 2.25 15.90
N ASN B 956 -6.44 3.48 15.95
CA ASN B 956 -7.79 3.76 15.45
C ASN B 956 -7.83 4.96 14.50
N PRO B 957 -6.97 4.96 13.46
CA PRO B 957 -6.92 6.15 12.60
C PRO B 957 -8.18 6.31 11.75
N ASN B 958 -8.90 5.21 11.54
CA ASN B 958 -10.13 5.24 10.75
C ASN B 958 -11.23 6.03 11.47
N GLN B 959 -11.27 5.91 12.79
CA GLN B 959 -12.35 6.50 13.57
C GLN B 959 -12.41 8.02 13.48
N GLY B 960 -13.62 8.53 13.33
CA GLY B 960 -13.83 9.96 13.19
C GLY B 960 -14.07 10.37 11.76
N SER B 961 -13.38 9.72 10.83
CA SER B 961 -13.46 10.05 9.41
C SER B 961 -14.89 10.05 8.90
N PHE B 962 -15.30 11.17 8.31
CA PHE B 962 -16.63 11.31 7.76
C PHE B 962 -16.91 10.25 6.71
N LEU B 963 -15.92 10.00 5.86
CA LEU B 963 -16.05 8.98 4.82
C LEU B 963 -16.21 7.60 5.42
N ILE B 964 -15.34 7.25 6.37
CA ILE B 964 -15.35 5.93 6.97
C ILE B 964 -16.68 5.65 7.68
N GLU B 965 -17.17 6.62 8.44
CA GLU B 965 -18.42 6.42 9.18
C GLU B 965 -19.59 6.28 8.24
N GLU B 966 -19.62 7.09 7.18
CA GLU B 966 -20.72 7.02 6.21
C GLU B 966 -20.65 5.70 5.44
N LEU B 967 -19.44 5.31 5.03
CA LEU B 967 -19.25 4.05 4.33
C LEU B 967 -19.61 2.86 5.21
N THR B 968 -19.26 2.95 6.48
CA THR B 968 -19.58 1.91 7.45
C THR B 968 -21.08 1.70 7.52
N ASP B 969 -21.83 2.81 7.56
CA ASP B 969 -23.28 2.75 7.62
C ASP B 969 -23.86 2.18 6.33
N LEU B 970 -23.36 2.64 5.19
CA LEU B 970 -23.87 2.22 3.90
C LEU B 970 -23.68 0.72 3.67
N VAL B 971 -22.46 0.25 3.88
CA VAL B 971 -22.13 -1.16 3.71
C VAL B 971 -22.96 -2.03 4.65
N GLU B 972 -23.08 -1.60 5.90
CA GLU B 972 -23.85 -2.32 6.91
C GLU B 972 -25.28 -2.56 6.45
N GLU B 973 -25.94 -1.49 6.02
CA GLU B 973 -27.32 -1.59 5.54
C GLU B 973 -27.41 -2.43 4.27
N ALA B 974 -26.42 -2.28 3.40
CA ALA B 974 -26.38 -3.05 2.16
C ALA B 974 -26.32 -4.55 2.46
N VAL B 975 -25.56 -4.90 3.49
CA VAL B 975 -25.47 -6.28 3.94
C VAL B 975 -26.82 -6.76 4.49
N LEU B 976 -27.44 -5.91 5.31
CA LEU B 976 -28.72 -6.24 5.92
C LEU B 976 -29.80 -6.51 4.88
N GLN B 977 -29.81 -5.71 3.81
CA GLN B 977 -30.78 -5.89 2.75
C GLN B 977 -30.54 -7.23 2.05
N GLU B 978 -29.28 -7.59 1.91
CA GLU B 978 -28.92 -8.87 1.30
C GLU B 978 -29.36 -10.03 2.19
N PHE B 979 -29.27 -9.85 3.49
CA PHE B 979 -29.78 -10.84 4.45
C PHE B 979 -31.24 -11.12 4.15
N GLU B 980 -32.00 -10.04 3.94
CA GLU B 980 -33.42 -10.14 3.67
C GLU B 980 -33.70 -10.84 2.36
N ARG B 981 -32.83 -10.63 1.37
CA ARG B 981 -32.98 -11.28 0.08
C ARG B 981 -32.75 -12.78 0.20
N ILE B 982 -31.80 -13.17 1.05
CA ILE B 982 -31.52 -14.58 1.28
C ILE B 982 -32.60 -15.19 2.14
N ALA B 983 -33.11 -14.41 3.09
CA ALA B 983 -34.14 -14.88 3.99
C ALA B 983 -35.44 -15.22 3.26
N GLU B 984 -35.77 -14.44 2.24
CA GLU B 984 -36.99 -14.67 1.48
C GLU B 984 -36.78 -15.73 0.41
N ARG B 985 -35.61 -16.38 0.45
CA ARG B 985 -35.32 -17.49 -0.43
C ARG B 985 -35.17 -18.78 0.38
N GLY B 986 -35.52 -18.71 1.65
CA GLY B 986 -35.51 -19.88 2.52
C GLY B 986 -34.24 -20.02 3.33
N GLY B 987 -33.60 -18.89 3.65
CA GLY B 987 -32.34 -18.91 4.36
C GLY B 987 -31.18 -19.22 3.43
N VAL B 988 -30.00 -19.41 4.00
CA VAL B 988 -28.81 -19.70 3.20
C VAL B 988 -28.94 -21.04 2.50
N LEU B 989 -29.41 -22.04 3.21
CA LEU B 989 -29.60 -23.37 2.65
C LEU B 989 -30.64 -23.36 1.54
N GLY B 990 -31.73 -22.63 1.77
CA GLY B 990 -32.80 -22.53 0.79
C GLY B 990 -32.34 -21.81 -0.46
N ALA B 991 -31.41 -20.86 -0.29
CA ALA B 991 -30.88 -20.12 -1.42
C ALA B 991 -29.91 -20.98 -2.23
N MET B 992 -29.08 -21.75 -1.53
CA MET B 992 -28.14 -22.66 -2.18
C MET B 992 -28.87 -23.70 -3.03
N GLU B 993 -30.07 -24.05 -2.57
CA GLU B 993 -30.92 -25.00 -3.28
C GLU B 993 -31.23 -24.48 -4.69
N THR B 994 -31.40 -23.17 -4.80
CA THR B 994 -31.68 -22.53 -6.07
C THR B 994 -30.39 -22.12 -6.79
N GLY B 995 -29.29 -22.15 -6.06
CA GLY B 995 -28.03 -21.68 -6.58
C GLY B 995 -28.03 -20.16 -6.68
N TYR B 996 -28.60 -19.53 -5.66
CA TYR B 996 -28.71 -18.07 -5.62
C TYR B 996 -27.34 -17.42 -5.47
N GLN B 997 -26.57 -17.89 -4.47
CA GLN B 997 -25.25 -17.34 -4.26
C GLN B 997 -24.38 -17.56 -5.48
N ARG B 998 -24.32 -18.80 -5.94
CA ARG B 998 -23.52 -19.15 -7.11
C ARG B 998 -23.92 -18.31 -8.31
N GLY B 999 -25.22 -18.13 -8.49
CA GLY B 999 -25.72 -17.31 -9.58
C GLY B 999 -25.29 -15.87 -9.45
N LYS B 1000 -25.42 -15.32 -8.25
CA LYS B 1000 -25.11 -13.92 -8.00
C LYS B 1000 -23.62 -13.66 -8.11
N ILE B 1001 -22.81 -14.57 -7.60
CA ILE B 1001 -21.36 -14.45 -7.71
C ILE B 1001 -20.92 -14.45 -9.16
N GLN B 1002 -21.44 -15.43 -9.90
CA GLN B 1002 -21.16 -15.58 -11.32
C GLN B 1002 -21.59 -14.36 -12.12
N GLU B 1003 -22.70 -13.77 -11.72
CA GLU B 1003 -23.22 -12.57 -12.36
C GLU B 1003 -22.27 -11.38 -12.18
N GLU B 1004 -21.73 -11.27 -10.97
CA GLU B 1004 -20.85 -10.16 -10.63
C GLU B 1004 -19.45 -10.37 -11.19
N SER B 1005 -19.02 -11.62 -11.25
CA SER B 1005 -17.72 -11.96 -11.83
C SER B 1005 -17.69 -11.58 -13.30
N LEU B 1006 -18.80 -11.83 -13.99
CA LEU B 1006 -18.91 -11.50 -15.39
C LEU B 1006 -18.93 -9.98 -15.59
N TYR B 1007 -19.68 -9.30 -14.74
CA TYR B 1007 -19.78 -7.84 -14.81
C TYR B 1007 -18.44 -7.17 -14.61
N TYR B 1008 -17.65 -7.67 -13.66
CA TYR B 1008 -16.30 -7.16 -13.44
C TYR B 1008 -15.43 -7.44 -14.66
N GLU B 1009 -15.46 -8.69 -15.12
CA GLU B 1009 -14.60 -9.11 -16.23
C GLU B 1009 -14.99 -8.38 -17.50
N GLN B 1010 -16.23 -7.88 -17.54
CA GLN B 1010 -16.74 -7.11 -18.67
C GLN B 1010 -16.20 -5.69 -18.68
N LEU B 1011 -16.41 -4.95 -17.59
CA LEU B 1011 -15.93 -3.58 -17.50
C LEU B 1011 -14.42 -3.50 -17.64
N LYS B 1012 -13.74 -4.56 -17.22
CA LYS B 1012 -12.30 -4.68 -17.38
C LYS B 1012 -11.93 -4.66 -18.86
N HIS B 1013 -12.60 -5.53 -19.63
CA HIS B 1013 -12.41 -5.59 -21.08
C HIS B 1013 -12.98 -4.34 -21.75
N ASP B 1014 -14.03 -3.79 -21.15
CA ASP B 1014 -14.71 -2.63 -21.70
C ASP B 1014 -13.80 -1.40 -21.74
N GLY B 1015 -12.80 -1.38 -20.87
CA GLY B 1015 -11.93 -0.23 -20.73
C GLY B 1015 -12.56 0.78 -19.80
N THR B 1016 -13.66 0.36 -19.17
CA THR B 1016 -14.44 1.22 -18.29
C THR B 1016 -13.84 1.20 -16.88
N LEU B 1017 -13.41 0.02 -16.45
CA LEU B 1017 -12.73 -0.13 -15.18
C LEU B 1017 -11.23 -0.21 -15.42
N PRO B 1018 -10.51 0.88 -15.12
CA PRO B 1018 -9.08 0.96 -15.40
C PRO B 1018 -8.25 0.02 -14.53
N ILE B 1019 -7.38 -0.74 -15.16
CA ILE B 1019 -6.41 -1.58 -14.46
C ILE B 1019 -5.03 -1.26 -15.01
N ILE B 1020 -4.22 -0.58 -14.20
CA ILE B 1020 -2.92 -0.09 -14.66
C ILE B 1020 -1.99 -1.22 -15.07
N GLY B 1021 -1.57 -1.21 -16.33
CA GLY B 1021 -0.67 -2.22 -16.86
C GLY B 1021 -1.40 -3.31 -17.60
N VAL B 1022 -2.73 -3.28 -17.55
CA VAL B 1022 -3.55 -4.31 -18.19
C VAL B 1022 -4.41 -3.76 -19.33
N ASN B 1023 -5.35 -2.88 -19.01
CA ASN B 1023 -6.20 -2.29 -20.04
C ASN B 1023 -5.84 -0.82 -20.31
N THR B 1024 -4.91 -0.30 -19.52
CA THR B 1024 -4.38 1.05 -19.74
C THR B 1024 -2.94 1.12 -19.26
N PHE B 1025 -2.18 2.06 -19.81
CA PHE B 1025 -0.77 2.22 -19.46
C PHE B 1025 -0.05 0.89 -19.66
N ARG B 1026 -0.34 0.22 -20.77
CA ARG B 1026 0.20 -1.10 -21.03
C ARG B 1026 1.68 -1.04 -21.39
N ASN B 1027 2.38 -2.16 -21.21
CA ASN B 1027 3.81 -2.22 -21.49
C ASN B 1027 4.11 -2.05 -22.97
N PRO B 1028 4.89 -1.00 -23.31
CA PRO B 1028 5.23 -0.70 -24.70
C PRO B 1028 6.17 -1.73 -25.34
N ASN B 1029 6.72 -2.62 -24.53
CA ASN B 1029 7.65 -3.64 -25.03
C ASN B 1029 7.04 -5.05 -25.03
N GLY B 1030 6.24 -5.35 -24.01
CA GLY B 1030 5.62 -6.65 -23.88
C GLY B 1030 4.11 -6.58 -23.73
N LEU B 1039 4.43 -26.11 -10.64
CA LEU B 1039 5.35 -25.57 -9.63
C LEU B 1039 5.71 -26.63 -8.58
N ALA B 1040 4.80 -26.83 -7.64
CA ALA B 1040 5.01 -27.81 -6.56
C ALA B 1040 4.92 -29.24 -7.09
N ARG B 1041 5.81 -30.10 -6.64
CA ARG B 1041 5.82 -31.51 -7.06
C ARG B 1041 6.23 -32.46 -5.95
N SER B 1042 6.12 -33.75 -6.24
CA SER B 1042 6.39 -34.80 -5.27
C SER B 1042 7.27 -35.88 -5.87
N SER B 1043 8.16 -36.44 -5.06
CA SER B 1043 9.08 -37.48 -5.51
C SER B 1043 8.32 -38.74 -5.93
N GLU B 1044 8.88 -39.48 -6.88
CA GLU B 1044 8.29 -40.74 -7.31
C GLU B 1044 8.32 -41.74 -6.17
N ASP B 1045 9.42 -41.75 -5.42
CA ASP B 1045 9.56 -42.62 -4.27
C ASP B 1045 8.48 -42.33 -3.23
N GLU B 1046 8.16 -41.05 -3.07
CA GLU B 1046 7.15 -40.63 -2.11
C GLU B 1046 5.76 -41.16 -2.49
N LYS B 1047 5.47 -41.18 -3.79
CA LYS B 1047 4.19 -41.70 -4.26
C LYS B 1047 4.11 -43.20 -4.01
N GLN B 1048 5.20 -43.91 -4.29
CA GLN B 1048 5.27 -45.34 -4.05
C GLN B 1048 5.26 -45.64 -2.55
N SER B 1049 5.84 -44.74 -1.77
CA SER B 1049 5.83 -44.89 -0.31
C SER B 1049 4.41 -44.87 0.22
N GLN B 1050 3.64 -43.87 -0.19
CA GLN B 1050 2.25 -43.74 0.24
C GLN B 1050 1.41 -44.95 -0.15
N LEU B 1051 1.65 -45.48 -1.35
CA LEU B 1051 0.93 -46.64 -1.81
C LEU B 1051 1.27 -47.87 -0.96
N HIS B 1052 2.56 -48.02 -0.67
CA HIS B 1052 3.06 -49.15 0.10
C HIS B 1052 2.65 -49.07 1.56
N ARG B 1053 2.63 -47.85 2.09
CA ARG B 1053 2.19 -47.64 3.46
C ARG B 1053 0.71 -47.93 3.60
N LEU B 1054 -0.06 -47.57 2.58
CA LEU B 1054 -1.51 -47.77 2.58
C LEU B 1054 -1.85 -49.26 2.55
N THR B 1055 -1.28 -49.98 1.58
CA THR B 1055 -1.56 -51.39 1.42
C THR B 1055 -1.05 -52.19 2.62
N GLU B 1056 -0.07 -51.63 3.33
CA GLU B 1056 0.43 -52.25 4.54
C GLU B 1056 -0.52 -52.00 5.70
N PHE B 1057 -1.05 -50.79 5.77
CA PHE B 1057 -2.04 -50.42 6.77
C PHE B 1057 -3.31 -51.25 6.61
N HIS B 1058 -3.74 -51.39 5.35
CA HIS B 1058 -4.94 -52.15 5.05
C HIS B 1058 -4.81 -53.60 5.47
N GLY B 1059 -3.64 -54.18 5.23
CA GLY B 1059 -3.39 -55.56 5.60
C GLY B 1059 -3.36 -55.75 7.11
N ALA B 1060 -2.98 -54.69 7.82
CA ALA B 1060 -2.88 -54.74 9.28
C ALA B 1060 -4.25 -54.85 9.93
N HIS B 1061 -5.21 -54.06 9.44
CA HIS B 1061 -6.55 -54.05 10.02
C HIS B 1061 -7.56 -54.67 9.06
N GLN B 1062 -7.14 -55.68 8.32
CA GLN B 1062 -7.99 -56.33 7.33
C GLN B 1062 -9.17 -57.03 7.98
N ALA B 1063 -8.99 -57.45 9.22
CA ALA B 1063 -10.04 -58.16 9.94
C ALA B 1063 -11.15 -57.22 10.41
N ASP B 1064 -10.78 -56.10 11.00
CA ASP B 1064 -11.74 -55.20 11.61
C ASP B 1064 -12.27 -54.14 10.64
N ALA B 1065 -11.78 -54.18 9.40
CA ALA B 1065 -12.10 -53.15 8.42
C ALA B 1065 -13.57 -53.16 8.03
N GLU B 1066 -14.03 -54.29 7.49
CA GLU B 1066 -15.41 -54.41 7.03
C GLU B 1066 -16.39 -54.17 8.16
N ALA B 1067 -16.04 -54.65 9.34
CA ALA B 1067 -16.90 -54.54 10.51
C ALA B 1067 -17.06 -53.09 10.97
N MET B 1068 -15.95 -52.34 10.96
CA MET B 1068 -15.97 -50.96 11.41
C MET B 1068 -16.75 -50.07 10.45
N LEU B 1069 -16.53 -50.26 9.15
CA LEU B 1069 -17.24 -49.49 8.13
C LEU B 1069 -18.74 -49.72 8.21
N ALA B 1070 -19.13 -50.95 8.52
CA ALA B 1070 -20.54 -51.30 8.70
C ALA B 1070 -21.14 -50.54 9.87
N ARG B 1071 -20.40 -50.49 10.98
CA ARG B 1071 -20.83 -49.73 12.15
C ARG B 1071 -21.00 -48.26 11.82
N LEU B 1072 -20.11 -47.74 10.98
CA LEU B 1072 -20.15 -46.35 10.57
C LEU B 1072 -21.41 -46.04 9.78
N ARG B 1073 -21.80 -46.94 8.88
CA ARG B 1073 -23.01 -46.76 8.09
C ARG B 1073 -24.24 -46.80 8.98
N GLN B 1074 -24.25 -47.74 9.92
CA GLN B 1074 -25.36 -47.90 10.85
C GLN B 1074 -25.53 -46.66 11.71
N ALA B 1075 -24.43 -45.97 11.97
CA ALA B 1075 -24.47 -44.73 12.75
C ALA B 1075 -25.24 -43.65 12.01
N VAL B 1076 -25.15 -43.67 10.68
CA VAL B 1076 -25.87 -42.71 9.85
C VAL B 1076 -27.33 -43.11 9.70
N ILE B 1077 -27.55 -44.41 9.51
CA ILE B 1077 -28.90 -44.94 9.37
C ILE B 1077 -29.72 -44.73 10.65
N ASP B 1078 -29.18 -45.18 11.77
CA ASP B 1078 -29.86 -45.04 13.06
C ASP B 1078 -29.80 -43.60 13.56
N ASN B 1079 -29.16 -42.74 12.77
CA ASN B 1079 -29.07 -41.30 13.05
C ASN B 1079 -28.45 -41.01 14.42
N ARG B 1080 -27.30 -41.63 14.68
CA ARG B 1080 -26.53 -41.35 15.89
C ARG B 1080 -25.47 -40.31 15.57
N ASN B 1081 -24.46 -40.20 16.43
CA ASN B 1081 -23.38 -39.25 16.22
C ASN B 1081 -22.31 -39.86 15.33
N VAL B 1082 -22.11 -39.26 14.15
CA VAL B 1082 -21.18 -39.79 13.16
C VAL B 1082 -19.72 -39.65 13.59
N PHE B 1083 -19.37 -38.47 14.12
CA PHE B 1083 -18.00 -38.20 14.50
C PHE B 1083 -17.54 -39.13 15.62
N ALA B 1084 -18.47 -39.46 16.52
CA ALA B 1084 -18.16 -40.34 17.64
C ALA B 1084 -17.66 -41.69 17.16
N VAL B 1085 -18.22 -42.16 16.05
CA VAL B 1085 -17.80 -43.43 15.47
C VAL B 1085 -16.48 -43.25 14.72
N LEU B 1086 -16.29 -42.08 14.13
CA LEU B 1086 -15.06 -41.77 13.41
C LEU B 1086 -13.84 -41.80 14.33
N MET B 1087 -14.05 -41.48 15.60
CA MET B 1087 -12.96 -41.50 16.58
C MET B 1087 -12.40 -42.91 16.76
N ASP B 1088 -13.20 -43.91 16.38
CA ASP B 1088 -12.76 -45.29 16.42
C ASP B 1088 -12.43 -45.80 15.02
N ALA B 1089 -13.15 -45.27 14.04
CA ALA B 1089 -13.06 -45.75 12.67
C ALA B 1089 -11.69 -45.50 12.03
N VAL B 1090 -11.09 -44.36 12.36
CA VAL B 1090 -9.82 -43.96 11.74
C VAL B 1090 -8.64 -44.80 12.22
N ARG B 1091 -8.90 -45.69 13.17
CA ARG B 1091 -7.86 -46.54 13.72
C ARG B 1091 -7.67 -47.82 12.92
N VAL B 1092 -8.70 -48.22 12.18
CA VAL B 1092 -8.65 -49.46 11.42
C VAL B 1092 -9.03 -49.26 9.96
N CYS B 1093 -9.37 -48.03 9.60
CA CYS B 1093 -9.79 -47.73 8.24
C CYS B 1093 -9.01 -46.57 7.64
N SER B 1094 -8.82 -46.60 6.33
CA SER B 1094 -8.15 -45.51 5.63
C SER B 1094 -9.15 -44.41 5.28
N LEU B 1095 -8.63 -43.26 4.85
CA LEU B 1095 -9.47 -42.13 4.50
C LEU B 1095 -10.45 -42.48 3.40
N GLY B 1096 -9.97 -43.18 2.38
CA GLY B 1096 -10.80 -43.57 1.26
C GLY B 1096 -11.90 -44.54 1.65
N GLN B 1097 -11.55 -45.52 2.47
CA GLN B 1097 -12.51 -46.50 2.95
C GLN B 1097 -13.67 -45.82 3.67
N ILE B 1098 -13.35 -44.89 4.55
CA ILE B 1098 -14.35 -44.16 5.33
C ILE B 1098 -15.22 -43.29 4.44
N THR B 1099 -14.60 -42.54 3.54
CA THR B 1099 -15.33 -41.66 2.64
C THR B 1099 -16.28 -42.44 1.76
N HIS B 1100 -15.78 -43.51 1.13
CA HIS B 1100 -16.60 -44.30 0.23
C HIS B 1100 -17.69 -45.06 0.97
N ALA B 1101 -17.44 -45.39 2.23
CA ALA B 1101 -18.46 -46.03 3.05
C ALA B 1101 -19.59 -45.05 3.34
N LEU B 1102 -19.23 -43.80 3.58
CA LEU B 1102 -20.21 -42.76 3.85
C LEU B 1102 -21.00 -42.42 2.57
N PHE B 1103 -20.37 -42.59 1.42
CA PHE B 1103 -21.05 -42.40 0.14
C PHE B 1103 -22.22 -43.36 0.00
N GLU B 1104 -21.98 -44.60 0.45
CA GLU B 1104 -22.91 -45.73 0.32
C GLU B 1104 -24.18 -45.57 1.14
N VAL B 1105 -24.05 -44.91 2.29
CA VAL B 1105 -25.18 -44.73 3.18
C VAL B 1105 -26.03 -43.55 2.72
N GLY B 1106 -25.51 -42.78 1.77
CA GLY B 1106 -26.29 -41.74 1.11
C GLY B 1106 -25.79 -40.32 1.24
N GLY B 1107 -24.62 -40.16 1.86
CA GLY B 1107 -24.10 -38.83 2.12
C GLY B 1107 -23.33 -38.21 0.97
N GLN B 1108 -23.28 -38.89 -0.17
CA GLN B 1108 -22.53 -38.40 -1.32
C GLN B 1108 -23.21 -37.22 -1.97
N TYR B 1109 -22.41 -36.25 -2.41
CA TYR B 1109 -22.94 -35.07 -3.08
C TYR B 1109 -23.57 -35.43 -4.42
N ARG B 1110 -24.72 -34.83 -4.70
CA ARG B 1110 -25.38 -35.02 -5.99
C ARG B 1110 -25.39 -33.72 -6.77
N ARG B 1111 -24.94 -33.80 -8.02
CA ARG B 1111 -25.00 -32.66 -8.93
C ARG B 1111 -26.45 -32.26 -9.17
N ASN B 1112 -26.99 -31.44 -8.27
CA ASN B 1112 -28.42 -31.25 -8.15
C ASN B 1112 -29.00 -30.08 -8.92
N MET B 1113 -28.29 -29.60 -9.94
CA MET B 1113 -28.80 -28.46 -10.69
C MET B 1113 -28.56 -28.62 -12.19
#